data_3R64
#
_entry.id   3R64
#
_cell.length_a   140.920
_cell.length_b   99.826
_cell.length_c   160.975
_cell.angle_alpha   90.00
_cell.angle_beta   113.94
_cell.angle_gamma   90.00
#
_symmetry.space_group_name_H-M   'C 1 2 1'
#
loop_
_entity.id
_entity.type
_entity.pdbx_description
1 polymer 'NAD dependent benzaldehyde dehydrogenase'
2 water water
#
_entity_poly.entity_id   1
_entity_poly.type   'polypeptide(L)'
_entity_poly.pdbx_seq_one_letter_code
;MVVTATFAGIDATKHLIGGQWVEGNSDRISTNINPYDDSVIAESKQASIADVDAAYEAAKKAQAEWAATPAAERSAIIYR
AAELLEEHREEIVEWLIKESGSTRSKANLEITLAGNITKESASFPGRVHGRISPSNTPGKENRVYRVAKGVVGVISPWNF
PLNLSIRSVAPALAVGNAVVIKPASDTPVTGGVIPARIFEEAGVPAGVISTVAGAGSEIGDHFVTHAVPKLISFTGSTPV
GRRVGELAINGGPMKTVALELGGNAPFVVLADADIDAAAQAAAVGAFLHQGQICMSINRVIVDAAVHDEFLEKFVEAVKN
IPTGDPSAEGTLVGPVINDSQLSGLKEKIELAKKEGATVQVEGPIEGRLVHPHVFSDVTSDMEIAREEIFGPLISVLKAD
DEAHAAELANASDFGLSAAVWSKDIDRAAQFALQIDSGMVHINDLTVNDEPHVMFGGSKNSGLGRFNGDWAIEEFTTDRW
IGIKRSAENLYFQSHHHHHHWSHPQFEK
;
_entity_poly.pdbx_strand_id   A,B,C,D
#
# COMPACT_ATOMS: atom_id res chain seq x y z
N THR A 6 -33.22 17.60 -26.95
CA THR A 6 -33.40 17.90 -25.50
C THR A 6 -33.05 16.72 -24.60
N PHE A 7 -32.53 17.04 -23.43
CA PHE A 7 -32.15 16.05 -22.43
C PHE A 7 -32.15 16.68 -21.04
N ALA A 8 -33.06 16.20 -20.20
CA ALA A 8 -33.18 16.69 -18.83
C ALA A 8 -33.05 18.20 -18.66
N GLY A 9 -33.99 18.95 -19.26
CA GLY A 9 -34.00 20.40 -19.12
C GLY A 9 -33.07 21.28 -19.92
N ILE A 10 -32.14 20.69 -20.66
CA ILE A 10 -31.21 21.48 -21.48
C ILE A 10 -31.30 20.92 -22.89
N ASP A 11 -31.20 21.77 -23.92
CA ASP A 11 -31.29 21.21 -25.27
C ASP A 11 -29.96 20.61 -25.69
N ALA A 12 -30.02 19.32 -25.97
CA ALA A 12 -28.88 18.50 -26.38
C ALA A 12 -27.96 19.12 -27.43
N THR A 13 -28.50 20.06 -28.20
CA THR A 13 -27.71 20.70 -29.25
C THR A 13 -26.63 21.67 -28.77
N LYS A 14 -26.68 22.07 -27.50
CA LYS A 14 -25.70 23.02 -26.97
C LYS A 14 -24.46 22.40 -26.34
N HIS A 15 -23.46 23.23 -26.06
CA HIS A 15 -22.22 22.78 -25.44
C HIS A 15 -22.10 23.39 -24.06
N LEU A 16 -21.50 22.66 -23.12
CA LEU A 16 -21.34 23.15 -21.76
C LEU A 16 -19.95 23.74 -21.58
N ILE A 17 -19.86 25.06 -21.66
CA ILE A 17 -18.59 25.76 -21.51
C ILE A 17 -18.79 26.74 -20.37
N GLY A 18 -17.74 26.95 -19.57
CA GLY A 18 -17.82 27.88 -18.45
C GLY A 18 -18.81 27.50 -17.35
N GLY A 19 -19.71 26.57 -17.65
CA GLY A 19 -20.70 26.14 -16.67
C GLY A 19 -22.07 26.47 -17.23
N GLN A 20 -22.06 26.97 -18.46
CA GLN A 20 -23.29 27.35 -19.12
C GLN A 20 -23.45 26.64 -20.45
N TRP A 21 -24.67 26.21 -20.74
CA TRP A 21 -24.92 25.56 -21.99
C TRP A 21 -25.09 26.66 -23.01
N VAL A 22 -24.18 26.69 -23.98
CA VAL A 22 -24.20 27.70 -25.03
C VAL A 22 -24.21 27.10 -26.42
N GLU A 23 -24.53 27.95 -27.39
CA GLU A 23 -24.57 27.56 -28.79
C GLU A 23 -23.13 27.63 -29.29
N GLY A 24 -22.82 26.82 -30.30
CA GLY A 24 -21.48 26.80 -30.86
C GLY A 24 -21.15 28.10 -31.58
N ASN A 25 -19.88 28.30 -31.91
CA ASN A 25 -19.49 29.51 -32.61
C ASN A 25 -18.81 29.31 -33.95
N SER A 26 -18.52 28.06 -34.33
CA SER A 26 -17.88 27.83 -35.62
C SER A 26 -18.98 27.96 -36.68
N ASP A 27 -18.58 28.14 -37.93
CA ASP A 27 -19.55 28.29 -39.01
C ASP A 27 -20.04 26.94 -39.48
N ARG A 28 -19.28 25.91 -39.20
CA ARG A 28 -19.64 24.54 -39.56
C ARG A 28 -20.92 24.15 -38.82
N ILE A 29 -21.86 23.52 -39.50
CA ILE A 29 -23.12 23.08 -38.87
C ILE A 29 -23.18 21.56 -38.89
N SER A 30 -23.40 20.94 -37.72
CA SER A 30 -23.48 19.49 -37.66
C SER A 30 -24.92 19.01 -37.79
N THR A 31 -25.10 17.85 -38.42
CA THR A 31 -26.43 17.30 -38.61
C THR A 31 -26.49 15.85 -38.12
N ASN A 32 -27.09 15.67 -36.95
CA ASN A 32 -27.21 14.36 -36.34
C ASN A 32 -28.11 13.46 -37.13
N ILE A 33 -27.65 12.23 -37.36
CA ILE A 33 -28.42 11.29 -38.15
C ILE A 33 -28.64 9.93 -37.51
N ASN A 34 -29.89 9.51 -37.41
CA ASN A 34 -30.18 8.21 -36.81
C ASN A 34 -29.59 7.11 -37.72
N PRO A 35 -28.64 6.31 -37.19
CA PRO A 35 -28.07 5.26 -38.05
C PRO A 35 -29.07 4.21 -38.57
N TYR A 36 -30.22 4.05 -37.92
CA TYR A 36 -31.22 3.07 -38.39
C TYR A 36 -32.17 3.59 -39.48
N ASP A 37 -32.32 4.91 -39.68
CA ASP A 37 -33.26 5.38 -40.71
C ASP A 37 -32.93 6.70 -41.44
N ASP A 38 -31.89 7.37 -40.94
CA ASP A 38 -31.36 8.62 -41.46
C ASP A 38 -32.09 9.90 -41.02
N SER A 39 -32.89 9.79 -39.96
CA SER A 39 -33.61 10.93 -39.47
C SER A 39 -32.56 12.00 -39.00
N VAL A 40 -32.98 13.27 -38.93
CA VAL A 40 -32.18 14.41 -38.48
C VAL A 40 -32.58 14.47 -37.03
N ILE A 41 -31.83 13.78 -36.16
CA ILE A 41 -32.09 13.68 -34.71
C ILE A 41 -32.09 15.11 -34.20
N ALA A 42 -31.17 15.88 -34.75
CA ALA A 42 -31.03 17.29 -34.43
C ALA A 42 -29.92 17.82 -35.32
N GLU A 43 -29.85 19.14 -35.43
CA GLU A 43 -28.80 19.79 -36.19
C GLU A 43 -28.34 20.93 -35.28
N SER A 44 -27.04 21.06 -35.07
CA SER A 44 -26.51 22.11 -34.20
C SER A 44 -25.14 22.66 -34.61
N LYS A 45 -24.97 23.97 -34.45
CA LYS A 45 -23.72 24.64 -34.78
C LYS A 45 -22.69 24.00 -33.85
N GLN A 46 -21.48 23.80 -34.36
CA GLN A 46 -20.41 23.19 -33.57
C GLN A 46 -19.57 24.22 -32.83
N ALA A 47 -18.64 23.71 -32.03
CA ALA A 47 -17.75 24.56 -31.28
C ALA A 47 -16.55 24.85 -32.15
N SER A 48 -16.01 26.06 -32.01
CA SER A 48 -14.86 26.48 -32.79
C SER A 48 -13.61 26.32 -31.92
N ILE A 49 -12.43 26.58 -32.49
CA ILE A 49 -11.19 26.49 -31.74
C ILE A 49 -11.28 27.45 -30.54
N ALA A 50 -12.11 28.48 -30.69
CA ALA A 50 -12.31 29.48 -29.64
C ALA A 50 -13.10 28.90 -28.48
N ASP A 51 -14.07 28.05 -28.79
CA ASP A 51 -14.88 27.44 -27.75
C ASP A 51 -14.08 26.41 -26.93
N VAL A 52 -13.03 25.87 -27.53
CA VAL A 52 -12.19 24.89 -26.83
C VAL A 52 -11.32 25.63 -25.83
N ASP A 53 -10.82 26.79 -26.22
CA ASP A 53 -9.98 27.62 -25.36
C ASP A 53 -10.79 28.08 -24.14
N ALA A 54 -12.03 28.47 -24.40
CA ALA A 54 -12.91 28.94 -23.34
C ALA A 54 -13.15 27.84 -22.32
N ALA A 55 -13.52 26.68 -22.81
CA ALA A 55 -13.76 25.54 -21.96
C ALA A 55 -12.52 25.20 -21.12
N TYR A 56 -11.35 25.17 -21.75
CA TYR A 56 -10.13 24.84 -21.04
C TYR A 56 -9.72 25.88 -20.01
N GLU A 57 -9.83 27.15 -20.37
CA GLU A 57 -9.46 28.22 -19.45
C GLU A 57 -10.41 28.24 -18.28
N ALA A 58 -11.69 28.08 -18.56
CA ALA A 58 -12.69 28.03 -17.50
C ALA A 58 -12.38 26.86 -16.56
N ALA A 59 -12.13 25.69 -17.13
CA ALA A 59 -11.80 24.51 -16.34
C ALA A 59 -10.52 24.72 -15.55
N LYS A 60 -9.56 25.41 -16.13
CA LYS A 60 -8.30 25.64 -15.44
C LYS A 60 -8.46 26.47 -14.16
N LYS A 61 -9.20 27.56 -14.26
CA LYS A 61 -9.40 28.43 -13.10
C LYS A 61 -10.30 27.82 -12.05
N ALA A 62 -11.26 27.01 -12.46
CA ALA A 62 -12.20 26.39 -11.51
C ALA A 62 -11.64 25.13 -10.82
N GLN A 63 -10.69 24.48 -11.47
CA GLN A 63 -10.08 23.25 -10.98
C GLN A 63 -9.66 23.23 -9.50
N ALA A 64 -8.78 24.13 -9.10
CA ALA A 64 -8.27 24.18 -7.73
C ALA A 64 -9.27 24.14 -6.56
N GLU A 65 -10.36 24.91 -6.66
CA GLU A 65 -11.34 24.94 -5.58
C GLU A 65 -12.04 23.59 -5.48
N TRP A 66 -12.31 23.00 -6.64
CA TRP A 66 -12.93 21.69 -6.70
C TRP A 66 -12.01 20.69 -6.01
N ALA A 67 -10.73 20.70 -6.38
CA ALA A 67 -9.77 19.78 -5.79
C ALA A 67 -9.70 19.99 -4.29
N ALA A 68 -9.88 21.23 -3.84
CA ALA A 68 -9.80 21.54 -2.42
C ALA A 68 -11.07 21.18 -1.64
N THR A 69 -12.14 20.86 -2.35
CA THR A 69 -13.39 20.48 -1.71
C THR A 69 -13.17 19.20 -0.86
N PRO A 70 -13.81 19.12 0.31
CA PRO A 70 -13.63 17.93 1.15
C PRO A 70 -14.01 16.65 0.41
N ALA A 71 -13.17 15.62 0.62
CA ALA A 71 -13.31 14.31 0.02
C ALA A 71 -14.73 13.74 0.09
N ALA A 72 -15.33 13.74 1.28
CA ALA A 72 -16.69 13.21 1.43
C ALA A 72 -17.69 14.01 0.60
N GLU A 73 -17.48 15.31 0.49
CA GLU A 73 -18.39 16.16 -0.29
C GLU A 73 -18.29 15.87 -1.79
N ARG A 74 -17.07 15.67 -2.30
CA ARG A 74 -16.86 15.36 -3.71
C ARG A 74 -17.46 13.96 -3.97
N SER A 75 -17.33 13.11 -2.96
CA SER A 75 -17.83 11.75 -2.98
C SER A 75 -19.37 11.68 -3.04
N ALA A 76 -20.04 12.54 -2.29
CA ALA A 76 -21.50 12.55 -2.30
C ALA A 76 -22.02 13.03 -3.66
N ILE A 77 -21.29 13.96 -4.25
CA ILE A 77 -21.66 14.51 -5.55
C ILE A 77 -21.56 13.42 -6.61
N ILE A 78 -20.47 12.64 -6.55
CA ILE A 78 -20.26 11.56 -7.51
C ILE A 78 -21.32 10.49 -7.29
N TYR A 79 -21.59 10.15 -6.04
CA TYR A 79 -22.60 9.15 -5.73
C TYR A 79 -23.96 9.53 -6.30
N ARG A 80 -24.34 10.79 -6.17
CA ARG A 80 -25.64 11.21 -6.69
C ARG A 80 -25.72 11.10 -8.22
N ALA A 81 -24.60 11.39 -8.89
CA ALA A 81 -24.55 11.28 -10.35
C ALA A 81 -24.94 9.86 -10.72
N ALA A 82 -24.57 8.90 -9.89
CA ALA A 82 -24.93 7.52 -10.18
C ALA A 82 -26.44 7.38 -10.12
N GLU A 83 -27.05 8.00 -9.10
CA GLU A 83 -28.49 7.97 -8.89
C GLU A 83 -29.25 8.67 -10.02
N LEU A 84 -28.76 9.82 -10.45
CA LEU A 84 -29.39 10.57 -11.55
C LEU A 84 -29.27 9.75 -12.84
N LEU A 85 -28.15 9.06 -12.98
CA LEU A 85 -27.90 8.23 -14.15
C LEU A 85 -28.99 7.16 -14.17
N GLU A 86 -29.28 6.61 -13.00
CA GLU A 86 -30.28 5.56 -12.86
C GLU A 86 -31.69 6.14 -12.90
N GLU A 87 -31.79 7.43 -12.67
CA GLU A 87 -33.07 8.11 -12.64
C GLU A 87 -33.57 8.39 -14.05
N HIS A 88 -32.69 8.97 -14.86
CA HIS A 88 -32.99 9.32 -16.24
C HIS A 88 -32.79 8.12 -17.15
N ARG A 89 -32.95 6.92 -16.60
CA ARG A 89 -32.74 5.72 -17.38
C ARG A 89 -33.51 5.68 -18.71
N GLU A 90 -34.83 5.71 -18.66
CA GLU A 90 -35.65 5.66 -19.87
C GLU A 90 -35.22 6.68 -20.92
N GLU A 91 -34.95 7.91 -20.49
CA GLU A 91 -34.54 8.99 -21.39
C GLU A 91 -33.18 8.70 -22.03
N ILE A 92 -32.24 8.22 -21.23
CA ILE A 92 -30.93 7.92 -21.76
C ILE A 92 -31.04 6.73 -22.73
N VAL A 93 -31.84 5.73 -22.37
CA VAL A 93 -32.05 4.53 -23.21
C VAL A 93 -32.48 4.93 -24.62
N GLU A 94 -33.56 5.69 -24.68
CA GLU A 94 -34.13 6.20 -25.94
C GLU A 94 -33.05 6.91 -26.73
N TRP A 95 -32.24 7.72 -26.03
CA TRP A 95 -31.16 8.46 -26.66
C TRP A 95 -30.05 7.57 -27.22
N LEU A 96 -29.71 6.50 -26.49
CA LEU A 96 -28.68 5.58 -26.95
C LEU A 96 -29.14 4.91 -28.25
N ILE A 97 -30.41 4.52 -28.27
CA ILE A 97 -31.00 3.88 -29.44
C ILE A 97 -31.09 4.82 -30.65
N LYS A 98 -31.54 6.04 -30.42
CA LYS A 98 -31.69 7.01 -31.51
C LYS A 98 -30.39 7.51 -32.14
N GLU A 99 -29.45 7.91 -31.31
CA GLU A 99 -28.19 8.46 -31.81
C GLU A 99 -27.07 7.44 -32.05
N SER A 100 -26.60 6.80 -30.99
CA SER A 100 -25.50 5.84 -31.12
C SER A 100 -25.95 4.55 -31.80
N GLY A 101 -27.24 4.46 -32.06
CA GLY A 101 -27.77 3.29 -32.73
C GLY A 101 -27.64 2.03 -31.91
N SER A 102 -27.74 2.17 -30.59
CA SER A 102 -27.67 1.04 -29.69
C SER A 102 -29.02 0.34 -29.65
N THR A 103 -29.06 -0.83 -29.00
CA THR A 103 -30.28 -1.62 -28.89
C THR A 103 -30.96 -1.37 -27.55
N ARG A 104 -32.27 -1.57 -27.51
CA ARG A 104 -33.05 -1.38 -26.29
C ARG A 104 -32.35 -2.00 -25.08
N SER A 105 -32.01 -3.27 -25.18
CA SER A 105 -31.37 -3.96 -24.08
C SER A 105 -29.89 -3.66 -23.93
N LYS A 106 -29.22 -3.36 -25.04
CA LYS A 106 -27.81 -3.05 -24.96
C LYS A 106 -27.65 -1.70 -24.28
N ALA A 107 -28.54 -0.77 -24.63
CA ALA A 107 -28.50 0.56 -24.03
C ALA A 107 -28.73 0.47 -22.53
N ASN A 108 -29.65 -0.43 -22.14
CA ASN A 108 -29.94 -0.60 -20.72
C ASN A 108 -28.78 -1.23 -19.96
N LEU A 109 -27.99 -2.04 -20.64
CA LEU A 109 -26.82 -2.65 -20.02
C LEU A 109 -25.73 -1.58 -19.84
N GLU A 110 -25.61 -0.73 -20.85
CA GLU A 110 -24.64 0.35 -20.85
C GLU A 110 -24.81 1.30 -19.65
N ILE A 111 -26.06 1.59 -19.31
CA ILE A 111 -26.36 2.48 -18.21
C ILE A 111 -25.98 1.86 -16.87
N THR A 112 -26.26 0.56 -16.72
CA THR A 112 -25.89 -0.17 -15.49
C THR A 112 -24.39 -0.07 -15.34
N LEU A 113 -23.71 -0.36 -16.44
CA LEU A 113 -22.25 -0.31 -16.51
C LEU A 113 -21.79 1.09 -16.11
N ALA A 114 -22.44 2.10 -16.68
CA ALA A 114 -22.10 3.49 -16.40
C ALA A 114 -22.32 3.78 -14.93
N GLY A 115 -23.41 3.23 -14.40
CA GLY A 115 -23.75 3.44 -13.01
C GLY A 115 -22.77 2.83 -12.05
N ASN A 116 -22.46 1.55 -12.23
CA ASN A 116 -21.54 0.86 -11.34
C ASN A 116 -20.21 1.59 -11.26
N ILE A 117 -19.73 2.02 -12.42
CA ILE A 117 -18.46 2.74 -12.51
C ILE A 117 -18.44 4.01 -11.66
N THR A 118 -19.52 4.78 -11.70
CA THR A 118 -19.52 5.99 -10.91
C THR A 118 -19.77 5.77 -9.43
N LYS A 119 -20.52 4.74 -9.05
CA LYS A 119 -20.72 4.50 -7.62
C LYS A 119 -19.38 4.02 -7.09
N GLU A 120 -18.62 3.31 -7.93
CA GLU A 120 -17.28 2.84 -7.56
C GLU A 120 -16.35 4.06 -7.44
N SER A 121 -16.49 5.00 -8.36
CA SER A 121 -15.69 6.23 -8.35
C SER A 121 -16.02 7.12 -7.14
N ALA A 122 -17.25 7.03 -6.64
CA ALA A 122 -17.61 7.86 -5.51
C ALA A 122 -16.74 7.50 -4.31
N SER A 123 -16.18 6.30 -4.35
CA SER A 123 -15.33 5.78 -3.29
C SER A 123 -13.90 6.35 -3.34
N PHE A 124 -13.51 6.81 -4.53
CA PHE A 124 -12.18 7.34 -4.79
C PHE A 124 -11.62 8.52 -3.96
N PRO A 125 -12.42 9.57 -3.72
CA PRO A 125 -11.89 10.70 -2.93
C PRO A 125 -11.17 10.29 -1.66
N GLY A 126 -11.78 9.40 -0.87
CA GLY A 126 -11.18 8.96 0.37
C GLY A 126 -10.12 7.87 0.23
N ARG A 127 -9.90 7.39 -0.99
CA ARG A 127 -8.91 6.35 -1.21
C ARG A 127 -7.59 6.93 -1.68
N VAL A 128 -7.64 8.16 -2.19
CA VAL A 128 -6.46 8.85 -2.68
C VAL A 128 -5.58 9.30 -1.53
N HIS A 129 -4.39 8.72 -1.43
CA HIS A 129 -3.44 9.09 -0.39
C HIS A 129 -1.99 9.22 -0.89
N GLY A 130 -1.18 9.94 -0.12
CA GLY A 130 0.20 10.11 -0.49
C GLY A 130 1.06 9.31 0.46
N ARG A 131 2.36 9.58 0.48
CA ARG A 131 3.24 8.85 1.38
C ARG A 131 4.31 9.71 2.01
N ILE A 132 4.86 9.19 3.10
CA ILE A 132 5.97 9.83 3.79
C ILE A 132 7.08 8.78 3.68
N SER A 133 8.00 9.00 2.75
CA SER A 133 9.08 8.04 2.48
C SER A 133 10.22 8.14 3.47
N PRO A 134 10.99 7.04 3.64
CA PRO A 134 12.11 7.05 4.58
C PRO A 134 13.24 7.95 4.07
N SER A 135 13.95 8.56 5.00
CA SER A 135 15.04 9.48 4.68
C SER A 135 16.43 8.87 4.75
N ASN A 136 17.33 9.38 3.93
CA ASN A 136 18.71 8.90 3.91
C ASN A 136 19.72 9.96 4.29
N THR A 137 19.27 11.20 4.36
CA THR A 137 20.17 12.28 4.72
C THR A 137 19.61 12.87 6.01
N PRO A 138 20.44 12.90 7.05
CA PRO A 138 20.04 13.42 8.35
C PRO A 138 19.26 14.72 8.26
N GLY A 139 18.16 14.80 9.00
CA GLY A 139 17.35 16.01 9.01
C GLY A 139 16.47 16.28 7.82
N LYS A 140 16.38 15.32 6.89
CA LYS A 140 15.55 15.49 5.69
C LYS A 140 14.26 14.67 5.74
N GLU A 141 13.14 15.29 5.41
CA GLU A 141 11.83 14.64 5.41
C GLU A 141 11.27 14.53 4.00
N ASN A 142 10.94 13.32 3.57
CA ASN A 142 10.40 13.16 2.23
C ASN A 142 8.92 12.87 2.20
N ARG A 143 8.17 13.84 1.70
CA ARG A 143 6.74 13.70 1.58
C ARG A 143 6.47 13.54 0.11
N VAL A 144 5.54 12.67 -0.25
CA VAL A 144 5.17 12.52 -1.64
C VAL A 144 3.65 12.60 -1.69
N TYR A 145 3.17 13.75 -2.15
CA TYR A 145 1.75 14.06 -2.24
C TYR A 145 1.13 13.48 -3.49
N ARG A 146 -0.14 13.09 -3.35
CA ARG A 146 -0.89 12.53 -4.46
C ARG A 146 -1.96 13.57 -4.74
N VAL A 147 -1.85 14.25 -5.87
CA VAL A 147 -2.80 15.30 -6.21
C VAL A 147 -3.46 15.10 -7.57
N ALA A 148 -4.40 15.97 -7.88
CA ALA A 148 -5.10 15.91 -9.16
C ALA A 148 -4.13 16.28 -10.25
N LYS A 149 -4.36 15.76 -11.45
CA LYS A 149 -3.50 16.05 -12.58
C LYS A 149 -3.70 17.53 -12.97
N GLY A 150 -4.92 18.00 -12.80
CA GLY A 150 -5.25 19.37 -13.13
C GLY A 150 -6.49 19.36 -13.99
N VAL A 151 -6.29 19.58 -15.29
CA VAL A 151 -7.39 19.58 -16.23
C VAL A 151 -7.18 18.36 -17.12
N VAL A 152 -8.24 17.60 -17.33
CA VAL A 152 -8.15 16.43 -18.18
C VAL A 152 -9.12 16.54 -19.34
N GLY A 153 -8.59 16.39 -20.55
CA GLY A 153 -9.42 16.41 -21.73
C GLY A 153 -9.75 14.96 -22.06
N VAL A 154 -11.04 14.67 -22.22
CA VAL A 154 -11.49 13.31 -22.52
C VAL A 154 -12.14 13.23 -23.90
N ILE A 155 -11.64 12.30 -24.72
CA ILE A 155 -12.18 12.10 -26.07
C ILE A 155 -12.94 10.77 -26.05
N SER A 156 -14.26 10.82 -26.08
CA SER A 156 -15.08 9.60 -26.03
C SER A 156 -15.38 9.03 -27.43
N PRO A 157 -15.67 7.70 -27.54
CA PRO A 157 -15.96 7.11 -28.85
C PRO A 157 -17.47 6.92 -29.12
N TRP A 158 -17.82 6.46 -30.32
CA TRP A 158 -19.21 6.23 -30.72
C TRP A 158 -19.76 4.87 -30.25
N ASN A 159 -18.83 3.97 -29.91
CA ASN A 159 -19.13 2.64 -29.39
C ASN A 159 -19.22 2.81 -27.87
N PHE A 160 -20.37 2.40 -27.32
CA PHE A 160 -20.63 2.55 -25.90
C PHE A 160 -20.22 3.98 -25.41
N PRO A 161 -20.73 5.04 -26.09
CA PRO A 161 -20.42 6.45 -25.77
C PRO A 161 -20.56 6.78 -24.31
N LEU A 162 -21.69 6.40 -23.74
CA LEU A 162 -22.00 6.67 -22.34
C LEU A 162 -21.06 5.98 -21.38
N ASN A 163 -20.99 4.67 -21.49
CA ASN A 163 -20.11 3.89 -20.61
C ASN A 163 -18.62 4.19 -20.75
N LEU A 164 -18.15 4.39 -21.97
CA LEU A 164 -16.73 4.66 -22.14
C LEU A 164 -16.33 6.10 -21.81
N SER A 165 -17.24 7.06 -21.92
CA SER A 165 -16.86 8.42 -21.54
C SER A 165 -16.81 8.44 -20.00
N ILE A 166 -17.90 7.95 -19.37
CA ILE A 166 -18.00 7.87 -17.90
C ILE A 166 -16.81 7.13 -17.27
N ARG A 167 -16.36 6.07 -17.93
CA ARG A 167 -15.22 5.28 -17.44
C ARG A 167 -14.05 6.18 -17.05
N SER A 168 -13.85 7.28 -17.79
CA SER A 168 -12.76 8.19 -17.45
C SER A 168 -13.24 9.51 -16.82
N VAL A 169 -14.41 9.99 -17.24
CA VAL A 169 -14.97 11.24 -16.69
C VAL A 169 -15.25 11.14 -15.20
N ALA A 170 -15.86 10.04 -14.75
CA ALA A 170 -16.20 9.88 -13.33
C ALA A 170 -15.01 9.77 -12.37
N PRO A 171 -14.03 8.89 -12.66
CA PRO A 171 -12.90 8.83 -11.72
C PRO A 171 -12.10 10.14 -11.72
N ALA A 172 -11.93 10.73 -12.90
CA ALA A 172 -11.21 11.99 -13.01
C ALA A 172 -11.88 13.09 -12.15
N LEU A 173 -13.20 13.25 -12.28
CA LEU A 173 -13.88 14.27 -11.48
C LEU A 173 -13.78 13.97 -10.00
N ALA A 174 -14.14 12.76 -9.63
CA ALA A 174 -14.11 12.32 -8.23
C ALA A 174 -12.78 12.55 -7.56
N VAL A 175 -11.72 12.47 -8.34
CA VAL A 175 -10.38 12.61 -7.81
C VAL A 175 -9.87 14.06 -7.71
N GLY A 176 -10.66 15.01 -8.21
CA GLY A 176 -10.30 16.42 -8.11
C GLY A 176 -9.87 17.15 -9.39
N ASN A 177 -10.05 16.49 -10.53
CA ASN A 177 -9.70 17.10 -11.80
C ASN A 177 -10.92 17.80 -12.35
N ALA A 178 -10.67 18.65 -13.33
CA ALA A 178 -11.74 19.33 -14.02
C ALA A 178 -11.61 18.61 -15.36
N VAL A 179 -12.71 18.27 -16.02
CA VAL A 179 -12.59 17.58 -17.29
C VAL A 179 -13.48 18.12 -18.39
N VAL A 180 -12.88 18.25 -19.58
CA VAL A 180 -13.57 18.72 -20.78
C VAL A 180 -13.69 17.53 -21.75
N ILE A 181 -14.93 17.23 -22.14
CA ILE A 181 -15.20 16.14 -23.04
C ILE A 181 -15.30 16.63 -24.48
N LYS A 182 -14.73 15.83 -25.40
CA LYS A 182 -14.76 16.08 -26.83
C LYS A 182 -15.29 14.74 -27.34
N PRO A 183 -16.62 14.60 -27.46
CA PRO A 183 -17.21 13.35 -27.91
C PRO A 183 -17.00 13.03 -29.38
N ALA A 184 -17.39 11.83 -29.78
CA ALA A 184 -17.27 11.40 -31.17
C ALA A 184 -18.31 12.18 -31.97
N SER A 185 -17.92 12.61 -33.17
CA SER A 185 -18.80 13.40 -34.03
C SER A 185 -20.18 12.80 -34.29
N ASP A 186 -20.28 11.48 -34.22
CA ASP A 186 -21.55 10.80 -34.47
C ASP A 186 -22.43 10.67 -33.25
N THR A 187 -21.83 10.87 -32.07
CA THR A 187 -22.57 10.76 -30.82
C THR A 187 -22.28 11.90 -29.84
N PRO A 188 -22.48 13.15 -30.28
CA PRO A 188 -22.22 14.28 -29.38
C PRO A 188 -23.03 14.33 -28.07
N VAL A 189 -24.29 13.91 -28.09
CA VAL A 189 -25.06 13.98 -26.85
C VAL A 189 -24.83 12.80 -25.90
N THR A 190 -24.95 11.56 -26.38
CA THR A 190 -24.73 10.40 -25.52
C THR A 190 -23.27 10.30 -25.10
N GLY A 191 -22.38 10.78 -25.96
CA GLY A 191 -20.96 10.75 -25.66
C GLY A 191 -20.45 11.97 -24.93
N GLY A 192 -21.27 13.03 -24.85
CA GLY A 192 -20.84 14.25 -24.18
C GLY A 192 -21.89 15.01 -23.36
N VAL A 193 -23.00 15.37 -23.99
CA VAL A 193 -24.08 16.13 -23.32
C VAL A 193 -24.64 15.42 -22.09
N ILE A 194 -25.13 14.19 -22.24
CA ILE A 194 -25.69 13.46 -21.10
C ILE A 194 -24.70 13.30 -19.96
N PRO A 195 -23.49 12.77 -20.20
CA PRO A 195 -22.61 12.67 -19.04
C PRO A 195 -22.25 14.01 -18.36
N ALA A 196 -22.15 15.07 -19.15
CA ALA A 196 -21.82 16.38 -18.58
C ALA A 196 -22.96 16.91 -17.74
N ARG A 197 -24.14 16.88 -18.35
CA ARG A 197 -25.37 17.36 -17.74
C ARG A 197 -25.69 16.57 -16.48
N ILE A 198 -25.48 15.27 -16.56
CA ILE A 198 -25.77 14.41 -15.45
C ILE A 198 -24.84 14.76 -14.26
N PHE A 199 -23.60 15.12 -14.53
CA PHE A 199 -22.70 15.49 -13.43
C PHE A 199 -23.03 16.89 -12.93
N GLU A 200 -23.47 17.75 -13.82
CA GLU A 200 -23.85 19.10 -13.43
C GLU A 200 -25.06 19.02 -12.45
N GLU A 201 -26.05 18.20 -12.79
CA GLU A 201 -27.25 18.02 -11.98
C GLU A 201 -26.98 17.27 -10.67
N ALA A 202 -25.74 16.80 -10.50
CA ALA A 202 -25.35 16.08 -9.29
C ALA A 202 -24.62 17.05 -8.39
N GLY A 203 -24.18 18.16 -8.96
CA GLY A 203 -23.49 19.16 -8.17
C GLY A 203 -22.06 19.56 -8.49
N VAL A 204 -21.45 19.13 -9.60
CA VAL A 204 -20.08 19.60 -9.83
C VAL A 204 -20.11 21.07 -10.27
N PRO A 205 -19.21 21.90 -9.73
CA PRO A 205 -19.11 23.33 -10.04
C PRO A 205 -18.97 23.74 -11.50
N ALA A 206 -19.35 24.99 -11.78
CA ALA A 206 -19.29 25.55 -13.11
C ALA A 206 -17.84 25.57 -13.58
N GLY A 207 -17.61 25.06 -14.78
CA GLY A 207 -16.27 24.99 -15.32
C GLY A 207 -15.57 23.67 -15.04
N VAL A 208 -15.97 22.97 -13.97
CA VAL A 208 -15.35 21.68 -13.62
C VAL A 208 -15.70 20.55 -14.60
N ILE A 209 -16.90 20.60 -15.19
CA ILE A 209 -17.29 19.62 -16.18
C ILE A 209 -17.73 20.37 -17.43
N SER A 210 -17.22 19.96 -18.59
CA SER A 210 -17.58 20.63 -19.84
C SER A 210 -17.77 19.64 -20.98
N THR A 211 -18.30 20.13 -22.10
CA THR A 211 -18.47 19.31 -23.29
C THR A 211 -18.45 20.20 -24.51
N VAL A 212 -17.33 20.16 -25.21
CA VAL A 212 -17.18 20.93 -26.42
C VAL A 212 -17.24 19.89 -27.56
N ALA A 213 -18.19 20.07 -28.47
CA ALA A 213 -18.37 19.15 -29.59
C ALA A 213 -18.14 19.86 -30.91
N GLY A 214 -17.30 19.27 -31.75
CA GLY A 214 -17.02 19.84 -33.06
C GLY A 214 -16.45 18.83 -34.03
N ALA A 215 -16.28 19.25 -35.28
CA ALA A 215 -15.71 18.38 -36.32
C ALA A 215 -14.20 18.38 -36.08
N GLY A 216 -13.65 17.18 -35.95
CA GLY A 216 -12.21 17.02 -35.71
C GLY A 216 -11.41 17.85 -36.67
N SER A 217 -12.00 18.06 -37.85
CA SER A 217 -11.41 18.84 -38.92
C SER A 217 -10.90 20.21 -38.43
N GLU A 218 -11.64 20.84 -37.53
CA GLU A 218 -11.20 22.13 -37.02
C GLU A 218 -10.95 22.15 -35.52
N ILE A 219 -11.38 21.11 -34.80
CA ILE A 219 -11.21 21.05 -33.34
C ILE A 219 -10.30 19.92 -32.82
N GLY A 220 -10.37 18.76 -33.46
CA GLY A 220 -9.58 17.60 -33.05
C GLY A 220 -8.15 17.82 -32.60
N ASP A 221 -7.31 18.28 -33.51
CA ASP A 221 -5.91 18.49 -33.17
C ASP A 221 -5.66 19.53 -32.09
N HIS A 222 -6.38 20.64 -32.16
CA HIS A 222 -6.21 21.71 -31.19
C HIS A 222 -6.56 21.29 -29.75
N PHE A 223 -7.55 20.40 -29.63
CA PHE A 223 -7.99 19.89 -28.33
C PHE A 223 -6.85 19.17 -27.60
N VAL A 224 -6.11 18.32 -28.33
CA VAL A 224 -5.00 17.53 -27.80
C VAL A 224 -3.75 18.38 -27.57
N THR A 225 -3.56 19.34 -28.47
CA THR A 225 -2.42 20.24 -28.47
C THR A 225 -2.44 21.39 -27.46
N HIS A 226 -3.62 21.81 -27.06
CA HIS A 226 -3.78 22.91 -26.12
C HIS A 226 -2.85 22.83 -24.91
N ALA A 227 -2.47 23.99 -24.39
CA ALA A 227 -1.55 24.07 -23.26
C ALA A 227 -2.15 23.81 -21.87
N VAL A 228 -3.47 23.89 -21.73
CA VAL A 228 -4.07 23.66 -20.44
C VAL A 228 -4.13 22.19 -20.00
N PRO A 229 -4.81 21.31 -20.76
CA PRO A 229 -4.85 19.91 -20.32
C PRO A 229 -3.49 19.29 -20.02
N LYS A 230 -3.43 18.59 -18.90
CA LYS A 230 -2.21 17.94 -18.48
C LYS A 230 -2.35 16.41 -18.59
N LEU A 231 -3.44 15.99 -19.22
CA LEU A 231 -3.75 14.59 -19.47
C LEU A 231 -4.84 14.48 -20.53
N ILE A 232 -4.59 13.64 -21.54
CA ILE A 232 -5.56 13.38 -22.59
C ILE A 232 -5.96 11.91 -22.50
N SER A 233 -7.27 11.69 -22.39
CA SER A 233 -7.80 10.34 -22.30
C SER A 233 -8.50 10.07 -23.62
N PHE A 234 -8.06 9.01 -24.29
CA PHE A 234 -8.61 8.64 -25.59
C PHE A 234 -9.11 7.20 -25.68
N THR A 235 -10.19 7.03 -26.41
CA THR A 235 -10.81 5.72 -26.63
C THR A 235 -11.29 5.72 -28.07
N GLY A 236 -10.79 4.75 -28.84
CA GLY A 236 -11.18 4.67 -30.25
C GLY A 236 -10.23 3.80 -31.01
N SER A 237 -10.16 3.99 -32.34
CA SER A 237 -9.30 3.19 -33.21
C SER A 237 -7.83 3.45 -32.92
N THR A 238 -6.98 2.42 -33.06
CA THR A 238 -5.56 2.59 -32.80
C THR A 238 -4.92 3.60 -33.78
N PRO A 239 -5.42 3.71 -35.03
CA PRO A 239 -4.79 4.70 -35.91
C PRO A 239 -4.94 6.09 -35.31
N VAL A 240 -6.18 6.48 -35.01
CA VAL A 240 -6.44 7.79 -34.42
C VAL A 240 -5.71 7.90 -33.07
N GLY A 241 -5.70 6.79 -32.33
CA GLY A 241 -5.03 6.78 -31.05
C GLY A 241 -3.56 7.13 -31.22
N ARG A 242 -2.95 6.54 -32.24
CA ARG A 242 -1.54 6.82 -32.49
C ARG A 242 -1.37 8.30 -32.84
N ARG A 243 -2.30 8.85 -33.60
CA ARG A 243 -2.19 10.26 -33.98
C ARG A 243 -2.27 11.16 -32.76
N VAL A 244 -3.15 10.80 -31.82
CA VAL A 244 -3.34 11.54 -30.58
C VAL A 244 -2.06 11.53 -29.77
N GLY A 245 -1.49 10.33 -29.58
CA GLY A 245 -0.27 10.18 -28.82
C GLY A 245 0.86 11.01 -29.39
N GLU A 246 1.11 10.86 -30.68
CA GLU A 246 2.14 11.61 -31.39
C GLU A 246 1.90 13.10 -31.17
N LEU A 247 0.67 13.54 -31.44
CA LEU A 247 0.31 14.95 -31.28
C LEU A 247 0.57 15.50 -29.88
N ALA A 248 0.43 14.65 -28.87
CA ALA A 248 0.64 15.07 -27.48
C ALA A 248 2.12 15.20 -27.10
N ILE A 249 2.99 14.46 -27.79
CA ILE A 249 4.43 14.48 -27.52
C ILE A 249 5.15 15.67 -28.17
N ASN A 250 4.67 16.14 -29.32
CA ASN A 250 5.27 17.30 -29.98
C ASN A 250 4.29 18.42 -30.34
N GLY A 251 3.75 19.05 -29.29
CA GLY A 251 2.82 20.15 -29.43
C GLY A 251 2.98 20.93 -28.14
N GLY A 252 2.01 20.80 -27.22
CA GLY A 252 2.13 21.47 -25.94
C GLY A 252 3.07 20.53 -25.19
N PRO A 253 4.38 20.83 -25.15
CA PRO A 253 5.39 20.00 -24.49
C PRO A 253 4.98 19.00 -23.41
N MET A 254 4.28 19.49 -22.39
CA MET A 254 3.94 18.65 -21.27
C MET A 254 2.53 18.18 -20.96
N LYS A 255 2.23 16.94 -21.38
CA LYS A 255 0.96 16.31 -21.05
C LYS A 255 1.00 14.84 -21.41
N THR A 256 0.64 14.01 -20.44
CA THR A 256 0.61 12.57 -20.63
C THR A 256 -0.64 12.16 -21.39
N VAL A 257 -0.68 10.92 -21.84
CA VAL A 257 -1.80 10.38 -22.57
C VAL A 257 -2.13 8.96 -22.11
N ALA A 258 -3.42 8.66 -22.05
CA ALA A 258 -3.86 7.34 -21.66
C ALA A 258 -4.68 6.91 -22.85
N LEU A 259 -4.17 5.92 -23.58
CA LEU A 259 -4.86 5.43 -24.75
C LEU A 259 -5.55 4.12 -24.45
N GLU A 260 -6.85 4.10 -24.72
CA GLU A 260 -7.63 2.90 -24.50
C GLU A 260 -8.03 2.44 -25.89
N LEU A 261 -7.27 1.48 -26.41
CA LEU A 261 -7.50 0.96 -27.74
C LEU A 261 -7.89 -0.50 -27.74
N GLY A 262 -9.18 -0.76 -27.95
CA GLY A 262 -9.66 -2.13 -27.98
C GLY A 262 -9.59 -2.58 -29.42
N GLY A 263 -8.55 -3.33 -29.76
CA GLY A 263 -8.41 -3.79 -31.13
C GLY A 263 -9.05 -5.14 -31.38
N ASN A 264 -8.24 -6.19 -31.33
CA ASN A 264 -8.71 -7.56 -31.56
C ASN A 264 -8.44 -8.38 -30.31
N ALA A 265 -9.44 -8.45 -29.43
CA ALA A 265 -9.32 -9.20 -28.20
C ALA A 265 -9.55 -10.68 -28.47
N PRO A 266 -8.57 -11.53 -28.14
CA PRO A 266 -8.75 -12.96 -28.38
C PRO A 266 -9.51 -13.69 -27.28
N PHE A 267 -10.40 -14.58 -27.69
CA PHE A 267 -11.21 -15.40 -26.78
C PHE A 267 -10.64 -16.81 -27.01
N VAL A 268 -9.84 -17.28 -26.06
CA VAL A 268 -9.18 -18.58 -26.17
C VAL A 268 -9.86 -19.75 -25.49
N VAL A 269 -10.22 -20.76 -26.28
CA VAL A 269 -10.86 -21.98 -25.76
C VAL A 269 -9.78 -23.06 -25.77
N LEU A 270 -9.37 -23.50 -24.59
CA LEU A 270 -8.33 -24.52 -24.47
C LEU A 270 -8.87 -25.94 -24.56
N ALA A 271 -7.97 -26.91 -24.61
CA ALA A 271 -8.32 -28.33 -24.73
C ALA A 271 -9.37 -28.86 -23.77
N ASP A 272 -9.33 -28.42 -22.52
CA ASP A 272 -10.27 -28.90 -21.51
C ASP A 272 -11.39 -27.93 -21.11
N ALA A 273 -11.77 -27.04 -22.03
CA ALA A 273 -12.83 -26.10 -21.75
C ALA A 273 -14.19 -26.80 -21.62
N ASP A 274 -15.19 -26.03 -21.18
CA ASP A 274 -16.57 -26.48 -21.05
C ASP A 274 -17.14 -25.91 -22.35
N ILE A 275 -16.75 -26.54 -23.45
CA ILE A 275 -17.13 -26.14 -24.81
C ILE A 275 -18.53 -25.55 -24.96
N ASP A 276 -19.50 -26.11 -24.24
CA ASP A 276 -20.87 -25.60 -24.35
C ASP A 276 -21.04 -24.21 -23.71
N ALA A 277 -20.41 -24.04 -22.55
CA ALA A 277 -20.45 -22.76 -21.84
C ALA A 277 -19.61 -21.76 -22.61
N ALA A 278 -18.44 -22.20 -23.07
CA ALA A 278 -17.53 -21.35 -23.83
C ALA A 278 -18.20 -20.89 -25.12
N ALA A 279 -19.12 -21.70 -25.62
CA ALA A 279 -19.81 -21.38 -26.85
C ALA A 279 -20.79 -20.22 -26.61
N GLN A 280 -21.66 -20.37 -25.62
CA GLN A 280 -22.63 -19.32 -25.31
C GLN A 280 -21.94 -18.01 -24.94
N ALA A 281 -20.83 -18.13 -24.21
CA ALA A 281 -20.05 -16.98 -23.78
C ALA A 281 -19.45 -16.27 -25.00
N ALA A 282 -18.90 -17.04 -25.92
CA ALA A 282 -18.31 -16.47 -27.11
C ALA A 282 -19.38 -15.65 -27.80
N ALA A 283 -20.56 -16.24 -27.91
CA ALA A 283 -21.69 -15.59 -28.55
C ALA A 283 -21.99 -14.24 -27.90
N VAL A 284 -21.98 -14.22 -26.58
CA VAL A 284 -22.26 -13.01 -25.84
C VAL A 284 -21.21 -11.92 -26.03
N GLY A 285 -19.93 -12.29 -25.91
CA GLY A 285 -18.85 -11.34 -26.07
C GLY A 285 -18.69 -10.77 -27.46
N ALA A 286 -19.07 -11.53 -28.46
CA ALA A 286 -18.94 -11.11 -29.86
C ALA A 286 -20.05 -10.20 -30.41
N PHE A 287 -21.27 -10.32 -29.91
CA PHE A 287 -22.35 -9.51 -30.45
C PHE A 287 -23.09 -8.57 -29.50
N LEU A 288 -23.52 -9.09 -28.35
CA LEU A 288 -24.22 -8.26 -27.38
C LEU A 288 -23.26 -7.22 -26.80
N HIS A 289 -21.96 -7.56 -26.76
CA HIS A 289 -20.94 -6.68 -26.19
C HIS A 289 -19.98 -6.01 -27.15
N GLN A 290 -20.11 -6.20 -28.46
CA GLN A 290 -19.16 -5.55 -29.36
C GLN A 290 -19.37 -4.03 -29.25
N GLY A 291 -18.26 -3.30 -29.19
CA GLY A 291 -18.32 -1.87 -29.04
C GLY A 291 -17.80 -1.56 -27.65
N GLN A 292 -18.03 -2.50 -26.73
CA GLN A 292 -17.59 -2.43 -25.34
C GLN A 292 -16.13 -2.86 -25.32
N ILE A 293 -15.22 -1.89 -25.22
CA ILE A 293 -13.77 -2.12 -25.24
C ILE A 293 -13.15 -3.20 -24.34
N CYS A 294 -13.63 -3.33 -23.10
CA CYS A 294 -13.08 -4.30 -22.16
C CYS A 294 -13.84 -5.63 -22.04
N MET A 295 -14.86 -5.83 -22.86
CA MET A 295 -15.64 -7.07 -22.75
C MET A 295 -15.82 -7.89 -24.03
N SER A 296 -15.81 -7.22 -25.18
CA SER A 296 -16.01 -7.89 -26.46
C SER A 296 -14.80 -8.73 -26.86
N ILE A 297 -14.98 -9.48 -27.94
CA ILE A 297 -13.94 -10.32 -28.51
C ILE A 297 -14.07 -10.23 -30.04
N ASN A 298 -12.95 -10.15 -30.74
CA ASN A 298 -12.95 -10.06 -32.21
C ASN A 298 -12.55 -11.40 -32.87
N ARG A 299 -11.91 -12.28 -32.09
CA ARG A 299 -11.48 -13.57 -32.61
C ARG A 299 -11.38 -14.63 -31.53
N VAL A 300 -11.71 -15.88 -31.90
CA VAL A 300 -11.66 -17.01 -30.99
C VAL A 300 -10.69 -18.07 -31.52
N ILE A 301 -9.80 -18.52 -30.65
CA ILE A 301 -8.82 -19.52 -31.05
C ILE A 301 -9.16 -20.78 -30.23
N VAL A 302 -9.24 -21.93 -30.90
CA VAL A 302 -9.61 -23.17 -30.23
C VAL A 302 -8.62 -24.31 -30.47
N ASP A 303 -8.35 -25.10 -29.43
CA ASP A 303 -7.44 -26.23 -29.56
C ASP A 303 -8.07 -27.12 -30.61
N ALA A 304 -7.25 -27.64 -31.51
CA ALA A 304 -7.72 -28.50 -32.59
C ALA A 304 -8.61 -29.65 -32.11
N ALA A 305 -8.20 -30.26 -31.00
CA ALA A 305 -8.94 -31.39 -30.42
C ALA A 305 -10.42 -31.15 -30.19
N VAL A 306 -10.78 -29.91 -29.90
CA VAL A 306 -12.17 -29.56 -29.62
C VAL A 306 -12.71 -28.46 -30.55
N HIS A 307 -11.90 -28.10 -31.54
CA HIS A 307 -12.22 -27.08 -32.53
C HIS A 307 -13.58 -27.26 -33.20
N ASP A 308 -13.70 -28.27 -34.06
CA ASP A 308 -14.95 -28.52 -34.77
C ASP A 308 -16.18 -28.68 -33.83
N GLU A 309 -15.99 -29.27 -32.65
CA GLU A 309 -17.10 -29.44 -31.73
C GLU A 309 -17.62 -28.06 -31.31
N PHE A 310 -16.70 -27.21 -30.91
CA PHE A 310 -16.99 -25.84 -30.48
C PHE A 310 -17.60 -25.03 -31.62
N LEU A 311 -16.99 -25.12 -32.80
CA LEU A 311 -17.47 -24.36 -33.96
C LEU A 311 -18.93 -24.65 -34.28
N GLU A 312 -19.31 -25.92 -34.27
CA GLU A 312 -20.68 -26.32 -34.57
C GLU A 312 -21.67 -25.68 -33.62
N LYS A 313 -21.33 -25.70 -32.33
CA LYS A 313 -22.22 -25.12 -31.33
C LYS A 313 -22.25 -23.61 -31.30
N PHE A 314 -21.10 -22.98 -31.57
CA PHE A 314 -21.00 -21.52 -31.58
C PHE A 314 -21.84 -20.97 -32.73
N VAL A 315 -21.72 -21.61 -33.89
CA VAL A 315 -22.46 -21.21 -35.09
C VAL A 315 -23.97 -21.31 -34.80
N GLU A 316 -24.37 -22.35 -34.08
CA GLU A 316 -25.78 -22.55 -33.75
C GLU A 316 -26.32 -21.37 -32.93
N ALA A 317 -25.63 -21.06 -31.84
CA ALA A 317 -26.04 -19.96 -30.97
C ALA A 317 -25.98 -18.63 -31.70
N VAL A 318 -25.01 -18.46 -32.60
CA VAL A 318 -24.90 -17.22 -33.35
C VAL A 318 -26.04 -17.13 -34.36
N LYS A 319 -26.44 -18.27 -34.91
CA LYS A 319 -27.52 -18.32 -35.89
C LYS A 319 -28.84 -17.83 -35.29
N ASN A 320 -29.08 -18.13 -34.02
CA ASN A 320 -30.32 -17.72 -33.38
C ASN A 320 -30.24 -16.42 -32.55
N ILE A 321 -29.49 -15.43 -33.06
CA ILE A 321 -29.34 -14.14 -32.39
C ILE A 321 -30.18 -13.10 -33.15
N PRO A 322 -31.23 -12.55 -32.49
CA PRO A 322 -32.11 -11.54 -33.10
C PRO A 322 -31.38 -10.31 -33.63
N THR A 323 -31.60 -10.05 -34.92
CA THR A 323 -31.01 -8.90 -35.60
C THR A 323 -32.17 -8.12 -36.22
N GLY A 324 -32.14 -6.79 -36.08
CA GLY A 324 -33.21 -5.98 -36.63
C GLY A 324 -33.34 -4.58 -36.08
N ASP A 325 -34.56 -4.18 -35.78
CA ASP A 325 -34.87 -2.84 -35.28
C ASP A 325 -34.36 -2.61 -33.86
N PRO A 326 -33.49 -1.59 -33.69
CA PRO A 326 -32.93 -1.27 -32.37
C PRO A 326 -33.97 -1.09 -31.28
N SER A 327 -35.07 -0.44 -31.63
CA SER A 327 -36.15 -0.16 -30.68
C SER A 327 -36.69 -1.41 -30.01
N ALA A 328 -36.80 -2.50 -30.77
CA ALA A 328 -37.31 -3.76 -30.26
C ALA A 328 -36.54 -4.20 -29.01
N GLU A 329 -37.26 -4.83 -28.08
CA GLU A 329 -36.66 -5.30 -26.83
C GLU A 329 -35.85 -6.61 -26.99
N GLY A 330 -36.09 -7.31 -28.10
CA GLY A 330 -35.38 -8.59 -28.31
C GLY A 330 -34.08 -8.50 -29.09
N THR A 331 -34.01 -7.54 -30.02
CA THR A 331 -32.83 -7.35 -30.85
C THR A 331 -31.58 -7.29 -29.98
N LEU A 332 -30.46 -7.73 -30.53
CA LEU A 332 -29.20 -7.74 -29.81
C LEU A 332 -28.13 -7.08 -30.68
N VAL A 333 -28.46 -6.91 -31.96
CA VAL A 333 -27.53 -6.29 -32.91
C VAL A 333 -28.26 -5.26 -33.78
N GLY A 334 -27.84 -4.00 -33.64
CA GLY A 334 -28.42 -2.91 -34.38
C GLY A 334 -27.56 -2.40 -35.52
N PRO A 335 -27.89 -1.24 -36.10
CA PRO A 335 -27.11 -0.69 -37.19
C PRO A 335 -25.73 -0.19 -36.78
N VAL A 336 -24.89 0.05 -37.78
CA VAL A 336 -23.56 0.56 -37.57
C VAL A 336 -23.75 2.08 -37.50
N ILE A 337 -22.84 2.78 -36.85
CA ILE A 337 -22.99 4.21 -36.67
C ILE A 337 -23.12 5.04 -37.94
N ASN A 338 -22.33 4.76 -38.97
CA ASN A 338 -22.44 5.53 -40.21
C ASN A 338 -21.94 4.79 -41.44
N ASP A 339 -22.19 5.37 -42.62
CA ASP A 339 -21.79 4.75 -43.89
C ASP A 339 -20.31 4.45 -44.00
N SER A 340 -19.48 5.37 -43.52
CA SER A 340 -18.03 5.18 -43.57
C SER A 340 -17.68 3.84 -42.90
N GLN A 341 -18.25 3.60 -41.73
CA GLN A 341 -17.98 2.37 -41.01
C GLN A 341 -18.62 1.20 -41.75
N LEU A 342 -19.79 1.44 -42.32
CA LEU A 342 -20.50 0.40 -43.08
C LEU A 342 -19.58 -0.09 -44.20
N SER A 343 -19.16 0.80 -45.08
CA SER A 343 -18.28 0.42 -46.21
C SER A 343 -16.95 -0.19 -45.77
N GLY A 344 -16.58 0.04 -44.51
CA GLY A 344 -15.34 -0.50 -43.99
C GLY A 344 -15.52 -1.97 -43.67
N LEU A 345 -16.73 -2.33 -43.25
CA LEU A 345 -17.04 -3.70 -42.91
C LEU A 345 -17.29 -4.55 -44.15
N LYS A 346 -17.98 -3.97 -45.13
CA LYS A 346 -18.28 -4.66 -46.38
C LYS A 346 -16.95 -5.02 -47.06
N GLU A 347 -16.00 -4.10 -46.93
CA GLU A 347 -14.68 -4.27 -47.50
C GLU A 347 -13.92 -5.40 -46.80
N LYS A 348 -14.09 -5.49 -45.48
CA LYS A 348 -13.42 -6.51 -44.67
C LYS A 348 -13.97 -7.90 -44.84
N ILE A 349 -15.27 -8.02 -45.09
CA ILE A 349 -15.89 -9.33 -45.28
C ILE A 349 -15.35 -9.92 -46.58
N GLU A 350 -15.23 -9.06 -47.61
CA GLU A 350 -14.74 -9.49 -48.91
C GLU A 350 -13.26 -9.85 -48.84
N LEU A 351 -12.50 -9.04 -48.12
CA LEU A 351 -11.05 -9.23 -47.99
C LEU A 351 -10.73 -10.56 -47.32
N ALA A 352 -11.59 -10.94 -46.38
CA ALA A 352 -11.44 -12.20 -45.65
C ALA A 352 -11.68 -13.34 -46.64
N LYS A 353 -12.67 -13.15 -47.51
CA LYS A 353 -13.00 -14.11 -48.56
C LYS A 353 -11.85 -14.26 -49.58
N LYS A 354 -11.40 -13.13 -50.11
CA LYS A 354 -10.32 -13.09 -51.10
C LYS A 354 -8.96 -13.33 -50.46
N GLU A 355 -8.96 -14.13 -49.40
CA GLU A 355 -7.74 -14.49 -48.65
C GLU A 355 -7.82 -15.96 -48.32
N GLY A 356 -8.93 -16.55 -48.76
CA GLY A 356 -9.24 -17.94 -48.55
C GLY A 356 -9.79 -18.28 -47.17
N ALA A 357 -10.87 -17.62 -46.75
CA ALA A 357 -11.45 -17.92 -45.43
C ALA A 357 -12.81 -18.61 -45.61
N THR A 358 -13.20 -19.42 -44.64
CA THR A 358 -14.48 -20.14 -44.74
C THR A 358 -15.61 -19.43 -44.04
N VAL A 359 -16.68 -19.17 -44.78
CA VAL A 359 -17.85 -18.52 -44.22
C VAL A 359 -18.61 -19.58 -43.44
N GLN A 360 -19.01 -19.21 -42.23
CA GLN A 360 -19.74 -20.10 -41.35
C GLN A 360 -21.14 -19.57 -41.20
N VAL A 361 -21.24 -18.24 -41.11
CA VAL A 361 -22.51 -17.55 -40.96
C VAL A 361 -22.39 -16.24 -41.71
N GLU A 362 -23.50 -15.76 -42.24
CA GLU A 362 -23.52 -14.47 -42.92
C GLU A 362 -24.96 -14.13 -43.21
N GLY A 363 -25.28 -12.85 -43.18
CA GLY A 363 -26.64 -12.44 -43.42
C GLY A 363 -26.71 -11.25 -44.34
N PRO A 364 -27.93 -10.75 -44.60
CA PRO A 364 -28.08 -9.61 -45.49
C PRO A 364 -27.67 -8.33 -44.77
N ILE A 365 -27.26 -7.34 -45.56
CA ILE A 365 -26.87 -6.07 -45.00
C ILE A 365 -27.93 -5.11 -45.50
N GLU A 366 -28.96 -4.93 -44.69
CA GLU A 366 -30.06 -4.06 -45.05
C GLU A 366 -30.00 -2.72 -44.35
N GLY A 367 -29.58 -1.69 -45.08
CA GLY A 367 -29.49 -0.34 -44.54
C GLY A 367 -28.73 -0.20 -43.23
N ARG A 368 -27.41 -0.21 -43.33
CA ARG A 368 -26.52 -0.08 -42.17
C ARG A 368 -26.70 -1.19 -41.13
N LEU A 369 -27.69 -2.04 -41.32
CA LEU A 369 -27.95 -3.12 -40.39
C LEU A 369 -27.18 -4.36 -40.86
N VAL A 370 -25.96 -4.55 -40.36
CA VAL A 370 -25.11 -5.69 -40.73
C VAL A 370 -25.40 -6.91 -39.87
N HIS A 371 -25.87 -7.99 -40.49
CA HIS A 371 -26.17 -9.23 -39.75
C HIS A 371 -24.83 -9.87 -39.33
N PRO A 372 -24.83 -10.66 -38.25
CA PRO A 372 -23.58 -11.30 -37.80
C PRO A 372 -22.86 -12.10 -38.89
N HIS A 373 -21.55 -11.94 -38.91
CA HIS A 373 -20.70 -12.61 -39.88
C HIS A 373 -19.63 -13.43 -39.13
N VAL A 374 -19.52 -14.71 -39.49
CA VAL A 374 -18.56 -15.63 -38.88
C VAL A 374 -17.66 -16.26 -39.95
N PHE A 375 -16.39 -16.41 -39.61
CA PHE A 375 -15.41 -16.98 -40.51
C PHE A 375 -14.51 -17.95 -39.78
N SER A 376 -14.41 -19.19 -40.26
CA SER A 376 -13.52 -20.18 -39.65
C SER A 376 -12.40 -20.40 -40.67
N ASP A 377 -11.48 -21.29 -40.33
CA ASP A 377 -10.36 -21.61 -41.22
C ASP A 377 -9.58 -20.35 -41.55
N VAL A 378 -9.22 -19.64 -40.50
CA VAL A 378 -8.47 -18.40 -40.62
C VAL A 378 -7.12 -18.48 -39.92
N THR A 379 -6.15 -17.74 -40.43
CA THR A 379 -4.84 -17.73 -39.83
C THR A 379 -4.34 -16.32 -39.47
N SER A 380 -3.61 -16.31 -38.38
CA SER A 380 -3.07 -15.13 -37.72
C SER A 380 -2.58 -13.96 -38.56
N ASP A 381 -2.44 -14.16 -39.88
CA ASP A 381 -1.96 -13.11 -40.80
C ASP A 381 -2.96 -12.45 -41.78
N MET A 382 -4.12 -13.08 -41.85
CA MET A 382 -5.27 -12.64 -42.63
C MET A 382 -5.67 -11.39 -41.85
N GLU A 383 -5.83 -10.27 -42.56
CA GLU A 383 -6.17 -8.97 -41.96
C GLU A 383 -7.33 -9.09 -41.00
N ILE A 384 -8.25 -9.99 -41.33
CA ILE A 384 -9.42 -10.21 -40.52
C ILE A 384 -9.08 -10.63 -39.09
N ALA A 385 -7.93 -11.29 -38.91
CA ALA A 385 -7.52 -11.77 -37.60
C ALA A 385 -6.38 -10.99 -36.95
N ARG A 386 -5.94 -9.90 -37.57
CA ARG A 386 -4.85 -9.12 -36.97
C ARG A 386 -5.17 -7.63 -36.80
N GLU A 387 -6.10 -7.11 -37.58
CA GLU A 387 -6.49 -5.72 -37.47
C GLU A 387 -7.76 -5.66 -36.63
N GLU A 388 -8.10 -4.48 -36.13
CA GLU A 388 -9.32 -4.34 -35.34
C GLU A 388 -10.55 -4.34 -36.23
N ILE A 389 -11.66 -4.83 -35.70
CA ILE A 389 -12.89 -4.91 -36.48
C ILE A 389 -13.96 -3.83 -36.22
N PHE A 390 -14.48 -3.75 -34.99
CA PHE A 390 -15.54 -2.77 -34.69
C PHE A 390 -16.75 -3.06 -35.55
N GLY A 391 -17.28 -4.28 -35.43
CA GLY A 391 -18.44 -4.70 -36.18
C GLY A 391 -18.77 -6.15 -35.87
N PRO A 392 -19.97 -6.63 -36.25
CA PRO A 392 -20.34 -8.02 -35.97
C PRO A 392 -19.71 -9.03 -36.93
N LEU A 393 -18.38 -9.06 -36.94
CA LEU A 393 -17.59 -9.95 -37.77
C LEU A 393 -16.67 -10.72 -36.84
N ILE A 394 -16.79 -12.04 -36.83
CA ILE A 394 -15.96 -12.88 -35.97
C ILE A 394 -15.18 -13.91 -36.77
N SER A 395 -13.96 -14.19 -36.34
CA SER A 395 -13.13 -15.17 -37.01
C SER A 395 -12.57 -16.19 -36.03
N VAL A 396 -12.78 -17.47 -36.34
CA VAL A 396 -12.31 -18.57 -35.51
C VAL A 396 -11.04 -19.19 -36.08
N LEU A 397 -10.01 -19.29 -35.24
CA LEU A 397 -8.74 -19.86 -35.67
C LEU A 397 -8.49 -21.20 -34.99
N LYS A 398 -7.79 -22.09 -35.68
CA LYS A 398 -7.47 -23.42 -35.16
C LYS A 398 -6.07 -23.43 -34.53
N ALA A 399 -5.99 -23.90 -33.29
CA ALA A 399 -4.72 -23.98 -32.56
C ALA A 399 -4.27 -25.43 -32.46
N ASP A 400 -3.03 -25.70 -32.87
CA ASP A 400 -2.47 -27.05 -32.82
C ASP A 400 -2.49 -27.57 -31.38
N ASP A 401 -1.92 -26.79 -30.47
CA ASP A 401 -1.88 -27.18 -29.06
C ASP A 401 -1.83 -25.98 -28.13
N GLU A 402 -1.87 -26.27 -26.83
CA GLU A 402 -1.85 -25.26 -25.77
C GLU A 402 -0.81 -24.16 -26.03
N ALA A 403 0.40 -24.56 -26.43
CA ALA A 403 1.48 -23.63 -26.70
C ALA A 403 1.20 -22.74 -27.91
N HIS A 404 0.54 -23.30 -28.93
CA HIS A 404 0.22 -22.56 -30.15
C HIS A 404 -0.88 -21.54 -29.86
N ALA A 405 -1.72 -21.89 -28.88
CA ALA A 405 -2.82 -21.04 -28.45
C ALA A 405 -2.26 -19.71 -27.93
N ALA A 406 -1.25 -19.81 -27.07
CA ALA A 406 -0.63 -18.61 -26.50
C ALA A 406 -0.05 -17.74 -27.60
N GLU A 407 0.55 -18.38 -28.61
CA GLU A 407 1.15 -17.65 -29.70
C GLU A 407 0.11 -17.01 -30.60
N LEU A 408 -1.00 -17.70 -30.82
CA LEU A 408 -2.06 -17.14 -31.63
C LEU A 408 -2.68 -15.94 -30.89
N ALA A 409 -2.88 -16.10 -29.58
CA ALA A 409 -3.46 -15.05 -28.74
C ALA A 409 -2.68 -13.74 -28.77
N ASN A 410 -1.35 -13.85 -28.74
CA ASN A 410 -0.46 -12.69 -28.74
C ASN A 410 -0.15 -12.12 -30.12
N ALA A 411 -0.66 -12.75 -31.18
CA ALA A 411 -0.40 -12.27 -32.53
C ALA A 411 -1.00 -10.89 -32.81
N SER A 412 -1.61 -10.31 -31.78
CA SER A 412 -2.21 -8.98 -31.92
C SER A 412 -1.29 -7.94 -31.30
N ASP A 413 -1.74 -6.70 -31.34
CA ASP A 413 -0.97 -5.57 -30.79
C ASP A 413 -2.00 -4.77 -29.98
N PHE A 414 -2.99 -5.46 -29.43
CA PHE A 414 -4.07 -4.79 -28.71
C PHE A 414 -4.32 -5.07 -27.23
N GLY A 415 -3.48 -5.91 -26.62
CA GLY A 415 -3.62 -6.28 -25.23
C GLY A 415 -4.43 -5.47 -24.22
N LEU A 416 -5.75 -5.42 -24.39
CA LEU A 416 -6.65 -4.68 -23.49
C LEU A 416 -7.43 -5.64 -22.59
N SER A 417 -7.75 -6.81 -23.12
CA SER A 417 -8.47 -7.83 -22.37
C SER A 417 -8.51 -9.09 -23.23
N ALA A 418 -8.57 -10.23 -22.56
CA ALA A 418 -8.62 -11.52 -23.24
C ALA A 418 -9.37 -12.49 -22.35
N ALA A 419 -10.05 -13.45 -22.96
CA ALA A 419 -10.80 -14.45 -22.20
C ALA A 419 -10.21 -15.82 -22.53
N VAL A 420 -10.25 -16.73 -21.56
CA VAL A 420 -9.76 -18.09 -21.78
C VAL A 420 -10.68 -19.09 -21.09
N TRP A 421 -10.97 -20.21 -21.76
CA TRP A 421 -11.83 -21.23 -21.19
C TRP A 421 -11.11 -22.55 -21.06
N SER A 422 -11.08 -23.06 -19.83
CA SER A 422 -10.41 -24.30 -19.50
C SER A 422 -10.86 -24.75 -18.11
N LYS A 423 -11.36 -25.97 -18.02
CA LYS A 423 -11.85 -26.53 -16.76
C LYS A 423 -10.79 -26.53 -15.67
N ASP A 424 -9.52 -26.64 -16.06
CA ASP A 424 -8.45 -26.64 -15.07
C ASP A 424 -8.05 -25.22 -14.73
N ILE A 425 -8.57 -24.77 -13.59
CA ILE A 425 -8.34 -23.43 -13.07
C ILE A 425 -6.88 -23.12 -12.79
N ASP A 426 -6.20 -23.99 -12.05
CA ASP A 426 -4.80 -23.74 -11.71
C ASP A 426 -3.90 -23.55 -12.92
N ARG A 427 -4.13 -24.32 -13.98
CA ARG A 427 -3.29 -24.20 -15.16
C ARG A 427 -3.74 -23.07 -16.08
N ALA A 428 -5.05 -22.88 -16.19
CA ALA A 428 -5.58 -21.81 -17.04
C ALA A 428 -5.03 -20.49 -16.55
N ALA A 429 -4.90 -20.34 -15.23
CA ALA A 429 -4.35 -19.10 -14.66
C ALA A 429 -2.85 -18.93 -15.01
N GLN A 430 -2.12 -20.05 -15.09
CA GLN A 430 -0.71 -19.99 -15.44
C GLN A 430 -0.63 -19.65 -16.93
N PHE A 431 -1.50 -20.27 -17.69
CA PHE A 431 -1.58 -20.04 -19.13
C PHE A 431 -1.89 -18.55 -19.40
N ALA A 432 -2.91 -18.02 -18.72
CA ALA A 432 -3.32 -16.63 -18.88
C ALA A 432 -2.18 -15.63 -18.70
N LEU A 433 -1.20 -16.01 -17.89
CA LEU A 433 -0.07 -15.13 -17.65
C LEU A 433 0.80 -14.92 -18.90
N GLN A 434 0.69 -15.80 -19.88
CA GLN A 434 1.46 -15.69 -21.12
C GLN A 434 0.88 -14.74 -22.15
N ILE A 435 -0.39 -14.38 -22.00
CA ILE A 435 -1.06 -13.46 -22.92
C ILE A 435 -0.65 -12.02 -22.61
N ASP A 436 -0.34 -11.26 -23.65
CA ASP A 436 0.08 -9.87 -23.46
C ASP A 436 -1.02 -8.86 -23.25
N SER A 437 -1.87 -9.08 -22.25
CA SER A 437 -2.95 -8.14 -22.00
C SER A 437 -2.96 -7.73 -20.53
N GLY A 438 -3.59 -6.58 -20.28
CA GLY A 438 -3.69 -6.08 -18.93
C GLY A 438 -4.60 -6.98 -18.12
N MET A 439 -5.63 -7.50 -18.77
CA MET A 439 -6.57 -8.40 -18.10
C MET A 439 -6.99 -9.63 -18.91
N VAL A 440 -7.08 -10.76 -18.23
CA VAL A 440 -7.51 -12.01 -18.83
C VAL A 440 -8.56 -12.62 -17.91
N HIS A 441 -9.69 -13.05 -18.49
CA HIS A 441 -10.75 -13.62 -17.70
C HIS A 441 -10.97 -15.09 -18.00
N ILE A 442 -10.92 -15.91 -16.96
CA ILE A 442 -11.09 -17.34 -17.08
C ILE A 442 -12.54 -17.80 -16.84
N ASN A 443 -13.10 -18.48 -17.84
CA ASN A 443 -14.46 -18.98 -17.80
C ASN A 443 -15.49 -17.90 -17.40
N ASP A 444 -15.36 -16.72 -18.01
CA ASP A 444 -16.20 -15.51 -17.80
C ASP A 444 -15.63 -14.57 -16.74
N ARG A 465 -16.02 -5.33 -15.22
CA ARG A 465 -14.56 -5.32 -15.09
C ARG A 465 -13.93 -3.93 -15.27
N PHE A 466 -13.87 -3.21 -14.16
CA PHE A 466 -13.30 -1.86 -14.10
C PHE A 466 -12.45 -1.81 -12.83
N ASN A 467 -11.15 -1.60 -12.99
CA ASN A 467 -10.26 -1.55 -11.83
C ASN A 467 -10.18 -0.14 -11.29
N GLY A 468 -10.68 0.03 -10.08
CA GLY A 468 -10.67 1.32 -9.43
C GLY A 468 -9.28 1.81 -9.06
N ASP A 469 -8.45 0.88 -8.59
CA ASP A 469 -7.09 1.20 -8.20
C ASP A 469 -6.30 1.80 -9.37
N TRP A 470 -6.36 1.16 -10.54
CA TRP A 470 -5.64 1.66 -11.69
C TRP A 470 -6.15 3.04 -12.09
N ALA A 471 -7.46 3.24 -11.96
CA ALA A 471 -8.09 4.49 -12.30
C ALA A 471 -7.58 5.68 -11.50
N ILE A 472 -7.41 5.52 -10.18
CA ILE A 472 -6.95 6.65 -9.39
C ILE A 472 -5.49 7.02 -9.72
N GLU A 473 -4.70 6.02 -10.07
CA GLU A 473 -3.29 6.20 -10.42
C GLU A 473 -3.17 7.01 -11.71
N GLU A 474 -4.08 6.72 -12.62
CA GLU A 474 -4.16 7.35 -13.93
C GLU A 474 -4.60 8.82 -13.91
N PHE A 475 -5.50 9.18 -13.00
CA PHE A 475 -6.01 10.55 -12.95
C PHE A 475 -5.43 11.43 -11.84
N THR A 476 -4.33 10.99 -11.25
CA THR A 476 -3.66 11.76 -10.22
C THR A 476 -2.19 11.76 -10.60
N THR A 477 -1.41 12.53 -9.87
CA THR A 477 0.02 12.62 -10.10
C THR A 477 0.68 12.76 -8.73
N ASP A 478 1.88 12.20 -8.60
CA ASP A 478 2.58 12.27 -7.35
C ASP A 478 3.63 13.36 -7.35
N ARG A 479 3.75 14.07 -6.25
CA ARG A 479 4.70 15.15 -6.14
C ARG A 479 5.61 14.96 -4.95
N TRP A 480 6.85 14.59 -5.22
CA TRP A 480 7.82 14.38 -4.15
C TRP A 480 8.35 15.75 -3.69
N ILE A 481 8.19 16.01 -2.40
CA ILE A 481 8.65 17.24 -1.78
C ILE A 481 9.61 16.89 -0.67
N GLY A 482 10.89 17.15 -0.88
CA GLY A 482 11.90 16.83 0.11
C GLY A 482 12.26 18.06 0.92
N ILE A 483 12.03 18.00 2.22
CA ILE A 483 12.34 19.16 3.03
C ILE A 483 13.45 18.93 4.06
N LYS A 484 14.53 19.70 3.89
CA LYS A 484 15.70 19.67 4.74
C LYS A 484 15.48 20.70 5.85
N ARG A 485 15.71 20.29 7.10
CA ARG A 485 15.55 21.18 8.24
C ARG A 485 16.90 21.39 8.90
N SER A 486 17.23 22.66 9.15
CA SER A 486 18.50 23.00 9.82
C SER A 486 18.23 22.85 11.30
N ALA A 487 19.28 23.00 12.11
CA ALA A 487 19.11 22.90 13.55
C ALA A 487 18.14 23.96 14.04
N GLU A 488 18.14 25.11 13.38
CA GLU A 488 17.27 26.21 13.75
C GLU A 488 15.77 25.85 13.74
N ASN A 489 15.26 25.32 12.63
CA ASN A 489 13.85 24.93 12.61
C ASN A 489 13.68 23.41 12.55
N LEU A 490 14.25 22.75 13.55
CA LEU A 490 14.20 21.32 13.78
C LEU A 490 14.34 21.27 15.30
N TYR A 491 13.23 20.95 15.96
CA TYR A 491 13.21 20.96 17.42
C TYR A 491 13.28 19.63 18.17
N PHE A 492 13.53 19.74 19.46
CA PHE A 492 13.62 18.62 20.39
C PHE A 492 14.52 17.49 19.87
N GLN A 493 15.47 17.84 19.01
CA GLN A 493 16.39 16.85 18.46
C GLN A 493 17.41 16.42 19.52
N THR B 6 -40.41 1.19 22.23
CA THR B 6 -40.30 0.67 20.82
C THR B 6 -39.31 1.54 20.07
N PHE B 7 -38.99 1.08 18.87
CA PHE B 7 -38.10 1.78 17.93
C PHE B 7 -38.15 1.17 16.56
N ALA B 8 -38.37 2.01 15.57
CA ALA B 8 -38.44 1.60 14.17
C ALA B 8 -39.27 0.36 13.91
N GLY B 9 -40.25 0.13 14.76
CA GLY B 9 -41.13 -1.02 14.53
C GLY B 9 -41.07 -2.27 15.37
N ILE B 10 -40.36 -2.22 16.47
CA ILE B 10 -40.27 -3.34 17.39
C ILE B 10 -39.97 -2.73 18.73
N ASP B 11 -40.29 -3.47 19.78
CA ASP B 11 -40.09 -3.00 21.13
C ASP B 11 -38.65 -3.14 21.54
N ALA B 12 -38.11 -1.97 21.86
CA ALA B 12 -36.73 -1.77 22.24
C ALA B 12 -36.28 -2.56 23.45
N THR B 13 -37.19 -3.34 24.04
CA THR B 13 -36.81 -4.12 25.23
C THR B 13 -36.39 -5.53 24.89
N LYS B 14 -36.49 -5.93 23.63
CA LYS B 14 -36.08 -7.27 23.24
C LYS B 14 -34.59 -7.42 22.83
N HIS B 15 -34.26 -8.58 22.27
CA HIS B 15 -32.92 -8.86 21.84
C HIS B 15 -32.97 -9.41 20.43
N LEU B 16 -31.98 -9.08 19.61
CA LEU B 16 -31.95 -9.58 18.25
C LEU B 16 -31.00 -10.77 18.27
N ILE B 17 -31.57 -11.97 18.31
CA ILE B 17 -30.81 -13.20 18.33
C ILE B 17 -31.29 -14.03 17.15
N GLY B 18 -30.38 -14.68 16.46
CA GLY B 18 -30.76 -15.48 15.31
C GLY B 18 -31.63 -14.71 14.34
N GLY B 19 -31.43 -13.40 14.30
CA GLY B 19 -32.20 -12.56 13.38
C GLY B 19 -33.66 -12.47 13.77
N GLN B 20 -33.93 -12.77 15.03
CA GLN B 20 -35.29 -12.73 15.55
C GLN B 20 -35.34 -11.87 16.80
N TRP B 21 -36.20 -10.87 16.82
CA TRP B 21 -36.31 -10.04 18.01
C TRP B 21 -37.06 -10.89 19.01
N VAL B 22 -36.40 -11.20 20.12
CA VAL B 22 -36.99 -12.06 21.13
C VAL B 22 -36.77 -11.58 22.55
N GLU B 23 -37.56 -12.14 23.46
CA GLU B 23 -37.50 -11.81 24.87
C GLU B 23 -36.39 -12.54 25.60
N GLY B 24 -35.78 -11.86 26.58
CA GLY B 24 -34.71 -12.47 27.34
C GLY B 24 -35.19 -13.60 28.22
N ASN B 25 -34.37 -14.65 28.33
CA ASN B 25 -34.71 -15.81 29.14
C ASN B 25 -34.07 -15.80 30.52
N SER B 26 -33.48 -14.67 30.89
CA SER B 26 -32.87 -14.54 32.20
C SER B 26 -33.93 -14.28 33.28
N ASP B 27 -33.51 -14.43 34.54
CA ASP B 27 -34.37 -14.22 35.71
C ASP B 27 -34.36 -12.75 36.14
N ARG B 28 -33.32 -12.02 35.72
CA ARG B 28 -33.19 -10.63 36.06
C ARG B 28 -33.95 -9.75 35.10
N ILE B 29 -34.57 -8.70 35.63
CA ILE B 29 -35.32 -7.74 34.83
C ILE B 29 -34.75 -6.39 35.21
N SER B 30 -34.06 -5.77 34.26
CA SER B 30 -33.46 -4.46 34.48
C SER B 30 -34.44 -3.37 34.08
N THR B 31 -34.41 -2.28 34.83
CA THR B 31 -35.27 -1.14 34.59
C THR B 31 -34.43 0.02 34.09
N ASN B 32 -34.69 0.40 32.85
CA ASN B 32 -33.98 1.49 32.23
C ASN B 32 -34.59 2.79 32.75
N ILE B 33 -33.74 3.59 33.38
CA ILE B 33 -34.15 4.85 33.99
C ILE B 33 -33.61 6.10 33.29
N ASN B 34 -34.50 7.06 33.07
CA ASN B 34 -34.13 8.32 32.46
C ASN B 34 -33.26 9.05 33.46
N PRO B 35 -31.94 9.15 33.22
CA PRO B 35 -31.07 9.84 34.18
C PRO B 35 -31.48 11.25 34.56
N TYR B 36 -32.39 11.87 33.81
CA TYR B 36 -32.77 13.24 34.15
C TYR B 36 -33.88 13.44 35.18
N ASP B 37 -34.93 12.62 35.10
CA ASP B 37 -36.06 12.73 36.01
C ASP B 37 -36.47 11.41 36.65
N ASP B 38 -35.61 10.40 36.48
CA ASP B 38 -35.85 9.06 37.02
C ASP B 38 -37.08 8.32 36.51
N SER B 39 -37.69 8.79 35.44
CA SER B 39 -38.86 8.10 34.91
C SER B 39 -38.50 6.77 34.24
N VAL B 40 -39.22 5.72 34.57
CA VAL B 40 -39.00 4.41 33.98
C VAL B 40 -39.27 4.49 32.48
N ILE B 41 -38.24 4.19 31.67
CA ILE B 41 -38.38 4.21 30.22
C ILE B 41 -38.94 2.86 29.79
N ALA B 42 -38.50 1.81 30.48
CA ALA B 42 -38.97 0.45 30.18
C ALA B 42 -38.35 -0.59 31.11
N GLU B 43 -38.80 -1.82 30.98
CA GLU B 43 -38.30 -2.94 31.76
C GLU B 43 -38.24 -4.11 30.80
N SER B 44 -37.06 -4.73 30.74
CA SER B 44 -36.83 -5.84 29.85
C SER B 44 -36.25 -7.04 30.58
N LYS B 45 -36.68 -8.23 30.18
CA LYS B 45 -36.14 -9.45 30.76
C LYS B 45 -34.77 -9.59 30.10
N GLN B 46 -33.72 -9.33 30.85
CA GLN B 46 -32.37 -9.41 30.33
C GLN B 46 -32.04 -10.78 29.76
N ALA B 47 -30.88 -10.86 29.10
CA ALA B 47 -30.45 -12.11 28.49
C ALA B 47 -29.67 -12.96 29.47
N SER B 48 -29.64 -14.27 29.21
CA SER B 48 -28.90 -15.22 30.04
C SER B 48 -27.71 -15.68 29.20
N ILE B 49 -26.86 -16.54 29.75
CA ILE B 49 -25.71 -17.01 28.95
C ILE B 49 -26.20 -17.90 27.80
N ALA B 50 -27.27 -18.65 28.02
CA ALA B 50 -27.80 -19.53 26.96
C ALA B 50 -28.27 -18.67 25.80
N ASP B 51 -28.55 -17.40 26.09
CA ASP B 51 -28.99 -16.47 25.06
C ASP B 51 -27.77 -15.96 24.28
N VAL B 52 -26.69 -15.64 25.00
CA VAL B 52 -25.44 -15.16 24.40
C VAL B 52 -24.93 -16.27 23.48
N ASP B 53 -25.04 -17.51 23.96
CA ASP B 53 -24.61 -18.68 23.19
C ASP B 53 -25.35 -18.72 21.85
N ALA B 54 -26.67 -18.61 21.91
CA ALA B 54 -27.49 -18.62 20.71
C ALA B 54 -27.09 -17.47 19.77
N ALA B 55 -26.77 -16.32 20.37
CA ALA B 55 -26.35 -15.15 19.61
C ALA B 55 -25.07 -15.50 18.85
N TYR B 56 -24.03 -15.89 19.59
CA TYR B 56 -22.76 -16.24 18.96
C TYR B 56 -22.84 -17.38 17.95
N GLU B 57 -23.50 -18.49 18.32
CA GLU B 57 -23.60 -19.64 17.42
C GLU B 57 -24.38 -19.31 16.15
N ALA B 58 -25.37 -18.45 16.26
CA ALA B 58 -26.16 -18.06 15.10
C ALA B 58 -25.31 -17.17 14.18
N ALA B 59 -24.40 -16.42 14.79
CA ALA B 59 -23.50 -15.53 14.05
C ALA B 59 -22.52 -16.38 13.25
N LYS B 60 -21.88 -17.34 13.93
CA LYS B 60 -20.91 -18.22 13.30
C LYS B 60 -21.50 -18.91 12.08
N LYS B 61 -22.68 -19.50 12.28
CA LYS B 61 -23.38 -20.21 11.22
C LYS B 61 -23.83 -19.35 10.07
N ALA B 62 -23.95 -18.05 10.26
CA ALA B 62 -24.44 -17.18 9.18
C ALA B 62 -23.35 -16.31 8.52
N GLN B 63 -22.21 -16.16 9.20
CA GLN B 63 -21.09 -15.34 8.77
C GLN B 63 -20.44 -15.62 7.42
N ALA B 64 -20.27 -16.89 7.08
CA ALA B 64 -19.66 -17.25 5.80
C ALA B 64 -20.40 -16.70 4.59
N GLU B 65 -21.70 -16.93 4.56
CA GLU B 65 -22.51 -16.48 3.43
C GLU B 65 -22.43 -14.98 3.31
N TRP B 66 -22.37 -14.31 4.46
CA TRP B 66 -22.26 -12.85 4.48
C TRP B 66 -20.90 -12.46 3.86
N ALA B 67 -19.81 -12.95 4.45
CA ALA B 67 -18.46 -12.64 3.94
C ALA B 67 -18.32 -12.89 2.45
N ALA B 68 -19.04 -13.89 1.94
CA ALA B 68 -18.99 -14.27 0.53
C ALA B 68 -19.92 -13.45 -0.37
N THR B 69 -20.72 -12.58 0.23
CA THR B 69 -21.62 -11.74 -0.56
C THR B 69 -20.73 -10.71 -1.28
N PRO B 70 -20.91 -10.54 -2.60
CA PRO B 70 -20.12 -9.59 -3.37
C PRO B 70 -19.98 -8.18 -2.81
N ALA B 71 -18.77 -7.64 -2.92
CA ALA B 71 -18.39 -6.31 -2.43
C ALA B 71 -19.43 -5.20 -2.60
N ALA B 72 -19.96 -5.03 -3.81
CA ALA B 72 -20.94 -4.00 -4.07
C ALA B 72 -22.19 -4.17 -3.21
N GLU B 73 -22.69 -5.41 -3.08
CA GLU B 73 -23.88 -5.69 -2.28
C GLU B 73 -23.71 -5.24 -0.84
N ARG B 74 -22.71 -5.82 -0.18
CA ARG B 74 -22.39 -5.51 1.20
C ARG B 74 -22.26 -4.01 1.35
N SER B 75 -21.64 -3.39 0.35
CA SER B 75 -21.43 -1.95 0.32
C SER B 75 -22.75 -1.21 0.31
N ALA B 76 -23.63 -1.61 -0.60
CA ALA B 76 -24.94 -0.97 -0.75
C ALA B 76 -25.78 -1.07 0.54
N ILE B 77 -25.70 -2.20 1.22
CA ILE B 77 -26.44 -2.40 2.47
C ILE B 77 -25.91 -1.46 3.54
N ILE B 78 -24.59 -1.43 3.69
CA ILE B 78 -23.96 -0.58 4.67
C ILE B 78 -24.38 0.87 4.38
N TYR B 79 -24.40 1.21 3.10
CA TYR B 79 -24.77 2.56 2.72
C TYR B 79 -26.24 2.84 3.06
N ARG B 80 -27.06 1.80 2.95
CA ARG B 80 -28.48 1.89 3.24
C ARG B 80 -28.65 2.23 4.74
N ALA B 81 -27.82 1.60 5.57
CA ALA B 81 -27.85 1.84 7.01
C ALA B 81 -27.63 3.31 7.33
N ALA B 82 -26.77 3.97 6.56
CA ALA B 82 -26.50 5.38 6.81
C ALA B 82 -27.69 6.24 6.43
N GLU B 83 -28.38 5.84 5.38
CA GLU B 83 -29.54 6.55 4.93
C GLU B 83 -30.57 6.43 6.04
N LEU B 84 -30.77 5.20 6.54
CA LEU B 84 -31.74 4.95 7.60
C LEU B 84 -31.44 5.72 8.88
N LEU B 85 -30.17 5.97 9.16
CA LEU B 85 -29.78 6.71 10.35
C LEU B 85 -30.40 8.12 10.31
N GLU B 86 -30.44 8.73 9.14
CA GLU B 86 -31.00 10.07 8.97
C GLU B 86 -32.52 10.03 8.90
N GLU B 87 -33.01 8.96 8.31
CA GLU B 87 -34.43 8.72 8.11
C GLU B 87 -35.17 8.42 9.44
N HIS B 88 -34.42 8.18 10.51
CA HIS B 88 -34.96 7.87 11.83
C HIS B 88 -34.28 8.82 12.82
N ARG B 89 -33.65 9.86 12.30
CA ARG B 89 -32.94 10.81 13.14
C ARG B 89 -33.69 11.30 14.39
N GLU B 90 -34.87 11.89 14.22
CA GLU B 90 -35.62 12.41 15.37
C GLU B 90 -35.98 11.34 16.40
N GLU B 91 -36.36 10.16 15.94
CA GLU B 91 -36.69 9.09 16.88
C GLU B 91 -35.43 8.66 17.62
N ILE B 92 -34.26 8.80 16.97
CA ILE B 92 -33.02 8.44 17.62
C ILE B 92 -32.60 9.57 18.56
N VAL B 93 -32.80 10.82 18.16
CA VAL B 93 -32.45 11.96 19.01
C VAL B 93 -33.19 11.79 20.35
N GLU B 94 -34.50 11.58 20.27
CA GLU B 94 -35.29 11.43 21.47
C GLU B 94 -34.74 10.37 22.39
N TRP B 95 -34.40 9.20 21.86
CA TRP B 95 -33.84 8.13 22.69
C TRP B 95 -32.51 8.57 23.28
N LEU B 96 -31.74 9.33 22.52
CA LEU B 96 -30.46 9.79 23.03
C LEU B 96 -30.68 10.68 24.26
N ILE B 97 -31.70 11.54 24.18
CA ILE B 97 -32.09 12.42 25.27
C ILE B 97 -32.59 11.61 26.46
N LYS B 98 -33.60 10.79 26.20
CA LYS B 98 -34.19 9.96 27.23
C LYS B 98 -33.28 9.02 27.99
N GLU B 99 -32.65 8.09 27.26
CA GLU B 99 -31.79 7.07 27.86
C GLU B 99 -30.34 7.44 28.18
N SER B 100 -29.69 8.14 27.28
CA SER B 100 -28.29 8.49 27.45
C SER B 100 -28.10 9.79 28.20
N GLY B 101 -29.20 10.51 28.42
CA GLY B 101 -29.15 11.77 29.12
C GLY B 101 -28.42 12.79 28.27
N SER B 102 -28.47 12.55 26.97
CA SER B 102 -27.80 13.42 26.05
C SER B 102 -28.59 14.67 25.76
N THR B 103 -27.87 15.72 25.36
CA THR B 103 -28.44 16.99 25.00
C THR B 103 -28.92 16.92 23.55
N ARG B 104 -29.95 17.71 23.23
CA ARG B 104 -30.51 17.74 21.89
C ARG B 104 -29.43 18.00 20.86
N SER B 105 -28.53 18.94 21.16
CA SER B 105 -27.49 19.25 20.20
C SER B 105 -26.46 18.13 20.17
N LYS B 106 -26.15 17.55 21.33
CA LYS B 106 -25.19 16.46 21.38
C LYS B 106 -25.71 15.28 20.54
N ALA B 107 -26.96 14.88 20.80
CA ALA B 107 -27.58 13.76 20.09
C ALA B 107 -27.52 13.98 18.59
N ASN B 108 -27.78 15.21 18.16
CA ASN B 108 -27.75 15.57 16.75
C ASN B 108 -26.37 15.32 16.17
N LEU B 109 -25.34 15.68 16.93
CA LEU B 109 -23.96 15.50 16.51
C LEU B 109 -23.68 14.00 16.38
N GLU B 110 -23.93 13.28 17.47
CA GLU B 110 -23.72 11.85 17.54
C GLU B 110 -24.31 11.10 16.35
N ILE B 111 -25.47 11.53 15.87
CA ILE B 111 -26.10 10.85 14.75
C ILE B 111 -25.41 11.17 13.44
N THR B 112 -24.89 12.39 13.32
CA THR B 112 -24.19 12.80 12.11
C THR B 112 -22.87 12.04 12.07
N LEU B 113 -22.27 11.91 13.24
CA LEU B 113 -21.00 11.23 13.41
C LEU B 113 -21.14 9.73 13.12
N ALA B 114 -22.23 9.13 13.57
CA ALA B 114 -22.44 7.71 13.34
C ALA B 114 -22.68 7.51 11.86
N GLY B 115 -23.20 8.55 11.23
CA GLY B 115 -23.49 8.49 9.81
C GLY B 115 -22.28 8.71 8.94
N ASN B 116 -21.26 9.40 9.44
CA ASN B 116 -20.08 9.59 8.64
C ASN B 116 -19.30 8.28 8.68
N ILE B 117 -19.18 7.70 9.87
CA ILE B 117 -18.46 6.46 10.02
C ILE B 117 -19.08 5.40 9.10
N THR B 118 -20.40 5.28 9.15
CA THR B 118 -21.13 4.31 8.33
C THR B 118 -21.00 4.63 6.85
N LYS B 119 -20.85 5.90 6.51
CA LYS B 119 -20.70 6.29 5.11
C LYS B 119 -19.35 5.90 4.57
N GLU B 120 -18.30 6.05 5.38
CA GLU B 120 -16.94 5.71 5.00
C GLU B 120 -16.88 4.18 4.88
N SER B 121 -17.35 3.51 5.94
CA SER B 121 -17.38 2.06 6.03
C SER B 121 -18.03 1.35 4.83
N ALA B 122 -18.90 2.03 4.12
CA ALA B 122 -19.54 1.39 2.97
C ALA B 122 -18.60 1.34 1.77
N SER B 123 -17.44 1.95 1.88
CA SER B 123 -16.50 1.90 0.76
C SER B 123 -15.49 0.80 1.07
N PHE B 124 -15.52 0.32 2.31
CA PHE B 124 -14.59 -0.71 2.72
C PHE B 124 -14.56 -1.99 1.87
N PRO B 125 -15.73 -2.54 1.49
CA PRO B 125 -15.72 -3.76 0.67
C PRO B 125 -14.79 -3.61 -0.53
N GLY B 126 -14.89 -2.47 -1.20
CA GLY B 126 -14.06 -2.23 -2.36
C GLY B 126 -12.66 -1.80 -2.00
N ARG B 127 -12.26 -2.06 -0.76
CA ARG B 127 -10.91 -1.67 -0.33
C ARG B 127 -10.13 -2.78 0.40
N VAL B 128 -10.75 -3.94 0.65
CA VAL B 128 -10.00 -5.02 1.29
C VAL B 128 -9.23 -5.79 0.20
N HIS B 129 -7.90 -5.77 0.32
CA HIS B 129 -7.05 -6.46 -0.64
C HIS B 129 -5.98 -7.28 0.05
N GLY B 130 -5.73 -8.45 -0.51
CA GLY B 130 -4.66 -9.29 -0.02
C GLY B 130 -3.56 -9.03 -1.03
N ARG B 131 -2.41 -9.68 -0.91
CA ARG B 131 -1.36 -9.47 -1.91
C ARG B 131 -0.68 -10.75 -2.34
N ILE B 132 -0.01 -10.68 -3.49
CA ILE B 132 0.72 -11.81 -4.01
C ILE B 132 2.18 -11.51 -3.75
N SER B 133 2.70 -12.08 -2.68
CA SER B 133 4.08 -11.90 -2.26
C SER B 133 5.13 -12.54 -3.17
N PRO B 134 6.39 -12.08 -3.07
CA PRO B 134 7.44 -12.65 -3.90
C PRO B 134 7.89 -13.99 -3.36
N SER B 135 8.21 -14.91 -4.27
CA SER B 135 8.64 -16.24 -3.92
C SER B 135 10.17 -16.35 -3.84
N ASN B 136 10.64 -17.13 -2.88
CA ASN B 136 12.07 -17.33 -2.68
C ASN B 136 12.48 -18.75 -3.03
N THR B 137 11.49 -19.61 -3.26
CA THR B 137 11.76 -21.00 -3.61
C THR B 137 11.09 -21.31 -4.94
N PRO B 138 11.86 -21.84 -5.87
CA PRO B 138 11.35 -22.20 -7.20
C PRO B 138 10.04 -22.97 -7.10
N GLY B 139 9.04 -22.57 -7.87
CA GLY B 139 7.76 -23.25 -7.85
C GLY B 139 6.78 -22.84 -6.76
N LYS B 140 7.17 -21.92 -5.88
CA LYS B 140 6.31 -21.47 -4.79
C LYS B 140 5.53 -20.18 -5.09
N GLU B 141 4.23 -20.16 -4.74
CA GLU B 141 3.41 -18.96 -4.95
C GLU B 141 2.86 -18.54 -3.59
N ASN B 142 3.29 -17.37 -3.12
CA ASN B 142 2.86 -16.83 -1.84
C ASN B 142 1.74 -15.83 -1.99
N ARG B 143 0.56 -16.26 -1.56
CA ARG B 143 -0.63 -15.43 -1.64
C ARG B 143 -1.16 -15.19 -0.22
N VAL B 144 -1.28 -13.92 0.16
CA VAL B 144 -1.79 -13.62 1.48
C VAL B 144 -3.14 -12.96 1.32
N TYR B 145 -4.19 -13.77 1.49
CA TYR B 145 -5.57 -13.32 1.40
C TYR B 145 -5.94 -12.46 2.61
N ARG B 146 -6.77 -11.45 2.36
CA ARG B 146 -7.24 -10.54 3.40
C ARG B 146 -8.70 -10.91 3.65
N VAL B 147 -8.98 -11.55 4.79
CA VAL B 147 -10.35 -11.97 5.10
C VAL B 147 -10.95 -11.41 6.39
N ALA B 148 -12.26 -11.59 6.53
CA ALA B 148 -12.97 -11.13 7.71
C ALA B 148 -12.47 -11.96 8.87
N LYS B 149 -12.33 -11.34 10.03
CA LYS B 149 -11.90 -12.09 11.21
C LYS B 149 -12.86 -13.24 11.51
N GLY B 150 -14.16 -13.01 11.31
CA GLY B 150 -15.15 -14.03 11.60
C GLY B 150 -16.32 -13.43 12.38
N VAL B 151 -16.37 -13.68 13.69
CA VAL B 151 -17.42 -13.13 14.53
C VAL B 151 -16.80 -12.17 15.53
N VAL B 152 -17.29 -10.94 15.54
CA VAL B 152 -16.80 -9.93 16.46
C VAL B 152 -17.85 -9.62 17.52
N GLY B 153 -17.38 -9.52 18.76
CA GLY B 153 -18.23 -9.19 19.87
C GLY B 153 -17.86 -7.77 20.24
N VAL B 154 -18.78 -6.83 20.03
CA VAL B 154 -18.53 -5.43 20.35
C VAL B 154 -19.20 -5.11 21.69
N ILE B 155 -18.48 -4.42 22.56
CA ILE B 155 -19.00 -4.01 23.85
C ILE B 155 -19.04 -2.47 23.85
N SER B 156 -20.23 -1.91 23.58
CA SER B 156 -20.40 -0.45 23.53
C SER B 156 -20.57 0.16 24.90
N PRO B 157 -20.21 1.45 25.05
CA PRO B 157 -20.31 2.17 26.33
C PRO B 157 -21.61 3.00 26.44
N TRP B 158 -21.71 3.80 27.51
CA TRP B 158 -22.87 4.64 27.72
C TRP B 158 -22.64 6.11 27.38
N ASN B 159 -21.39 6.51 27.13
CA ASN B 159 -21.06 7.91 26.81
C ASN B 159 -21.61 8.43 25.49
N PHE B 160 -21.35 7.72 24.40
CA PHE B 160 -21.90 8.10 23.10
C PHE B 160 -22.32 6.74 22.56
N PRO B 161 -23.31 6.11 23.21
CA PRO B 161 -23.83 4.79 22.85
C PRO B 161 -23.99 4.46 21.37
N LEU B 162 -24.56 5.37 20.60
CA LEU B 162 -24.75 5.07 19.20
C LEU B 162 -23.44 5.26 18.44
N ASN B 163 -22.83 6.42 18.63
CA ASN B 163 -21.60 6.76 17.95
C ASN B 163 -20.47 5.73 18.16
N LEU B 164 -20.03 5.59 19.40
CA LEU B 164 -18.95 4.67 19.71
C LEU B 164 -19.25 3.21 19.44
N SER B 165 -20.50 2.88 19.09
CA SER B 165 -20.82 1.48 18.81
C SER B 165 -20.76 1.25 17.30
N ILE B 166 -21.24 2.23 16.54
CA ILE B 166 -21.24 2.18 15.09
C ILE B 166 -19.78 2.24 14.63
N ARG B 167 -18.94 2.88 15.45
CA ARG B 167 -17.53 3.00 15.16
C ARG B 167 -16.91 1.61 14.90
N SER B 168 -17.46 0.57 15.51
CA SER B 168 -16.94 -0.78 15.22
C SER B 168 -17.93 -1.73 14.56
N VAL B 169 -19.24 -1.50 14.71
CA VAL B 169 -20.22 -2.38 14.07
C VAL B 169 -20.19 -2.21 12.56
N ALA B 170 -20.18 -0.96 12.10
CA ALA B 170 -20.17 -0.68 10.66
C ALA B 170 -18.96 -1.24 9.90
N PRO B 171 -17.72 -0.89 10.30
CA PRO B 171 -16.61 -1.46 9.56
C PRO B 171 -16.57 -2.99 9.67
N ALA B 172 -16.81 -3.50 10.88
CA ALA B 172 -16.81 -4.95 11.10
C ALA B 172 -17.77 -5.67 10.17
N LEU B 173 -18.96 -5.11 9.98
CA LEU B 173 -19.96 -5.73 9.11
C LEU B 173 -19.68 -5.53 7.64
N ALA B 174 -19.21 -4.34 7.27
CA ALA B 174 -18.96 -4.06 5.86
C ALA B 174 -17.84 -4.94 5.32
N VAL B 175 -16.97 -5.34 6.22
CA VAL B 175 -15.82 -6.13 5.86
C VAL B 175 -16.09 -7.65 5.83
N GLY B 176 -17.32 -8.06 6.18
CA GLY B 176 -17.65 -9.47 6.12
C GLY B 176 -17.90 -10.16 7.44
N ASN B 177 -17.53 -9.52 8.55
CA ASN B 177 -17.75 -10.12 9.86
C ASN B 177 -19.23 -10.13 10.24
N ALA B 178 -19.56 -10.95 11.24
CA ALA B 178 -20.90 -10.99 11.80
C ALA B 178 -20.61 -10.37 13.16
N VAL B 179 -21.47 -9.49 13.67
CA VAL B 179 -21.17 -8.91 14.98
C VAL B 179 -22.27 -9.08 16.03
N VAL B 180 -21.84 -9.15 17.29
CA VAL B 180 -22.75 -9.29 18.41
C VAL B 180 -22.46 -8.14 19.38
N ILE B 181 -23.44 -7.25 19.55
CA ILE B 181 -23.24 -6.11 20.45
C ILE B 181 -23.72 -6.43 21.86
N LYS B 182 -22.98 -5.93 22.83
CA LYS B 182 -23.34 -6.11 24.23
C LYS B 182 -23.18 -4.72 24.83
N PRO B 183 -24.26 -3.93 24.80
CA PRO B 183 -24.24 -2.56 25.33
C PRO B 183 -24.08 -2.46 26.83
N ALA B 184 -23.85 -1.23 27.30
CA ALA B 184 -23.71 -0.96 28.71
C ALA B 184 -25.10 -1.09 29.34
N SER B 185 -25.12 -1.48 30.60
CA SER B 185 -26.35 -1.67 31.36
C SER B 185 -27.34 -0.49 31.22
N ASP B 186 -26.83 0.73 31.35
CA ASP B 186 -27.64 1.92 31.29
C ASP B 186 -28.23 2.33 29.94
N THR B 187 -27.51 2.02 28.85
CA THR B 187 -27.94 2.41 27.50
C THR B 187 -28.08 1.22 26.54
N PRO B 188 -28.93 0.24 26.89
CA PRO B 188 -29.12 -0.93 26.03
C PRO B 188 -29.78 -0.76 24.67
N VAL B 189 -30.48 0.35 24.46
CA VAL B 189 -31.14 0.58 23.17
C VAL B 189 -30.37 1.59 22.30
N THR B 190 -29.75 2.60 22.91
CA THR B 190 -28.98 3.57 22.12
C THR B 190 -27.62 2.97 21.81
N GLY B 191 -27.14 2.08 22.67
CA GLY B 191 -25.86 1.46 22.46
C GLY B 191 -25.99 0.07 21.86
N GLY B 192 -27.22 -0.41 21.69
CA GLY B 192 -27.40 -1.75 21.14
C GLY B 192 -28.60 -2.05 20.24
N VAL B 193 -29.80 -1.76 20.72
CA VAL B 193 -31.01 -2.03 19.94
C VAL B 193 -31.08 -1.22 18.66
N ILE B 194 -30.81 0.07 18.75
CA ILE B 194 -30.89 0.95 17.58
C ILE B 194 -29.91 0.59 16.47
N PRO B 195 -28.60 0.55 16.76
CA PRO B 195 -27.66 0.21 15.69
C PRO B 195 -28.00 -1.15 15.11
N ALA B 196 -28.38 -2.09 15.97
CA ALA B 196 -28.76 -3.43 15.55
C ALA B 196 -29.91 -3.33 14.58
N ARG B 197 -30.95 -2.60 15.00
CA ARG B 197 -32.14 -2.43 14.18
C ARG B 197 -31.87 -1.70 12.87
N ILE B 198 -31.00 -0.69 12.91
CA ILE B 198 -30.67 0.07 11.71
C ILE B 198 -30.05 -0.84 10.64
N PHE B 199 -29.20 -1.76 11.04
CA PHE B 199 -28.57 -2.67 10.08
C PHE B 199 -29.49 -3.78 9.61
N GLU B 200 -30.40 -4.21 10.48
CA GLU B 200 -31.35 -5.23 10.08
C GLU B 200 -32.26 -4.61 9.03
N GLU B 201 -32.69 -3.39 9.28
CA GLU B 201 -33.58 -2.71 8.37
C GLU B 201 -32.86 -2.44 7.06
N ALA B 202 -31.54 -2.31 7.12
CA ALA B 202 -30.74 -2.02 5.92
C ALA B 202 -30.54 -3.24 5.01
N GLY B 203 -30.76 -4.44 5.55
CA GLY B 203 -30.60 -5.63 4.73
C GLY B 203 -29.62 -6.66 5.26
N VAL B 204 -28.85 -6.32 6.27
CA VAL B 204 -27.90 -7.26 6.84
C VAL B 204 -28.66 -8.54 7.18
N PRO B 205 -28.27 -9.68 6.57
CA PRO B 205 -28.96 -10.94 6.84
C PRO B 205 -29.03 -11.45 8.27
N ALA B 206 -30.12 -12.15 8.55
CA ALA B 206 -30.41 -12.73 9.86
C ALA B 206 -29.19 -13.44 10.45
N GLY B 207 -28.87 -13.13 11.70
CA GLY B 207 -27.73 -13.72 12.37
C GLY B 207 -26.45 -12.90 12.27
N VAL B 208 -26.35 -12.09 11.22
CA VAL B 208 -25.17 -11.28 11.03
C VAL B 208 -25.08 -10.16 12.07
N ILE B 209 -26.17 -9.45 12.31
CA ILE B 209 -26.15 -8.42 13.36
C ILE B 209 -27.04 -8.91 14.50
N SER B 210 -26.55 -8.79 15.73
CA SER B 210 -27.30 -9.26 16.90
C SER B 210 -27.02 -8.36 18.09
N THR B 211 -27.95 -8.35 19.06
CA THR B 211 -27.75 -7.58 20.29
C THR B 211 -28.21 -8.37 21.47
N VAL B 212 -27.43 -8.30 22.52
CA VAL B 212 -27.70 -9.01 23.75
C VAL B 212 -27.32 -8.15 24.94
N ALA B 213 -28.34 -7.77 25.71
CA ALA B 213 -28.15 -6.95 26.89
C ALA B 213 -28.39 -7.84 28.12
N GLY B 214 -27.68 -7.53 29.21
CA GLY B 214 -27.82 -8.30 30.44
C GLY B 214 -26.95 -7.71 31.53
N ALA B 215 -27.16 -8.16 32.75
CA ALA B 215 -26.38 -7.67 33.89
C ALA B 215 -24.92 -8.11 33.77
N GLY B 216 -24.02 -7.23 34.21
CA GLY B 216 -22.60 -7.53 34.16
C GLY B 216 -22.25 -8.85 34.81
N SER B 217 -22.60 -8.98 36.09
CA SER B 217 -22.34 -10.19 36.88
C SER B 217 -22.87 -11.48 36.27
N GLU B 218 -23.83 -11.40 35.36
CA GLU B 218 -24.37 -12.62 34.77
C GLU B 218 -23.75 -12.98 33.42
N ILE B 219 -23.63 -12.00 32.52
CA ILE B 219 -23.09 -12.29 31.19
C ILE B 219 -21.76 -11.61 30.82
N GLY B 220 -21.40 -10.57 31.54
CA GLY B 220 -20.16 -9.85 31.27
C GLY B 220 -18.99 -10.72 30.86
N ASP B 221 -18.46 -11.50 31.81
CA ASP B 221 -17.32 -12.40 31.56
C ASP B 221 -17.57 -13.39 30.43
N HIS B 222 -18.72 -14.05 30.50
CA HIS B 222 -19.12 -15.05 29.53
C HIS B 222 -19.11 -14.56 28.08
N PHE B 223 -19.33 -13.26 27.89
CA PHE B 223 -19.37 -12.66 26.55
C PHE B 223 -17.98 -12.59 25.91
N VAL B 224 -16.98 -12.37 26.75
CA VAL B 224 -15.58 -12.24 26.34
C VAL B 224 -14.89 -13.60 26.22
N THR B 225 -15.02 -14.41 27.25
CA THR B 225 -14.42 -15.73 27.34
C THR B 225 -14.95 -16.74 26.32
N HIS B 226 -16.03 -16.38 25.63
CA HIS B 226 -16.64 -17.29 24.67
C HIS B 226 -15.70 -17.77 23.55
N ALA B 227 -15.94 -18.99 23.07
CA ALA B 227 -15.12 -19.63 22.04
C ALA B 227 -15.42 -19.25 20.59
N VAL B 228 -16.56 -18.65 20.35
CA VAL B 228 -16.91 -18.26 19.00
C VAL B 228 -16.22 -17.00 18.48
N PRO B 229 -16.31 -15.86 19.22
CA PRO B 229 -15.67 -14.64 18.74
C PRO B 229 -14.16 -14.66 18.54
N LYS B 230 -13.73 -14.21 17.38
CA LYS B 230 -12.30 -14.13 17.08
C LYS B 230 -11.79 -12.77 17.58
N LEU B 231 -12.68 -11.78 17.63
CA LEU B 231 -12.30 -10.46 18.10
C LEU B 231 -13.31 -9.87 19.09
N ILE B 232 -12.80 -9.23 20.13
CA ILE B 232 -13.66 -8.57 21.08
C ILE B 232 -13.25 -7.10 21.04
N SER B 233 -14.20 -6.24 20.70
CA SER B 233 -13.94 -4.80 20.64
C SER B 233 -14.57 -4.18 21.87
N PHE B 234 -13.77 -3.51 22.70
CA PHE B 234 -14.30 -2.88 23.92
C PHE B 234 -14.03 -1.38 23.99
N THR B 235 -15.06 -0.64 24.41
CA THR B 235 -14.97 0.80 24.58
C THR B 235 -15.57 1.13 25.95
N GLY B 236 -14.78 1.72 26.83
CA GLY B 236 -15.26 2.06 28.15
C GLY B 236 -14.19 2.66 29.02
N SER B 237 -14.21 2.31 30.31
CA SER B 237 -13.23 2.80 31.29
C SER B 237 -12.03 1.85 31.32
N THR B 238 -10.87 2.37 31.67
CA THR B 238 -9.66 1.57 31.67
C THR B 238 -9.64 0.35 32.61
N PRO B 239 -10.24 0.43 33.81
CA PRO B 239 -10.18 -0.76 34.66
C PRO B 239 -10.99 -1.92 34.12
N VAL B 240 -12.07 -1.58 33.43
CA VAL B 240 -12.92 -2.60 32.84
C VAL B 240 -12.25 -3.14 31.57
N GLY B 241 -11.50 -2.27 30.90
CA GLY B 241 -10.81 -2.70 29.69
C GLY B 241 -9.78 -3.77 30.06
N ARG B 242 -9.06 -3.53 31.14
CA ARG B 242 -8.04 -4.47 31.62
C ARG B 242 -8.66 -5.82 31.86
N ARG B 243 -9.78 -5.83 32.57
CA ARG B 243 -10.48 -7.06 32.90
C ARG B 243 -10.93 -7.80 31.64
N VAL B 244 -11.39 -7.05 30.65
CA VAL B 244 -11.80 -7.69 29.41
C VAL B 244 -10.54 -8.23 28.73
N GLY B 245 -9.43 -7.50 28.89
CA GLY B 245 -8.15 -7.90 28.31
C GLY B 245 -7.62 -9.19 28.92
N GLU B 246 -7.72 -9.30 30.24
CA GLU B 246 -7.28 -10.51 30.92
C GLU B 246 -8.14 -11.65 30.44
N LEU B 247 -9.45 -11.46 30.56
CA LEU B 247 -10.42 -12.48 30.18
C LEU B 247 -10.24 -13.05 28.78
N ALA B 248 -9.72 -12.22 27.88
CA ALA B 248 -9.52 -12.63 26.50
C ALA B 248 -8.35 -13.59 26.34
N ILE B 249 -7.38 -13.54 27.24
CA ILE B 249 -6.21 -14.40 27.16
C ILE B 249 -6.16 -15.47 28.26
N ASN B 250 -7.03 -15.38 29.25
CA ASN B 250 -7.06 -16.36 30.34
C ASN B 250 -8.19 -17.39 30.19
N GLY B 251 -7.91 -18.41 29.37
CA GLY B 251 -8.88 -19.48 29.11
C GLY B 251 -10.02 -19.00 28.23
N GLY B 252 -9.87 -19.18 26.92
CA GLY B 252 -10.90 -18.76 26.00
C GLY B 252 -11.36 -19.73 24.94
N PRO B 253 -10.50 -20.12 23.97
CA PRO B 253 -9.12 -19.69 23.67
C PRO B 253 -8.87 -18.20 23.57
N MET B 254 -7.62 -17.85 23.35
CA MET B 254 -7.26 -16.45 23.22
C MET B 254 -7.84 -15.92 21.92
N LYS B 255 -8.25 -14.65 21.96
CA LYS B 255 -8.83 -13.99 20.82
C LYS B 255 -8.25 -12.59 20.85
N THR B 256 -8.31 -11.88 19.74
CA THR B 256 -7.78 -10.52 19.71
C THR B 256 -8.73 -9.62 20.50
N VAL B 257 -8.19 -8.66 21.23
CA VAL B 257 -9.03 -7.74 21.98
C VAL B 257 -8.61 -6.32 21.64
N ALA B 258 -9.55 -5.56 21.06
CA ALA B 258 -9.27 -4.18 20.69
C ALA B 258 -9.87 -3.26 21.76
N LEU B 259 -9.01 -2.68 22.59
CA LEU B 259 -9.43 -1.81 23.67
C LEU B 259 -9.38 -0.31 23.34
N GLU B 260 -10.55 0.32 23.35
CA GLU B 260 -10.68 1.75 23.07
C GLU B 260 -10.80 2.47 24.40
N LEU B 261 -9.66 2.67 25.05
CA LEU B 261 -9.66 3.30 26.35
C LEU B 261 -9.45 4.80 26.39
N GLY B 262 -10.55 5.55 26.44
CA GLY B 262 -10.43 6.99 26.57
C GLY B 262 -9.90 7.09 27.99
N GLY B 263 -9.06 8.08 28.26
CA GLY B 263 -8.53 8.22 29.60
C GLY B 263 -8.65 9.68 29.98
N ASN B 264 -7.53 10.29 30.31
CA ASN B 264 -7.53 11.70 30.64
C ASN B 264 -6.76 12.37 29.50
N ALA B 265 -7.48 12.71 28.43
CA ALA B 265 -6.90 13.33 27.24
C ALA B 265 -6.35 14.75 27.51
N PRO B 266 -5.24 15.13 26.83
CA PRO B 266 -4.65 16.45 27.02
C PRO B 266 -4.90 17.44 25.90
N PHE B 267 -5.00 18.72 26.27
CA PHE B 267 -5.22 19.82 25.36
C PHE B 267 -4.04 20.74 25.67
N VAL B 268 -3.00 20.72 24.84
CA VAL B 268 -1.83 21.56 25.08
C VAL B 268 -1.87 22.86 24.29
N VAL B 269 -1.59 23.96 24.98
CA VAL B 269 -1.58 25.28 24.35
C VAL B 269 -0.16 25.80 24.47
N LEU B 270 0.52 25.91 23.34
CA LEU B 270 1.90 26.37 23.37
C LEU B 270 1.97 27.89 23.50
N ALA B 271 3.18 28.42 23.70
CA ALA B 271 3.39 29.86 23.85
C ALA B 271 2.95 30.74 22.68
N ASP B 272 3.05 30.23 21.45
CA ASP B 272 2.68 31.04 20.28
C ASP B 272 1.26 30.78 19.79
N ALA B 273 0.49 30.09 20.61
CA ALA B 273 -0.89 29.77 20.28
C ALA B 273 -1.82 30.97 20.29
N ASP B 274 -2.87 30.89 19.49
CA ASP B 274 -3.89 31.92 19.40
C ASP B 274 -4.75 31.62 20.62
N ILE B 275 -4.42 32.25 21.75
CA ILE B 275 -5.15 32.01 23.00
C ILE B 275 -6.65 32.20 22.83
N ASP B 276 -7.06 33.07 21.92
CA ASP B 276 -8.48 33.31 21.68
C ASP B 276 -9.17 32.04 21.23
N ALA B 277 -8.81 31.57 20.04
CA ALA B 277 -9.41 30.37 19.46
C ALA B 277 -9.21 29.15 20.36
N ALA B 278 -8.03 29.00 20.94
CA ALA B 278 -7.76 27.88 21.81
C ALA B 278 -8.73 27.86 22.98
N ALA B 279 -9.05 29.04 23.51
CA ALA B 279 -9.97 29.13 24.64
C ALA B 279 -11.33 28.59 24.22
N GLN B 280 -11.81 29.08 23.09
CA GLN B 280 -13.08 28.67 22.51
C GLN B 280 -13.08 27.16 22.32
N ALA B 281 -12.03 26.67 21.64
CA ALA B 281 -11.86 25.26 21.34
C ALA B 281 -11.86 24.37 22.58
N ALA B 282 -11.01 24.71 23.55
CA ALA B 282 -10.93 23.90 24.77
C ALA B 282 -12.29 23.79 25.46
N ALA B 283 -13.13 24.81 25.29
CA ALA B 283 -14.45 24.81 25.89
C ALA B 283 -15.36 23.80 25.19
N VAL B 284 -15.20 23.67 23.88
CA VAL B 284 -16.01 22.74 23.09
C VAL B 284 -15.61 21.29 23.36
N GLY B 285 -14.31 21.08 23.47
CA GLY B 285 -13.79 19.74 23.70
C GLY B 285 -13.99 19.26 25.13
N ALA B 286 -14.06 20.19 26.07
CA ALA B 286 -14.24 19.84 27.47
C ALA B 286 -15.69 19.52 27.84
N PHE B 287 -16.65 20.16 27.17
CA PHE B 287 -18.05 19.95 27.49
C PHE B 287 -19.01 19.53 26.36
N LEU B 288 -19.00 20.25 25.24
CA LEU B 288 -19.90 19.91 24.14
C LEU B 288 -19.61 18.52 23.58
N HIS B 289 -18.39 18.05 23.78
CA HIS B 289 -17.97 16.75 23.27
C HIS B 289 -17.60 15.77 24.36
N GLN B 290 -17.90 16.12 25.59
CA GLN B 290 -17.60 15.23 26.71
C GLN B 290 -18.28 13.88 26.44
N GLY B 291 -17.58 12.79 26.78
CA GLY B 291 -18.15 11.48 26.55
C GLY B 291 -17.66 10.84 25.27
N GLN B 292 -17.34 11.66 24.28
CA GLN B 292 -16.83 11.21 22.98
C GLN B 292 -15.33 11.00 23.18
N ILE B 293 -14.91 9.74 23.30
CA ILE B 293 -13.50 9.40 23.56
C ILE B 293 -12.45 9.98 22.60
N CYS B 294 -12.82 10.20 21.36
CA CYS B 294 -11.88 10.72 20.36
C CYS B 294 -11.77 12.24 20.22
N MET B 295 -12.65 13.00 20.89
CA MET B 295 -12.64 14.47 20.79
C MET B 295 -12.61 15.12 22.16
N SER B 296 -13.02 14.36 23.16
CA SER B 296 -13.07 14.83 24.54
C SER B 296 -11.70 15.04 25.17
N ILE B 297 -11.64 16.03 26.05
CA ILE B 297 -10.44 16.36 26.80
C ILE B 297 -10.87 16.70 28.23
N ASN B 298 -10.05 16.34 29.20
CA ASN B 298 -10.39 16.63 30.59
C ASN B 298 -9.28 17.36 31.35
N ARG B 299 -8.33 17.93 30.62
CA ARG B 299 -7.25 18.69 31.22
C ARG B 299 -6.49 19.49 30.18
N VAL B 300 -6.41 20.79 30.38
CA VAL B 300 -5.70 21.66 29.46
C VAL B 300 -4.37 22.02 30.09
N ILE B 301 -3.29 21.79 29.33
CA ILE B 301 -1.93 22.08 29.76
C ILE B 301 -1.54 23.36 29.02
N VAL B 302 -1.18 24.38 29.79
CA VAL B 302 -0.84 25.67 29.24
C VAL B 302 0.53 26.17 29.69
N ASP B 303 1.25 26.77 28.74
CA ASP B 303 2.57 27.33 28.98
C ASP B 303 2.43 28.50 29.95
N ALA B 304 3.44 28.70 30.77
CA ALA B 304 3.44 29.77 31.77
C ALA B 304 3.25 31.18 31.19
N ALA B 305 3.85 31.43 30.03
CA ALA B 305 3.78 32.74 29.38
C ALA B 305 2.39 33.20 28.90
N VAL B 306 1.43 32.28 28.88
CA VAL B 306 0.08 32.63 28.43
C VAL B 306 -0.99 32.04 29.38
N HIS B 307 -0.54 31.36 30.42
CA HIS B 307 -1.42 30.73 31.40
C HIS B 307 -2.49 31.66 31.98
N ASP B 308 -2.08 32.73 32.62
CA ASP B 308 -3.03 33.66 33.24
C ASP B 308 -4.06 34.19 32.24
N GLU B 309 -3.60 34.51 31.03
CA GLU B 309 -4.49 35.02 29.98
C GLU B 309 -5.51 33.97 29.52
N PHE B 310 -5.01 32.78 29.17
CA PHE B 310 -5.87 31.69 28.72
C PHE B 310 -6.88 31.30 29.80
N LEU B 311 -6.39 31.06 31.02
CA LEU B 311 -7.27 30.68 32.12
C LEU B 311 -8.39 31.70 32.24
N GLU B 312 -8.04 32.98 32.13
CA GLU B 312 -9.00 34.07 32.21
C GLU B 312 -10.10 33.88 31.17
N LYS B 313 -9.69 33.81 29.91
CA LYS B 313 -10.61 33.67 28.79
C LYS B 313 -11.36 32.35 28.77
N PHE B 314 -10.73 31.29 29.28
CA PHE B 314 -11.32 29.97 29.31
C PHE B 314 -12.46 29.88 30.34
N VAL B 315 -12.28 30.54 31.48
CA VAL B 315 -13.30 30.53 32.53
C VAL B 315 -14.51 31.36 32.09
N GLU B 316 -14.27 32.51 31.48
CA GLU B 316 -15.37 33.35 31.03
C GLU B 316 -16.11 32.69 29.88
N ALA B 317 -15.51 31.67 29.29
CA ALA B 317 -16.13 30.97 28.19
C ALA B 317 -17.00 29.82 28.69
N VAL B 318 -16.61 29.20 29.80
CA VAL B 318 -17.39 28.07 30.34
C VAL B 318 -18.54 28.48 31.26
N LYS B 319 -18.48 29.70 31.78
CA LYS B 319 -19.54 30.21 32.64
C LYS B 319 -20.81 30.31 31.80
N ASN B 320 -20.61 30.51 30.49
CA ASN B 320 -21.71 30.62 29.54
C ASN B 320 -22.15 29.29 28.93
N ILE B 321 -21.93 28.20 29.64
CA ILE B 321 -22.34 26.90 29.13
C ILE B 321 -23.57 26.47 29.94
N PRO B 322 -24.78 26.69 29.38
CA PRO B 322 -26.01 26.31 30.06
C PRO B 322 -26.13 24.86 30.46
N THR B 323 -26.46 24.63 31.73
CA THR B 323 -26.63 23.29 32.24
C THR B 323 -28.10 23.16 32.60
N GLY B 324 -28.79 22.20 31.99
CA GLY B 324 -30.19 22.03 32.28
C GLY B 324 -30.85 20.81 31.67
N ASP B 325 -32.12 20.99 31.33
CA ASP B 325 -32.95 19.96 30.74
C ASP B 325 -32.43 19.61 29.35
N PRO B 326 -31.88 18.39 29.18
CA PRO B 326 -31.36 17.99 27.87
C PRO B 326 -32.41 18.12 26.75
N SER B 327 -33.68 17.97 27.10
CA SER B 327 -34.78 18.07 26.12
C SER B 327 -34.85 19.45 25.47
N ALA B 328 -34.25 20.44 26.13
CA ALA B 328 -34.22 21.80 25.61
C ALA B 328 -33.17 21.92 24.50
N GLY B 330 -31.95 24.66 24.89
CA GLY B 330 -30.60 25.04 24.48
C GLY B 330 -29.52 24.57 25.43
N THR B 331 -29.81 23.49 26.15
CA THR B 331 -28.83 22.94 27.10
C THR B 331 -27.61 22.42 26.33
N LEU B 332 -26.47 22.33 27.01
CA LEU B 332 -25.25 21.87 26.40
C LEU B 332 -24.55 20.86 27.29
N VAL B 333 -25.10 20.64 28.47
CA VAL B 333 -24.56 19.69 29.42
C VAL B 333 -25.68 19.05 30.23
N GLY B 334 -26.08 17.85 29.84
CA GLY B 334 -27.16 17.15 30.52
C GLY B 334 -26.71 16.47 31.80
N PRO B 335 -27.54 15.58 32.37
CA PRO B 335 -27.23 14.88 33.61
C PRO B 335 -26.27 13.67 33.43
N VAL B 336 -25.64 13.28 34.53
CA VAL B 336 -24.73 12.15 34.57
C VAL B 336 -25.62 10.92 34.38
N ILE B 337 -25.03 9.79 33.99
CA ILE B 337 -25.80 8.57 33.69
C ILE B 337 -26.35 7.71 34.85
N ASN B 338 -25.54 7.48 35.87
CA ASN B 338 -25.91 6.66 37.03
C ASN B 338 -25.83 7.44 38.32
N ASP B 339 -26.31 6.85 39.41
CA ASP B 339 -26.22 7.50 40.70
C ASP B 339 -24.86 7.06 41.23
N SER B 340 -24.31 6.04 40.57
CA SER B 340 -22.99 5.49 40.89
C SER B 340 -21.95 6.40 40.24
N GLN B 341 -22.31 6.88 39.05
CA GLN B 341 -21.45 7.78 38.29
C GLN B 341 -21.47 9.17 38.95
N LEU B 342 -22.57 9.50 39.64
CA LEU B 342 -22.71 10.78 40.32
C LEU B 342 -21.76 10.88 41.50
N SER B 343 -21.72 9.84 42.33
CA SER B 343 -20.84 9.82 43.49
C SER B 343 -19.40 10.05 43.07
N GLY B 344 -18.94 9.21 42.14
CA GLY B 344 -17.57 9.31 41.66
C GLY B 344 -17.12 10.71 41.33
N LEU B 345 -17.99 11.47 40.68
CA LEU B 345 -17.68 12.84 40.31
C LEU B 345 -17.54 13.66 41.57
N LYS B 346 -18.51 13.50 42.47
CA LYS B 346 -18.55 14.21 43.76
C LYS B 346 -17.24 14.02 44.50
N GLU B 347 -16.81 12.76 44.50
CA GLU B 347 -15.60 12.31 45.15
C GLU B 347 -14.35 12.96 44.55
N LYS B 348 -14.32 13.12 43.23
CA LYS B 348 -13.18 13.71 42.55
C LYS B 348 -13.09 15.22 42.76
N ILE B 349 -14.24 15.88 42.83
CA ILE B 349 -14.27 17.32 43.06
C ILE B 349 -13.68 17.61 44.44
N GLU B 350 -14.14 16.85 45.42
CA GLU B 350 -13.66 17.00 46.78
C GLU B 350 -12.16 16.78 46.82
N LEU B 351 -11.75 15.58 46.37
CA LEU B 351 -10.36 15.16 46.35
C LEU B 351 -9.42 16.17 45.69
N ALA B 352 -9.89 16.85 44.66
CA ALA B 352 -9.06 17.86 43.99
C ALA B 352 -8.88 19.00 44.98
N LYS B 353 -9.98 19.43 45.60
CA LYS B 353 -9.92 20.50 46.59
C LYS B 353 -8.98 20.08 47.72
N LYS B 354 -9.16 18.85 48.20
CA LYS B 354 -8.35 18.29 49.28
C LYS B 354 -6.85 18.21 48.94
N GLU B 355 -6.52 17.80 47.71
CA GLU B 355 -5.11 17.71 47.29
C GLU B 355 -4.49 19.08 47.01
N GLY B 356 -5.22 20.13 47.34
CA GLY B 356 -4.71 21.46 47.13
C GLY B 356 -4.90 22.07 45.76
N ALA B 357 -6.01 21.75 45.10
CA ALA B 357 -6.28 22.31 43.78
C ALA B 357 -7.04 23.62 44.02
N THR B 358 -7.06 24.48 43.01
CA THR B 358 -7.74 25.78 43.13
C THR B 358 -9.00 25.83 42.25
N VAL B 359 -10.15 26.03 42.91
CA VAL B 359 -11.43 26.13 42.21
C VAL B 359 -11.41 27.39 41.34
N GLN B 360 -11.85 27.25 40.10
CA GLN B 360 -11.89 28.36 39.15
C GLN B 360 -13.30 28.59 38.64
N VAL B 361 -14.11 27.54 38.68
CA VAL B 361 -15.48 27.59 38.23
C VAL B 361 -16.21 26.45 38.89
N GLU B 362 -17.19 26.75 39.73
CA GLU B 362 -17.95 25.71 40.39
C GLU B 362 -19.43 25.94 40.16
N GLY B 363 -20.16 24.85 39.99
CA GLY B 363 -21.58 24.96 39.75
C GLY B 363 -22.38 24.11 40.72
N PRO B 364 -23.68 24.32 40.77
CA PRO B 364 -24.52 23.53 41.68
C PRO B 364 -24.66 22.10 41.19
N ILE B 365 -25.10 21.23 42.08
CA ILE B 365 -25.29 19.83 41.74
C ILE B 365 -26.69 19.36 42.14
N GLU B 366 -27.68 19.55 41.26
CA GLU B 366 -29.06 19.13 41.54
C GLU B 366 -29.43 17.82 40.86
N GLY B 367 -29.65 16.77 41.66
CA GLY B 367 -29.98 15.48 41.10
C GLY B 367 -28.73 14.95 40.43
N ARG B 368 -28.82 14.59 39.16
CA ARG B 368 -27.65 14.10 38.45
C ARG B 368 -27.16 15.20 37.51
N LEU B 369 -27.64 16.42 37.73
CA LEU B 369 -27.24 17.55 36.89
C LEU B 369 -26.01 18.28 37.42
N VAL B 370 -24.84 17.72 37.17
CA VAL B 370 -23.59 18.34 37.60
C VAL B 370 -23.24 19.47 36.64
N HIS B 371 -22.93 20.64 37.19
CA HIS B 371 -22.54 21.79 36.39
C HIS B 371 -21.04 21.74 36.20
N PRO B 372 -20.51 22.44 35.18
CA PRO B 372 -19.07 22.45 34.94
C PRO B 372 -18.24 22.76 36.19
N HIS B 373 -16.97 22.38 36.16
CA HIS B 373 -16.05 22.65 37.24
C HIS B 373 -14.66 22.79 36.65
N VAL B 374 -13.96 23.85 37.04
CA VAL B 374 -12.61 24.10 36.54
C VAL B 374 -11.63 24.22 37.72
N PHE B 375 -10.39 23.80 37.52
CA PHE B 375 -9.37 23.83 38.57
C PHE B 375 -8.02 24.25 38.01
N SER B 376 -7.52 25.39 38.44
CA SER B 376 -6.21 25.85 37.99
C SER B 376 -5.25 25.34 39.05
N ASP B 377 -3.98 25.68 38.92
CA ASP B 377 -2.98 25.24 39.87
C ASP B 377 -3.07 23.74 40.15
N VAL B 378 -3.02 22.95 39.07
CA VAL B 378 -3.08 21.49 39.17
C VAL B 378 -1.72 20.89 38.78
N THR B 379 -1.34 19.81 39.44
CA THR B 379 -0.07 19.13 39.18
C THR B 379 -0.34 17.72 38.66
N SER B 380 0.58 17.21 37.84
CA SER B 380 0.44 15.90 37.20
C SER B 380 0.31 14.72 38.15
N ASP B 381 0.61 14.96 39.42
CA ASP B 381 0.51 13.91 40.42
C ASP B 381 -0.85 13.90 41.11
N MET B 382 -1.64 14.95 40.92
CA MET B 382 -2.95 15.01 41.55
C MET B 382 -3.88 14.03 40.83
N GLU B 383 -4.71 13.33 41.60
CA GLU B 383 -5.61 12.33 41.04
C GLU B 383 -6.50 12.90 39.92
N ILE B 384 -6.98 14.12 40.11
CA ILE B 384 -7.84 14.80 39.15
C ILE B 384 -7.21 14.83 37.76
N ALA B 385 -5.88 14.75 37.71
CA ALA B 385 -5.16 14.78 36.44
C ALA B 385 -4.72 13.38 35.98
N ARG B 386 -4.29 12.55 36.92
CA ARG B 386 -3.84 11.20 36.60
C ARG B 386 -4.97 10.33 36.07
N GLU B 387 -6.05 10.28 36.83
CA GLU B 387 -7.19 9.42 36.49
C GLU B 387 -8.18 9.89 35.45
N GLU B 388 -8.89 8.90 34.93
CA GLU B 388 -9.92 9.08 33.93
C GLU B 388 -11.07 9.78 34.64
N ILE B 389 -11.70 10.74 33.96
CA ILE B 389 -12.79 11.50 34.56
C ILE B 389 -14.20 11.15 34.09
N PHE B 390 -14.48 11.25 32.80
CA PHE B 390 -15.81 10.92 32.31
C PHE B 390 -16.91 11.72 33.03
N GLY B 391 -16.82 13.04 32.87
CA GLY B 391 -17.77 13.95 33.49
C GLY B 391 -17.30 15.38 33.25
N PRO B 392 -18.17 16.39 33.43
CA PRO B 392 -17.78 17.79 33.22
C PRO B 392 -16.81 18.38 34.23
N LEU B 393 -15.69 17.67 34.42
CA LEU B 393 -14.62 18.08 35.33
C LEU B 393 -13.48 18.57 34.46
N ILE B 394 -12.79 19.63 34.88
CA ILE B 394 -11.72 20.14 34.04
C ILE B 394 -10.55 20.77 34.80
N SER B 395 -9.36 20.18 34.63
CA SER B 395 -8.14 20.67 35.28
C SER B 395 -7.27 21.53 34.35
N VAL B 396 -6.57 22.50 34.91
CA VAL B 396 -5.67 23.35 34.11
C VAL B 396 -4.28 23.27 34.76
N LEU B 397 -3.35 22.60 34.09
CA LEU B 397 -1.99 22.45 34.60
C LEU B 397 -1.06 23.48 33.95
N LYS B 398 -0.05 23.92 34.69
CA LYS B 398 0.89 24.89 34.16
C LYS B 398 2.25 24.27 33.78
N ALA B 399 2.68 24.55 32.56
CA ALA B 399 3.95 24.06 32.06
C ALA B 399 4.82 25.29 31.88
N ASP B 400 5.94 25.32 32.61
CA ASP B 400 6.84 26.47 32.54
C ASP B 400 7.87 26.34 31.43
N ASP B 401 7.64 25.37 30.55
CA ASP B 401 8.54 25.11 29.45
C ASP B 401 7.79 24.30 28.40
N GLU B 402 8.16 24.44 27.13
CA GLU B 402 7.50 23.70 26.06
C GLU B 402 7.86 22.21 26.22
N ALA B 403 9.09 21.94 26.62
CA ALA B 403 9.52 20.57 26.85
C ALA B 403 8.70 19.99 28.00
N HIS B 404 8.44 20.81 29.02
CA HIS B 404 7.66 20.37 30.17
C HIS B 404 6.22 20.05 29.76
N ALA B 405 5.73 20.72 28.73
CA ALA B 405 4.38 20.49 28.23
C ALA B 405 4.27 19.04 27.77
N ALA B 406 5.26 18.60 27.00
CA ALA B 406 5.30 17.23 26.50
C ALA B 406 5.26 16.20 27.64
N GLU B 407 6.01 16.46 28.70
CA GLU B 407 6.04 15.57 29.87
C GLU B 407 4.65 15.57 30.52
N LEU B 408 4.06 16.76 30.64
CA LEU B 408 2.73 16.87 31.26
C LEU B 408 1.70 16.10 30.45
N ALA B 409 1.80 16.17 29.13
CA ALA B 409 0.89 15.49 28.21
C ALA B 409 0.96 13.96 28.28
N ASN B 410 2.15 13.45 28.54
CA ASN B 410 2.35 12.00 28.61
C ASN B 410 2.22 11.46 30.03
N ALA B 411 2.21 12.38 31.01
CA ALA B 411 2.13 11.99 32.42
C ALA B 411 0.90 11.14 32.79
N SER B 412 -0.21 11.36 32.10
CA SER B 412 -1.40 10.58 32.39
C SER B 412 -1.69 9.65 31.21
N ASP B 413 -2.28 8.51 31.53
CA ASP B 413 -2.65 7.54 30.53
C ASP B 413 -3.91 8.03 29.86
N PHE B 414 -3.96 7.87 28.55
CA PHE B 414 -5.10 8.23 27.75
C PHE B 414 -4.74 7.55 26.43
N GLY B 415 -5.76 7.01 25.74
CA GLY B 415 -5.55 6.33 24.47
C GLY B 415 -5.82 7.16 23.22
N LEU B 416 -7.10 7.41 22.90
CA LEU B 416 -7.59 8.18 21.73
C LEU B 416 -6.78 9.37 21.19
N SER B 417 -7.23 10.58 21.55
CA SER B 417 -6.63 11.78 21.07
C SER B 417 -5.97 12.70 22.04
N ALA B 418 -5.35 13.72 21.45
CA ALA B 418 -4.63 14.79 22.12
C ALA B 418 -4.66 15.92 21.11
N ALA B 419 -4.78 17.13 21.64
CA ALA B 419 -4.87 18.35 20.88
C ALA B 419 -3.82 19.36 21.31
N VAL B 420 -3.41 20.16 20.35
CA VAL B 420 -2.40 21.17 20.57
C VAL B 420 -2.66 22.39 19.70
N TRP B 421 -2.38 23.55 20.27
CA TRP B 421 -2.57 24.82 19.61
C TRP B 421 -1.30 25.59 19.54
N SER B 422 -1.00 26.03 18.33
CA SER B 422 0.22 26.76 18.06
C SER B 422 0.13 27.34 16.66
N LYS B 423 0.58 28.58 16.50
CA LYS B 423 0.55 29.23 15.21
C LYS B 423 1.62 28.64 14.28
N ASP B 424 2.76 28.22 14.84
CA ASP B 424 3.84 27.63 14.06
C ASP B 424 3.53 26.16 13.71
N ILE B 425 2.80 25.99 12.60
CA ILE B 425 2.39 24.67 12.16
C ILE B 425 3.55 23.69 12.16
N ASP B 426 4.68 24.10 11.61
CA ASP B 426 5.82 23.21 11.55
C ASP B 426 6.32 22.73 12.90
N ARG B 427 6.60 23.65 13.84
CA ARG B 427 7.11 23.24 15.15
C ARG B 427 6.08 22.39 15.93
N ALA B 428 4.82 22.80 15.86
CA ALA B 428 3.73 22.10 16.53
C ALA B 428 3.68 20.66 16.04
N ALA B 429 3.78 20.48 14.74
CA ALA B 429 3.77 19.14 14.15
C ALA B 429 4.89 18.29 14.74
N GLN B 430 6.07 18.89 14.92
CA GLN B 430 7.20 18.17 15.48
C GLN B 430 6.96 17.83 16.94
N PHE B 431 6.39 18.78 17.66
CA PHE B 431 6.05 18.63 19.08
C PHE B 431 5.02 17.51 19.24
N ALA B 432 4.06 17.48 18.30
CA ALA B 432 3.01 16.49 18.32
C ALA B 432 3.60 15.09 18.34
N LEU B 433 4.66 14.88 17.54
CA LEU B 433 5.28 13.58 17.49
C LEU B 433 5.87 13.24 18.85
N GLN B 434 6.13 14.26 19.66
CA GLN B 434 6.70 14.06 20.99
C GLN B 434 5.67 13.63 22.04
N ILE B 435 4.42 13.44 21.61
CA ILE B 435 3.35 13.01 22.50
C ILE B 435 2.97 11.56 22.18
N ASP B 436 2.76 10.76 23.23
CA ASP B 436 2.40 9.36 23.06
C ASP B 436 0.91 9.09 22.82
N SER B 437 0.43 9.44 21.63
CA SER B 437 -0.97 9.21 21.26
C SER B 437 -0.94 8.85 19.80
N GLY B 438 -1.91 8.07 19.36
CA GLY B 438 -1.97 7.67 17.97
C GLY B 438 -2.61 8.74 17.11
N MET B 439 -3.19 9.75 17.78
CA MET B 439 -3.84 10.87 17.13
C MET B 439 -3.50 12.15 17.86
N VAL B 440 -3.07 13.16 17.11
CA VAL B 440 -2.76 14.46 17.66
C VAL B 440 -3.28 15.46 16.64
N HIS B 441 -4.20 16.32 17.08
CA HIS B 441 -4.78 17.32 16.19
C HIS B 441 -4.30 18.72 16.56
N ILE B 442 -3.87 19.46 15.55
CA ILE B 442 -3.37 20.81 15.72
C ILE B 442 -4.34 21.86 15.20
N ASN B 443 -4.60 22.85 16.06
CA ASN B 443 -5.49 23.96 15.77
C ASN B 443 -6.91 23.65 15.38
N ASP B 444 -7.57 22.81 16.19
CA ASP B 444 -9.01 22.48 16.03
C ASP B 444 -9.52 21.56 17.12
N ARG B 465 -10.95 11.84 15.18
CA ARG B 465 -11.82 11.31 14.12
C ARG B 465 -11.67 9.81 13.91
N PHE B 466 -12.10 9.35 12.73
CA PHE B 466 -12.11 7.93 12.34
C PHE B 466 -11.20 7.63 11.14
N ASN B 467 -10.33 6.62 11.30
CA ASN B 467 -9.39 6.22 10.25
C ASN B 467 -9.79 4.88 9.59
N GLY B 468 -10.26 4.97 8.36
CA GLY B 468 -10.69 3.78 7.62
C GLY B 468 -9.64 2.72 7.42
N ASP B 469 -8.41 3.12 7.12
CA ASP B 469 -7.32 2.19 6.92
C ASP B 469 -7.08 1.43 8.22
N TRP B 470 -7.07 2.14 9.33
CA TRP B 470 -6.86 1.53 10.62
C TRP B 470 -8.01 0.57 10.97
N ALA B 471 -9.20 0.90 10.50
CA ALA B 471 -10.39 0.09 10.76
C ALA B 471 -10.46 -1.19 9.92
N ILE B 472 -10.17 -1.11 8.63
CA ILE B 472 -10.25 -2.31 7.80
C ILE B 472 -9.23 -3.32 8.29
N GLU B 473 -8.12 -2.83 8.83
CA GLU B 473 -7.05 -3.69 9.33
C GLU B 473 -7.41 -4.32 10.67
N GLU B 474 -8.21 -3.63 11.47
CA GLU B 474 -8.62 -4.17 12.76
C GLU B 474 -9.68 -5.29 12.63
N PHE B 475 -10.48 -5.25 11.57
CA PHE B 475 -11.54 -6.23 11.37
C PHE B 475 -11.33 -7.27 10.26
N THR B 476 -10.07 -7.48 9.87
CA THR B 476 -9.73 -8.45 8.86
C THR B 476 -8.48 -9.14 9.37
N THR B 477 -8.17 -10.29 8.78
CA THR B 477 -6.95 -10.99 9.15
C THR B 477 -6.26 -11.39 7.86
N ASP B 478 -4.94 -11.42 7.92
CA ASP B 478 -4.18 -11.81 6.75
C ASP B 478 -3.87 -13.29 6.83
N ARG B 479 -4.26 -14.00 5.78
CA ARG B 479 -4.04 -15.44 5.71
C ARG B 479 -3.00 -15.78 4.61
N TRP B 480 -1.76 -16.02 5.02
CA TRP B 480 -0.69 -16.37 4.05
C TRP B 480 -0.78 -17.83 3.61
N ILE B 481 -1.09 -18.05 2.34
CA ILE B 481 -1.18 -19.41 1.80
C ILE B 481 -0.04 -19.71 0.83
N GLY B 482 0.91 -20.54 1.27
CA GLY B 482 2.04 -20.93 0.44
C GLY B 482 1.70 -22.12 -0.44
N ILE B 483 1.91 -21.96 -1.74
CA ILE B 483 1.59 -23.02 -2.68
C ILE B 483 2.82 -23.51 -3.44
N LYS B 484 3.27 -24.72 -3.15
CA LYS B 484 4.41 -25.28 -3.87
C LYS B 484 3.89 -26.11 -5.03
N ARG B 485 4.28 -25.74 -6.24
CA ARG B 485 3.85 -26.45 -7.42
C ARG B 485 4.76 -27.66 -7.71
N THR C 6 40.82 -0.90 -22.38
CA THR C 6 40.15 -2.10 -21.81
C THR C 6 39.66 -1.79 -20.39
N PHE C 7 38.70 -2.60 -19.94
CA PHE C 7 38.09 -2.51 -18.60
C PHE C 7 37.83 -3.82 -17.85
N ALA C 8 38.41 -3.90 -16.64
CA ALA C 8 38.24 -5.05 -15.76
C ALA C 8 38.48 -6.30 -16.56
N GLY C 9 39.60 -6.35 -17.25
CA GLY C 9 39.90 -7.49 -18.06
C GLY C 9 39.45 -7.25 -19.48
N ILE C 10 38.25 -7.70 -19.81
CA ILE C 10 37.67 -7.58 -21.16
C ILE C 10 38.04 -6.35 -22.03
N ASP C 11 37.93 -6.56 -23.34
CA ASP C 11 38.19 -5.55 -24.37
C ASP C 11 37.11 -4.48 -24.34
N ALA C 12 37.49 -3.28 -23.89
CA ALA C 12 36.56 -2.15 -23.78
C ALA C 12 35.93 -1.63 -25.08
N THR C 13 36.38 -2.12 -26.23
CA THR C 13 35.83 -1.63 -27.48
C THR C 13 34.75 -2.55 -28.03
N LYS C 14 34.60 -3.71 -27.41
CA LYS C 14 33.61 -4.69 -27.86
C LYS C 14 32.20 -4.42 -27.33
N HIS C 15 31.23 -5.13 -27.90
CA HIS C 15 29.83 -5.01 -27.52
C HIS C 15 29.33 -6.32 -26.94
N LEU C 16 28.81 -6.28 -25.72
CA LEU C 16 28.25 -7.47 -25.07
C LEU C 16 26.92 -7.78 -25.75
N ILE C 17 26.89 -8.90 -26.46
CA ILE C 17 25.71 -9.36 -27.18
C ILE C 17 25.61 -10.86 -26.90
N GLY C 18 24.39 -11.35 -26.72
CA GLY C 18 24.17 -12.76 -26.44
C GLY C 18 25.10 -13.29 -25.36
N GLY C 19 25.47 -12.40 -24.44
CA GLY C 19 26.34 -12.80 -23.34
C GLY C 19 27.82 -12.81 -23.66
N GLN C 20 28.15 -12.62 -24.93
CA GLN C 20 29.56 -12.63 -25.32
C GLN C 20 30.02 -11.29 -25.87
N TRP C 21 31.16 -10.82 -25.38
CA TRP C 21 31.71 -9.57 -25.86
C TRP C 21 32.24 -9.85 -27.26
N VAL C 22 31.79 -9.05 -28.23
CA VAL C 22 32.21 -9.22 -29.61
C VAL C 22 32.48 -7.88 -30.31
N GLU C 23 33.07 -7.96 -31.50
CA GLU C 23 33.39 -6.80 -32.31
C GLU C 23 32.16 -6.49 -33.16
N GLY C 24 31.92 -5.21 -33.44
CA GLY C 24 30.77 -4.81 -34.23
C GLY C 24 30.83 -5.15 -35.70
N ASN C 25 29.65 -5.28 -36.31
CA ASN C 25 29.54 -5.61 -37.73
C ASN C 25 29.26 -4.41 -38.62
N SER C 26 29.35 -3.21 -38.07
CA SER C 26 29.14 -2.02 -38.87
C SER C 26 30.45 -1.66 -39.55
N ASP C 27 30.36 -1.14 -40.78
CA ASP C 27 31.57 -0.76 -41.49
C ASP C 27 31.92 0.68 -41.13
N ARG C 28 31.55 1.10 -39.92
CA ARG C 28 31.86 2.43 -39.43
C ARG C 28 32.63 2.24 -38.14
N ILE C 29 33.69 3.02 -37.98
CA ILE C 29 34.49 2.93 -36.77
C ILE C 29 34.38 4.27 -36.09
N SER C 30 34.56 4.28 -34.79
CA SER C 30 34.47 5.52 -34.02
C SER C 30 35.69 5.68 -33.16
N THR C 31 36.25 6.88 -33.20
CA THR C 31 37.43 7.15 -32.42
C THR C 31 36.98 7.92 -31.18
N ASN C 32 36.95 7.21 -30.06
CA ASN C 32 36.57 7.79 -28.79
C ASN C 32 37.69 8.77 -28.44
N ILE C 33 37.35 10.05 -28.31
CA ILE C 33 38.37 11.06 -28.03
C ILE C 33 38.24 11.83 -26.70
N ASN C 34 39.31 11.78 -25.91
CA ASN C 34 39.38 12.46 -24.61
C ASN C 34 39.04 13.96 -24.79
N PRO C 35 37.85 14.39 -24.35
CA PRO C 35 37.41 15.79 -24.47
C PRO C 35 38.41 16.84 -23.98
N TYR C 36 39.20 16.48 -22.98
CA TYR C 36 40.19 17.36 -22.39
C TYR C 36 41.32 17.74 -23.32
N ASP C 37 42.08 16.75 -23.77
CA ASP C 37 43.25 17.00 -24.62
C ASP C 37 43.23 16.52 -26.08
N ASP C 38 42.09 16.01 -26.53
CA ASP C 38 41.95 15.51 -27.90
C ASP C 38 42.68 14.20 -28.16
N SER C 39 43.22 13.58 -27.12
CA SER C 39 43.93 12.31 -27.29
C SER C 39 42.93 11.20 -27.61
N VAL C 40 43.40 10.16 -28.30
CA VAL C 40 42.53 9.05 -28.67
C VAL C 40 42.61 7.93 -27.64
N ILE C 41 41.53 7.80 -26.87
CA ILE C 41 41.43 6.78 -25.85
C ILE C 41 41.31 5.44 -26.55
N ALA C 42 40.43 5.39 -27.56
CA ALA C 42 40.22 4.14 -28.28
C ALA C 42 39.44 4.29 -29.57
N GLU C 43 39.34 3.19 -30.31
CA GLU C 43 38.61 3.15 -31.57
C GLU C 43 37.85 1.83 -31.53
N SER C 44 36.67 1.80 -32.12
CA SER C 44 35.87 0.60 -32.10
C SER C 44 34.99 0.44 -33.33
N LYS C 45 34.78 -0.82 -33.73
CA LYS C 45 33.92 -1.12 -34.86
C LYS C 45 32.53 -0.86 -34.28
N GLN C 46 31.76 -0.06 -34.99
CA GLN C 46 30.43 0.27 -34.53
C GLN C 46 29.49 -0.91 -34.68
N ALA C 47 28.37 -0.86 -33.99
CA ALA C 47 27.38 -1.92 -34.06
C ALA C 47 26.43 -1.67 -35.22
N SER C 48 25.88 -2.74 -35.79
CA SER C 48 24.97 -2.64 -36.93
C SER C 48 23.52 -2.91 -36.56
N ILE C 49 22.63 -2.81 -37.53
CA ILE C 49 21.22 -3.06 -37.24
C ILE C 49 21.04 -4.54 -36.88
N ALA C 50 21.76 -5.41 -37.57
CA ALA C 50 21.67 -6.86 -37.31
C ALA C 50 22.22 -7.18 -35.92
N ASP C 51 23.17 -6.36 -35.46
CA ASP C 51 23.76 -6.52 -34.14
C ASP C 51 22.69 -6.26 -33.08
N VAL C 52 21.99 -5.15 -33.25
CA VAL C 52 20.94 -4.76 -32.34
C VAL C 52 19.87 -5.84 -32.28
N ASP C 53 19.46 -6.33 -33.45
CA ASP C 53 18.43 -7.36 -33.49
C ASP C 53 18.84 -8.59 -32.72
N ALA C 54 20.13 -8.89 -32.73
CA ALA C 54 20.67 -10.06 -32.02
C ALA C 54 20.66 -9.85 -30.50
N ALA C 55 21.11 -8.67 -30.08
CA ALA C 55 21.14 -8.32 -28.66
C ALA C 55 19.70 -8.41 -28.08
N TYR C 56 18.72 -7.88 -28.80
CA TYR C 56 17.33 -7.92 -28.37
C TYR C 56 16.71 -9.32 -28.47
N GLU C 57 17.03 -10.02 -29.54
CA GLU C 57 16.49 -11.36 -29.76
C GLU C 57 17.02 -12.37 -28.75
N ALA C 58 18.27 -12.18 -28.34
CA ALA C 58 18.92 -13.05 -27.36
C ALA C 58 18.40 -12.71 -25.96
N ALA C 59 18.22 -11.40 -25.73
CA ALA C 59 17.74 -10.94 -24.45
C ALA C 59 16.36 -11.51 -24.18
N LYS C 60 15.51 -11.51 -25.19
CA LYS C 60 14.16 -12.02 -25.06
C LYS C 60 14.13 -13.48 -24.64
N LYS C 61 15.00 -14.28 -25.24
CA LYS C 61 15.09 -15.71 -24.95
C LYS C 61 15.60 -15.99 -23.54
N ALA C 62 16.49 -15.14 -23.06
CA ALA C 62 17.07 -15.32 -21.73
C ALA C 62 16.32 -14.63 -20.58
N GLN C 63 15.23 -13.93 -20.90
CA GLN C 63 14.47 -13.20 -19.87
C GLN C 63 13.56 -14.00 -18.93
N ALA C 64 12.64 -14.79 -19.48
CA ALA C 64 11.73 -15.57 -18.64
C ALA C 64 12.44 -16.33 -17.53
N GLU C 65 13.62 -16.88 -17.84
CA GLU C 65 14.41 -17.65 -16.88
C GLU C 65 14.94 -16.78 -15.73
N TRP C 66 15.39 -15.58 -16.07
CA TRP C 66 15.93 -14.65 -15.08
C TRP C 66 14.83 -14.13 -14.13
N ALA C 67 13.64 -13.90 -14.68
CA ALA C 67 12.52 -13.39 -13.88
C ALA C 67 12.02 -14.46 -12.91
N ALA C 68 12.09 -15.72 -13.34
CA ALA C 68 11.65 -16.85 -12.53
C ALA C 68 12.70 -17.24 -11.50
N THR C 69 13.86 -16.57 -11.57
CA THR C 69 14.94 -16.86 -10.63
C THR C 69 14.48 -16.33 -9.26
N PRO C 70 14.70 -17.09 -8.19
CA PRO C 70 14.30 -16.68 -6.83
C PRO C 70 14.67 -15.25 -6.48
N ALA C 71 13.72 -14.56 -5.84
CA ALA C 71 13.87 -13.16 -5.43
C ALA C 71 15.13 -12.86 -4.63
N ALA C 72 15.45 -13.70 -3.65
CA ALA C 72 16.64 -13.48 -2.85
C ALA C 72 17.90 -13.70 -3.68
N GLU C 73 17.78 -14.54 -4.73
CA GLU C 73 18.89 -14.83 -5.63
C GLU C 73 19.19 -13.56 -6.44
N ARG C 74 18.16 -13.03 -7.07
CA ARG C 74 18.28 -11.83 -7.86
C ARG C 74 18.89 -10.73 -6.99
N SER C 75 18.41 -10.63 -5.78
CA SER C 75 18.87 -9.62 -4.84
C SER C 75 20.34 -9.75 -4.44
N ALA C 76 20.86 -10.96 -4.45
CA ALA C 76 22.27 -11.14 -4.07
C ALA C 76 23.12 -10.74 -5.28
N ILE C 77 22.62 -11.03 -6.48
CA ILE C 77 23.33 -10.69 -7.70
C ILE C 77 23.39 -9.18 -7.83
N ILE C 78 22.24 -8.52 -7.67
CA ILE C 78 22.21 -7.06 -7.79
C ILE C 78 23.11 -6.46 -6.70
N TYR C 79 23.08 -7.04 -5.49
CA TYR C 79 23.90 -6.52 -4.41
C TYR C 79 25.38 -6.63 -4.73
N ARG C 80 25.78 -7.77 -5.29
CA ARG C 80 27.17 -8.03 -5.67
C ARG C 80 27.69 -6.91 -6.60
N ALA C 81 26.87 -6.55 -7.58
CA ALA C 81 27.18 -5.51 -8.56
C ALA C 81 27.56 -4.22 -7.88
N ALA C 82 27.04 -4.03 -6.67
CA ALA C 82 27.32 -2.83 -5.91
C ALA C 82 28.69 -2.94 -5.27
N GLU C 83 29.10 -4.16 -4.94
CA GLU C 83 30.41 -4.39 -4.34
C GLU C 83 31.47 -4.28 -5.44
N LEU C 84 31.14 -4.79 -6.61
CA LEU C 84 32.04 -4.77 -7.74
C LEU C 84 32.26 -3.33 -8.20
N LEU C 85 31.25 -2.51 -7.98
CA LEU C 85 31.32 -1.11 -8.38
C LEU C 85 32.37 -0.40 -7.51
N GLU C 86 32.45 -0.73 -6.22
CA GLU C 86 33.42 -0.07 -5.37
C GLU C 86 34.78 -0.74 -5.41
N GLU C 87 34.81 -1.95 -5.96
CA GLU C 87 36.05 -2.71 -6.10
C GLU C 87 36.80 -2.15 -7.33
N HIS C 88 36.06 -1.87 -8.39
CA HIS C 88 36.63 -1.32 -9.62
C HIS C 88 36.60 0.21 -9.57
N ARG C 89 36.40 0.77 -8.37
CA ARG C 89 36.31 2.21 -8.21
C ARG C 89 37.32 3.06 -8.98
N GLU C 90 38.59 2.96 -8.61
CA GLU C 90 39.66 3.75 -9.23
C GLU C 90 39.76 3.56 -10.74
N GLU C 91 39.55 2.33 -11.18
CA GLU C 91 39.60 1.98 -12.60
C GLU C 91 38.48 2.70 -13.38
N ILE C 92 37.35 2.89 -12.72
CA ILE C 92 36.20 3.57 -13.34
C ILE C 92 36.42 5.09 -13.25
N VAL C 93 36.98 5.56 -12.14
CA VAL C 93 37.27 6.98 -11.95
C VAL C 93 38.06 7.50 -13.14
N GLU C 94 39.03 6.73 -13.59
CA GLU C 94 39.85 7.15 -14.72
C GLU C 94 39.02 7.27 -15.97
N TRP C 95 38.18 6.27 -16.22
CA TRP C 95 37.35 6.29 -17.41
C TRP C 95 36.42 7.49 -17.52
N LEU C 96 35.84 7.92 -16.39
CA LEU C 96 34.96 9.10 -16.42
C LEU C 96 35.87 10.32 -16.60
N ILE C 97 37.02 10.28 -15.93
CA ILE C 97 38.00 11.36 -16.00
C ILE C 97 38.41 11.62 -17.44
N LYS C 98 38.83 10.56 -18.14
CA LYS C 98 39.30 10.70 -19.50
C LYS C 98 38.25 10.61 -20.62
N GLU C 99 37.18 9.87 -20.41
CA GLU C 99 36.16 9.74 -21.46
C GLU C 99 34.99 10.73 -21.31
N SER C 100 34.44 10.83 -20.11
CA SER C 100 33.31 11.72 -19.86
C SER C 100 33.81 13.13 -19.59
N GLY C 101 35.10 13.24 -19.32
CA GLY C 101 35.67 14.56 -19.09
C GLY C 101 35.22 15.13 -17.77
N SER C 102 34.87 14.24 -16.87
CA SER C 102 34.42 14.67 -15.54
C SER C 102 35.69 14.74 -14.66
N THR C 103 35.69 15.67 -13.69
CA THR C 103 36.80 15.87 -12.75
C THR C 103 36.98 14.63 -11.87
N ARG C 104 37.92 14.68 -10.94
CA ARG C 104 38.16 13.50 -10.13
C ARG C 104 37.16 13.37 -8.97
N SER C 105 36.78 14.51 -8.41
CA SER C 105 35.81 14.64 -7.33
C SER C 105 34.38 14.32 -7.86
N LYS C 106 34.10 14.81 -9.06
CA LYS C 106 32.81 14.60 -9.74
C LYS C 106 32.69 13.14 -10.21
N ALA C 107 33.82 12.48 -10.46
CA ALA C 107 33.79 11.08 -10.90
C ALA C 107 33.56 10.15 -9.71
N ASN C 108 34.30 10.41 -8.64
CA ASN C 108 34.18 9.63 -7.41
C ASN C 108 32.73 9.66 -6.94
N LEU C 109 32.16 10.86 -6.92
CA LEU C 109 30.79 11.09 -6.50
C LEU C 109 29.81 10.25 -7.31
N GLU C 110 30.02 10.21 -8.61
CA GLU C 110 29.16 9.46 -9.51
C GLU C 110 29.19 7.97 -9.21
N ILE C 111 30.33 7.49 -8.72
CA ILE C 111 30.46 6.05 -8.43
C ILE C 111 29.71 5.67 -7.15
N THR C 112 29.75 6.56 -6.16
CA THR C 112 29.05 6.31 -4.91
C THR C 112 27.55 6.32 -5.22
N LEU C 113 27.10 7.36 -5.90
CA LEU C 113 25.71 7.52 -6.31
C LEU C 113 25.26 6.30 -7.10
N ALA C 114 26.14 5.82 -7.98
CA ALA C 114 25.84 4.65 -8.78
C ALA C 114 25.64 3.49 -7.81
N GLY C 115 26.55 3.37 -6.84
CA GLY C 115 26.47 2.30 -5.86
C GLY C 115 25.16 2.29 -5.09
N ASN C 116 24.80 3.47 -4.59
CA ASN C 116 23.58 3.65 -3.84
C ASN C 116 22.36 3.15 -4.63
N ILE C 117 22.19 3.62 -5.86
CA ILE C 117 21.06 3.19 -6.66
C ILE C 117 20.97 1.66 -6.75
N THR C 118 22.02 1.00 -7.24
CA THR C 118 21.97 -0.46 -7.36
C THR C 118 21.85 -1.15 -6.00
N LYS C 119 22.25 -0.46 -4.93
CA LYS C 119 22.15 -1.02 -3.60
C LYS C 119 20.69 -0.91 -3.10
N GLU C 120 20.03 0.16 -3.48
CA GLU C 120 18.65 0.36 -3.10
C GLU C 120 17.92 -0.67 -3.95
N SER C 121 18.35 -0.79 -5.20
CA SER C 121 17.74 -1.73 -6.14
C SER C 121 17.84 -3.20 -5.74
N ALA C 122 18.81 -3.53 -4.90
CA ALA C 122 18.97 -4.92 -4.49
C ALA C 122 17.83 -5.38 -3.59
N SER C 123 17.08 -4.41 -3.03
CA SER C 123 15.96 -4.74 -2.16
C SER C 123 14.66 -4.80 -2.96
N PHE C 124 14.73 -4.54 -4.26
CA PHE C 124 13.54 -4.56 -5.06
C PHE C 124 12.89 -5.92 -5.27
N PRO C 125 13.68 -6.99 -5.46
CA PRO C 125 13.05 -8.30 -5.67
C PRO C 125 12.05 -8.68 -4.58
N GLY C 126 12.37 -8.36 -3.34
CA GLY C 126 11.48 -8.71 -2.24
C GLY C 126 10.29 -7.79 -2.11
N ARG C 127 10.42 -6.57 -2.63
CA ARG C 127 9.38 -5.57 -2.55
C ARG C 127 8.41 -5.52 -3.71
N VAL C 128 8.51 -6.44 -4.65
CA VAL C 128 7.59 -6.46 -5.77
C VAL C 128 6.41 -7.38 -5.40
N HIS C 129 5.29 -6.77 -5.08
CA HIS C 129 4.07 -7.48 -4.66
C HIS C 129 2.94 -7.31 -5.65
N GLY C 130 2.06 -8.30 -5.70
CA GLY C 130 0.90 -8.26 -6.57
C GLY C 130 -0.30 -8.02 -5.67
N ARG C 131 -1.51 -8.22 -6.18
CA ARG C 131 -2.68 -7.96 -5.36
C ARG C 131 -3.86 -8.91 -5.58
N ILE C 132 -4.62 -9.16 -4.52
CA ILE C 132 -5.80 -10.00 -4.64
C ILE C 132 -6.99 -9.07 -4.38
N SER C 133 -7.43 -8.38 -5.43
CA SER C 133 -8.54 -7.42 -5.34
C SER C 133 -9.91 -8.00 -4.96
N PRO C 134 -10.84 -7.15 -4.49
CA PRO C 134 -12.16 -7.68 -4.14
C PRO C 134 -12.95 -8.09 -5.38
N SER C 135 -13.99 -8.90 -5.17
CA SER C 135 -14.84 -9.36 -6.26
C SER C 135 -16.28 -8.88 -6.12
N ASN C 136 -16.89 -8.55 -7.25
CA ASN C 136 -18.26 -8.07 -7.29
C ASN C 136 -19.21 -9.09 -7.89
N THR C 137 -18.66 -10.12 -8.51
CA THR C 137 -19.50 -11.16 -9.09
C THR C 137 -19.38 -12.41 -8.24
N PRO C 138 -20.53 -12.98 -7.90
CA PRO C 138 -20.58 -14.18 -7.07
C PRO C 138 -19.61 -15.29 -7.51
N GLY C 139 -18.70 -15.65 -6.61
CA GLY C 139 -17.75 -16.70 -6.87
C GLY C 139 -16.60 -16.45 -7.84
N LYS C 140 -16.09 -15.23 -7.90
CA LYS C 140 -14.99 -14.92 -8.81
C LYS C 140 -13.81 -14.36 -8.02
N GLU C 141 -12.59 -14.77 -8.37
CA GLU C 141 -11.44 -14.24 -7.68
C GLU C 141 -10.65 -13.37 -8.64
N ASN C 142 -10.09 -12.27 -8.13
CA ASN C 142 -9.33 -11.35 -8.95
C ASN C 142 -7.92 -11.30 -8.43
N ARG C 143 -6.99 -11.79 -9.24
CA ARG C 143 -5.59 -11.78 -8.87
C ARG C 143 -4.92 -10.78 -9.81
N VAL C 144 -4.08 -9.90 -9.25
CA VAL C 144 -3.38 -8.91 -10.06
C VAL C 144 -1.92 -9.13 -9.84
N TYR C 145 -1.31 -9.91 -10.72
CA TYR C 145 0.10 -10.22 -10.64
C TYR C 145 0.95 -9.05 -11.09
N ARG C 146 2.08 -8.89 -10.45
CA ARG C 146 3.01 -7.83 -10.80
C ARG C 146 4.25 -8.54 -11.35
N VAL C 147 4.43 -8.41 -12.66
CA VAL C 147 5.53 -9.07 -13.37
C VAL C 147 6.44 -8.08 -14.05
N ALA C 148 7.58 -8.58 -14.51
CA ALA C 148 8.56 -7.75 -15.20
C ALA C 148 7.98 -7.46 -16.57
N LYS C 149 8.41 -6.36 -17.19
CA LYS C 149 7.90 -5.98 -18.51
C LYS C 149 8.40 -6.95 -19.57
N GLY C 150 9.64 -7.40 -19.39
CA GLY C 150 10.25 -8.31 -20.35
C GLY C 150 11.63 -7.80 -20.73
N VAL C 151 11.72 -7.19 -21.91
CA VAL C 151 12.99 -6.64 -22.38
C VAL C 151 12.95 -5.11 -22.38
N VAL C 152 13.97 -4.50 -21.79
CA VAL C 152 14.03 -3.04 -21.68
C VAL C 152 15.21 -2.42 -22.42
N GLY C 153 14.92 -1.52 -23.34
CA GLY C 153 15.97 -0.83 -24.06
C GLY C 153 16.30 0.44 -23.32
N VAL C 154 17.51 0.52 -22.78
CA VAL C 154 17.97 1.69 -22.03
C VAL C 154 18.93 2.55 -22.85
N ILE C 155 18.59 3.84 -23.02
CA ILE C 155 19.43 4.78 -23.74
C ILE C 155 20.02 5.77 -22.72
N SER C 156 21.29 5.57 -22.35
CA SER C 156 21.95 6.46 -21.40
C SER C 156 22.57 7.65 -22.12
N PRO C 157 22.99 8.68 -21.37
CA PRO C 157 23.60 9.86 -22.01
C PRO C 157 25.06 10.07 -21.58
N TRP C 158 25.68 11.10 -22.16
CA TRP C 158 27.07 11.42 -21.85
C TRP C 158 27.28 12.21 -20.56
N ASN C 159 26.24 12.89 -20.06
CA ASN C 159 26.34 13.64 -18.80
C ASN C 159 26.04 12.62 -17.71
N PHE C 160 27.01 12.38 -16.82
CA PHE C 160 26.87 11.37 -15.77
C PHE C 160 26.47 10.04 -16.43
N PRO C 161 27.24 9.59 -17.43
CA PRO C 161 26.90 8.34 -18.10
C PRO C 161 26.84 7.10 -17.21
N LEU C 162 27.66 7.03 -16.18
CA LEU C 162 27.67 5.87 -15.28
C LEU C 162 26.47 5.85 -14.34
N ASN C 163 26.22 6.97 -13.67
CA ASN C 163 25.10 7.07 -12.75
C ASN C 163 23.75 6.98 -13.48
N LEU C 164 23.58 7.78 -14.52
CA LEU C 164 22.33 7.80 -15.26
C LEU C 164 22.02 6.58 -16.11
N SER C 165 22.94 5.62 -16.17
CA SER C 165 22.69 4.40 -16.92
C SER C 165 22.29 3.37 -15.88
N ILE C 166 23.04 3.34 -14.78
CA ILE C 166 22.71 2.40 -13.72
C ILE C 166 21.32 2.71 -13.14
N ARG C 167 20.94 3.98 -13.13
CA ARG C 167 19.65 4.42 -12.61
C ARG C 167 18.50 3.61 -13.19
N SER C 168 18.58 3.28 -14.48
CA SER C 168 17.54 2.49 -15.11
C SER C 168 17.87 1.00 -15.04
N VAL C 169 19.08 0.69 -15.46
CA VAL C 169 19.60 -0.66 -15.55
C VAL C 169 19.45 -1.52 -14.31
N ALA C 170 19.96 -1.05 -13.19
CA ALA C 170 19.86 -1.81 -11.93
C ALA C 170 18.40 -2.12 -11.54
N PRO C 171 17.53 -1.09 -11.43
CA PRO C 171 16.14 -1.42 -11.05
C PRO C 171 15.46 -2.38 -12.03
N ALA C 172 15.70 -2.19 -13.33
CA ALA C 172 15.10 -3.03 -14.33
C ALA C 172 15.61 -4.47 -14.30
N LEU C 173 16.86 -4.66 -13.91
CA LEU C 173 17.43 -6.02 -13.82
C LEU C 173 16.93 -6.77 -12.60
N ALA C 174 17.06 -6.13 -11.43
CA ALA C 174 16.63 -6.69 -10.15
C ALA C 174 15.21 -7.27 -10.24
N VAL C 175 14.33 -6.48 -10.84
CA VAL C 175 12.91 -6.78 -11.04
C VAL C 175 12.67 -7.96 -12.01
N GLY C 176 13.72 -8.40 -12.70
CA GLY C 176 13.56 -9.53 -13.61
C GLY C 176 13.39 -9.22 -15.09
N ASN C 177 13.78 -8.00 -15.50
CA ASN C 177 13.71 -7.61 -16.90
C ASN C 177 15.09 -7.92 -17.53
N ALA C 178 15.11 -8.02 -18.86
CA ALA C 178 16.35 -8.22 -19.61
C ALA C 178 16.62 -6.84 -20.20
N VAL C 179 17.83 -6.33 -20.05
CA VAL C 179 18.12 -5.00 -20.58
C VAL C 179 19.29 -4.88 -21.58
N VAL C 180 19.05 -4.06 -22.60
CA VAL C 180 20.01 -3.76 -23.67
C VAL C 180 20.32 -2.26 -23.61
N ILE C 181 21.56 -1.89 -23.28
CA ILE C 181 21.90 -0.46 -23.22
C ILE C 181 22.61 0.07 -24.47
N LYS C 182 22.07 1.16 -25.01
CA LYS C 182 22.62 1.82 -26.18
C LYS C 182 23.11 3.16 -25.62
N PRO C 183 24.43 3.33 -25.46
CA PRO C 183 24.95 4.60 -24.92
C PRO C 183 25.17 5.76 -25.92
N ALA C 184 25.33 6.96 -25.37
CA ALA C 184 25.58 8.16 -26.15
C ALA C 184 26.89 7.93 -26.89
N SER C 185 26.90 8.29 -28.18
CA SER C 185 28.06 8.12 -29.06
C SER C 185 29.40 8.57 -28.50
N ASP C 186 29.39 9.60 -27.65
CA ASP C 186 30.61 10.12 -27.07
C ASP C 186 31.09 9.39 -25.81
N THR C 187 30.20 8.64 -25.16
CA THR C 187 30.55 7.88 -23.95
C THR C 187 30.09 6.41 -24.03
N PRO C 188 30.63 5.63 -24.99
CA PRO C 188 30.23 4.22 -25.10
C PRO C 188 30.71 3.22 -24.05
N VAL C 189 31.66 3.59 -23.21
CA VAL C 189 32.09 2.63 -22.21
C VAL C 189 31.66 3.06 -20.82
N THR C 190 31.70 4.36 -20.51
CA THR C 190 31.27 4.84 -19.20
C THR C 190 29.75 4.73 -19.09
N GLY C 191 29.08 4.93 -20.22
CA GLY C 191 27.64 4.84 -20.25
C GLY C 191 27.12 3.51 -20.78
N GLY C 192 28.02 2.62 -21.19
CA GLY C 192 27.60 1.33 -21.72
C GLY C 192 28.39 0.09 -21.33
N VAL C 193 29.69 0.07 -21.64
CA VAL C 193 30.55 -1.08 -21.34
C VAL C 193 30.72 -1.35 -19.85
N ILE C 194 31.07 -0.32 -19.09
CA ILE C 194 31.28 -0.47 -17.65
C ILE C 194 30.02 -0.99 -16.94
N PRO C 195 28.86 -0.34 -17.16
CA PRO C 195 27.68 -0.88 -16.47
C PRO C 195 27.38 -2.33 -16.88
N ALA C 196 27.45 -2.63 -18.17
CA ALA C 196 27.17 -4.00 -18.63
C ALA C 196 28.18 -5.02 -18.08
N ARG C 197 29.44 -4.63 -18.00
CA ARG C 197 30.47 -5.53 -17.52
C ARG C 197 30.39 -5.77 -16.02
N ILE C 198 29.95 -4.76 -15.28
CA ILE C 198 29.84 -4.93 -13.84
C ILE C 198 28.70 -5.85 -13.40
N PHE C 199 27.62 -5.90 -14.18
CA PHE C 199 26.50 -6.78 -13.84
C PHE C 199 26.78 -8.20 -14.31
N GLU C 200 27.70 -8.32 -15.26
CA GLU C 200 28.08 -9.63 -15.78
C GLU C 200 28.86 -10.34 -14.69
N GLU C 201 29.84 -9.65 -14.10
CA GLU C 201 30.65 -10.20 -13.03
C GLU C 201 29.75 -10.49 -11.83
N ALA C 202 28.78 -9.60 -11.61
CA ALA C 202 27.85 -9.73 -10.48
C ALA C 202 27.05 -11.04 -10.53
N GLY C 203 26.89 -11.62 -11.72
CA GLY C 203 26.17 -12.88 -11.83
C GLY C 203 25.00 -12.92 -12.78
N VAL C 204 24.72 -11.79 -13.42
CA VAL C 204 23.60 -11.72 -14.36
C VAL C 204 23.77 -12.68 -15.53
N PRO C 205 22.80 -13.57 -15.74
CA PRO C 205 22.87 -14.53 -16.84
C PRO C 205 23.14 -13.92 -18.22
N ALA C 206 23.59 -14.79 -19.13
CA ALA C 206 23.92 -14.44 -20.50
C ALA C 206 22.67 -14.01 -21.26
N GLY C 207 22.76 -12.84 -21.89
CA GLY C 207 21.64 -12.31 -22.65
C GLY C 207 20.71 -11.44 -21.82
N VAL C 208 20.97 -11.35 -20.51
CA VAL C 208 20.13 -10.55 -19.64
C VAL C 208 20.66 -9.11 -19.66
N ILE C 209 21.97 -8.95 -19.78
CA ILE C 209 22.59 -7.63 -19.85
C ILE C 209 23.38 -7.50 -21.17
N SER C 210 23.17 -6.38 -21.87
CA SER C 210 23.84 -6.15 -23.15
C SER C 210 24.14 -4.67 -23.37
N THR C 211 25.12 -4.38 -24.24
CA THR C 211 25.47 -3.01 -24.61
C THR C 211 25.77 -3.05 -26.09
N VAL C 212 25.27 -2.05 -26.80
CA VAL C 212 25.44 -1.95 -28.24
C VAL C 212 25.69 -0.47 -28.57
N ALA C 213 26.90 -0.16 -29.06
CA ALA C 213 27.27 1.21 -29.41
C ALA C 213 27.34 1.42 -30.93
N GLY C 214 26.31 2.04 -31.48
CA GLY C 214 26.25 2.30 -32.91
C GLY C 214 26.16 3.78 -33.25
N ALA C 215 26.16 4.09 -34.55
CA ALA C 215 26.08 5.48 -35.02
C ALA C 215 24.63 5.94 -35.03
N GLY C 216 24.39 7.12 -34.45
CA GLY C 216 23.04 7.66 -34.39
C GLY C 216 22.21 7.47 -35.64
N SER C 217 22.80 7.80 -36.79
CA SER C 217 22.10 7.67 -38.07
C SER C 217 21.79 6.24 -38.47
N GLU C 218 22.53 5.28 -37.94
CA GLU C 218 22.30 3.88 -38.28
C GLU C 218 21.35 3.15 -37.33
N ILE C 219 21.80 3.00 -36.07
CA ILE C 219 21.07 2.29 -35.02
C ILE C 219 19.99 3.08 -34.27
N GLY C 220 20.23 4.37 -34.07
CA GLY C 220 19.30 5.24 -33.36
C GLY C 220 17.80 4.94 -33.45
N ASP C 221 17.25 4.97 -34.65
CA ASP C 221 15.82 4.72 -34.84
C ASP C 221 15.40 3.25 -34.76
N HIS C 222 16.29 2.35 -35.14
CA HIS C 222 16.01 0.92 -35.14
C HIS C 222 15.96 0.36 -33.73
N PHE C 223 16.71 0.98 -32.84
CA PHE C 223 16.78 0.57 -31.43
C PHE C 223 15.48 0.82 -30.67
N VAL C 224 14.73 1.82 -31.11
CA VAL C 224 13.47 2.20 -30.47
C VAL C 224 12.25 1.49 -31.05
N THR C 225 12.13 1.49 -32.38
CA THR C 225 11.00 0.87 -33.05
C THR C 225 11.03 -0.65 -33.10
N HIS C 226 12.00 -1.27 -32.43
CA HIS C 226 12.08 -2.72 -32.47
C HIS C 226 10.91 -3.38 -31.74
N ALA C 227 10.40 -4.46 -32.31
CA ALA C 227 9.29 -5.19 -31.73
C ALA C 227 9.53 -5.75 -30.32
N VAL C 228 10.71 -6.31 -30.08
CA VAL C 228 11.07 -6.92 -28.80
C VAL C 228 10.91 -6.10 -27.51
N PRO C 229 11.66 -4.98 -27.35
CA PRO C 229 11.51 -4.21 -26.10
C PRO C 229 10.09 -3.75 -25.75
N LYS C 230 9.72 -3.99 -24.49
CA LYS C 230 8.42 -3.58 -23.99
C LYS C 230 8.51 -2.16 -23.44
N LEU C 231 9.72 -1.78 -23.02
CA LEU C 231 9.99 -0.46 -22.47
C LEU C 231 11.26 0.18 -23.02
N ILE C 232 11.23 1.49 -23.18
CA ILE C 232 12.38 2.23 -23.65
C ILE C 232 12.64 3.38 -22.70
N SER C 233 13.74 3.25 -21.95
CA SER C 233 14.15 4.27 -20.99
C SER C 233 15.18 5.20 -21.62
N PHE C 234 14.77 6.44 -21.88
CA PHE C 234 15.63 7.45 -22.50
C PHE C 234 16.01 8.57 -21.52
N THR C 235 17.26 9.00 -21.61
CA THR C 235 17.76 10.09 -20.77
C THR C 235 18.61 11.00 -21.65
N GLY C 236 18.15 12.23 -21.83
CA GLY C 236 18.88 13.17 -22.66
C GLY C 236 18.21 14.53 -22.85
N SER C 237 18.52 15.15 -23.98
CA SER C 237 17.97 16.46 -24.33
C SER C 237 16.51 16.34 -24.72
N THR C 238 15.72 17.36 -24.38
CA THR C 238 14.30 17.34 -24.67
C THR C 238 13.93 17.13 -26.17
N PRO C 239 14.68 17.71 -27.11
CA PRO C 239 14.31 17.51 -28.53
C PRO C 239 14.46 16.06 -29.01
N VAL C 240 15.55 15.40 -28.65
CA VAL C 240 15.76 14.02 -29.07
C VAL C 240 14.82 13.08 -28.30
N GLY C 241 14.47 13.47 -27.08
CA GLY C 241 13.56 12.66 -26.28
C GLY C 241 12.24 12.58 -27.02
N ARG C 242 11.89 13.67 -27.70
CA ARG C 242 10.66 13.77 -28.47
C ARG C 242 10.57 12.81 -29.64
N ARG C 243 11.63 12.72 -30.44
CA ARG C 243 11.56 11.81 -31.59
C ARG C 243 11.32 10.41 -31.06
N VAL C 244 12.04 10.06 -30.00
CA VAL C 244 11.95 8.75 -29.36
C VAL C 244 10.50 8.36 -29.09
N GLY C 245 9.84 9.17 -28.27
CA GLY C 245 8.45 8.91 -27.95
C GLY C 245 7.60 8.74 -29.20
N GLU C 246 7.79 9.63 -30.17
CA GLU C 246 7.04 9.57 -31.42
C GLU C 246 7.30 8.24 -32.13
N LEU C 247 8.57 7.89 -32.26
CA LEU C 247 8.94 6.65 -32.93
C LEU C 247 8.31 5.45 -32.23
N ALA C 248 8.26 5.53 -30.89
CA ALA C 248 7.70 4.48 -30.05
C ALA C 248 6.19 4.32 -30.19
N ILE C 249 5.58 5.19 -30.99
CA ILE C 249 4.16 5.17 -31.22
C ILE C 249 3.82 5.52 -32.68
N MET C 254 4.68 -1.04 -30.95
CA MET C 254 3.82 -0.49 -29.91
C MET C 254 4.33 -0.82 -28.51
N LYS C 255 5.08 0.11 -27.92
CA LYS C 255 5.65 -0.09 -26.59
C LYS C 255 5.64 1.22 -25.82
N THR C 256 5.70 1.12 -24.49
CA THR C 256 5.72 2.30 -23.62
C THR C 256 7.13 2.87 -23.49
N VAL C 257 7.21 4.19 -23.33
CA VAL C 257 8.51 4.86 -23.19
C VAL C 257 8.60 5.78 -21.96
N ALA C 258 9.76 5.78 -21.31
CA ALA C 258 10.01 6.60 -20.13
C ALA C 258 11.10 7.63 -20.42
N LEU C 259 10.69 8.88 -20.57
CA LEU C 259 11.61 9.97 -20.87
C LEU C 259 12.09 10.74 -19.65
N GLU C 260 13.40 10.79 -19.46
CA GLU C 260 14.02 11.52 -18.34
C GLU C 260 14.60 12.76 -18.99
N LEU C 261 13.73 13.67 -19.42
CA LEU C 261 14.16 14.88 -20.11
C LEU C 261 14.54 16.05 -19.20
N GLY C 262 15.86 16.24 -19.07
CA GLY C 262 16.38 17.32 -18.28
C GLY C 262 16.27 18.59 -19.12
N GLY C 263 15.84 19.68 -18.48
CA GLY C 263 15.72 20.94 -19.18
C GLY C 263 16.40 21.99 -18.35
N ASN C 264 15.62 22.97 -17.91
CA ASN C 264 16.16 24.06 -17.10
C ASN C 264 15.50 24.04 -15.72
N ALA C 265 16.13 23.32 -14.79
CA ALA C 265 15.60 23.21 -13.41
C ALA C 265 15.75 24.53 -12.64
N PRO C 266 14.65 25.01 -12.03
CA PRO C 266 14.68 26.27 -11.26
C PRO C 266 15.18 26.20 -9.82
N PHE C 267 15.85 27.27 -9.40
CA PHE C 267 16.37 27.42 -8.05
C PHE C 267 15.71 28.70 -7.51
N VAL C 268 14.50 28.57 -6.97
CA VAL C 268 13.74 29.70 -6.45
C VAL C 268 14.14 30.08 -5.02
N VAL C 269 14.52 31.34 -4.85
CA VAL C 269 14.95 31.87 -3.55
C VAL C 269 13.94 32.90 -3.05
N LEU C 270 13.06 32.46 -2.15
CA LEU C 270 12.02 33.31 -1.60
C LEU C 270 12.57 34.40 -0.68
N ALA C 271 11.77 35.46 -0.49
CA ALA C 271 12.14 36.61 0.33
C ALA C 271 12.74 36.35 1.73
N ASP C 272 12.45 35.19 2.30
CA ASP C 272 12.94 34.84 3.64
C ASP C 272 13.81 33.59 3.54
N ALA C 273 14.62 33.53 2.50
CA ALA C 273 15.44 32.35 2.23
C ALA C 273 16.90 32.17 2.61
N ASP C 274 17.34 32.60 3.80
CA ASP C 274 18.76 32.44 4.19
C ASP C 274 19.61 32.72 2.95
N ILE C 275 19.47 33.92 2.41
CA ILE C 275 20.18 34.34 1.20
C ILE C 275 21.63 33.84 1.11
N ASP C 276 22.33 33.83 2.25
CA ASP C 276 23.72 33.39 2.29
C ASP C 276 23.94 31.91 2.01
N ALA C 277 23.43 31.04 2.88
CA ALA C 277 23.58 29.59 2.71
C ALA C 277 22.97 29.09 1.40
N ALA C 278 21.98 29.84 0.89
CA ALA C 278 21.31 29.49 -0.37
C ALA C 278 22.19 29.85 -1.55
N ALA C 279 22.87 30.99 -1.43
CA ALA C 279 23.76 31.43 -2.49
C ALA C 279 24.87 30.39 -2.61
N GLN C 280 25.22 29.78 -1.48
CA GLN C 280 26.27 28.77 -1.46
C GLN C 280 25.80 27.52 -2.19
N ALA C 281 24.50 27.27 -2.13
CA ALA C 281 23.91 26.09 -2.75
C ALA C 281 23.62 26.24 -4.25
N ALA C 282 23.31 27.46 -4.69
CA ALA C 282 23.04 27.70 -6.09
C ALA C 282 24.36 27.42 -6.83
N ALA C 283 25.46 27.77 -6.18
CA ALA C 283 26.78 27.56 -6.74
C ALA C 283 27.02 26.07 -6.93
N VAL C 284 26.69 25.30 -5.91
CA VAL C 284 26.86 23.85 -5.95
C VAL C 284 25.98 23.15 -7.00
N GLY C 285 24.73 23.58 -7.09
CA GLY C 285 23.80 22.99 -8.05
C GLY C 285 23.97 23.51 -9.46
N ALA C 286 24.90 24.46 -9.64
CA ALA C 286 25.14 25.04 -10.95
C ALA C 286 26.41 24.52 -11.60
N PHE C 287 27.37 24.05 -10.80
CA PHE C 287 28.64 23.57 -11.35
C PHE C 287 29.10 22.21 -10.85
N LEU C 288 29.12 22.02 -9.53
CA LEU C 288 29.55 20.75 -8.96
C LEU C 288 28.69 19.58 -9.47
N HIS C 289 27.38 19.80 -9.56
CA HIS C 289 26.45 18.76 -10.03
C HIS C 289 25.97 19.04 -11.47
N GLN C 290 26.93 19.37 -12.33
CA GLN C 290 26.68 19.70 -13.74
C GLN C 290 25.87 18.71 -14.57
N GLY C 291 26.43 17.53 -14.78
CA GLY C 291 25.73 16.52 -15.56
C GLY C 291 24.49 15.92 -14.90
N GLN C 292 24.41 16.06 -13.58
CA GLN C 292 23.29 15.53 -12.79
C GLN C 292 21.96 16.13 -13.16
N ILE C 293 21.14 15.36 -13.88
CA ILE C 293 19.81 15.79 -14.31
C ILE C 293 18.82 15.92 -13.14
N CYS C 294 19.29 15.62 -11.92
CA CYS C 294 18.43 15.71 -10.73
C CYS C 294 18.92 16.75 -9.72
N MET C 295 20.22 16.99 -9.71
CA MET C 295 20.81 17.93 -8.76
C MET C 295 21.31 19.24 -9.40
N SER C 296 20.99 19.47 -10.67
CA SER C 296 21.47 20.68 -11.35
C SER C 296 20.43 21.76 -11.64
N ILE C 297 20.86 23.02 -11.62
CA ILE C 297 20.00 24.17 -11.88
C ILE C 297 20.68 25.07 -12.90
N ASN C 298 19.90 25.65 -13.81
CA ASN C 298 20.44 26.51 -14.86
C ASN C 298 19.95 27.95 -14.71
N ARG C 299 19.24 28.24 -13.64
CA ARG C 299 18.72 29.58 -13.38
C ARG C 299 18.27 29.76 -11.94
N VAL C 300 18.33 30.98 -11.44
CA VAL C 300 17.90 31.27 -10.09
C VAL C 300 16.88 32.42 -10.11
N ILE C 301 15.71 32.19 -9.55
CA ILE C 301 14.67 33.20 -9.49
C ILE C 301 14.68 33.76 -8.06
N VAL C 302 14.85 35.07 -7.92
CA VAL C 302 14.89 35.67 -6.58
C VAL C 302 13.91 36.83 -6.43
N ASP C 303 13.40 37.00 -5.21
CA ASP C 303 12.48 38.10 -4.96
C ASP C 303 13.32 39.38 -4.91
N ALA C 304 12.73 40.48 -5.34
CA ALA C 304 13.40 41.78 -5.37
C ALA C 304 14.17 42.13 -4.10
N ALA C 305 13.53 41.89 -2.94
CA ALA C 305 14.09 42.21 -1.63
C ALA C 305 15.52 41.69 -1.38
N VAL C 306 15.74 40.40 -1.62
CA VAL C 306 17.06 39.81 -1.40
C VAL C 306 17.82 39.62 -2.70
N HIS C 307 17.25 40.11 -3.80
CA HIS C 307 17.86 39.98 -5.12
C HIS C 307 19.34 40.37 -5.16
N ASP C 308 19.63 41.64 -4.89
CA ASP C 308 21.01 42.12 -4.92
C ASP C 308 21.84 41.48 -3.82
N GLU C 309 21.19 41.21 -2.70
CA GLU C 309 21.85 40.59 -1.55
C GLU C 309 22.35 39.18 -1.91
N PHE C 310 21.51 38.46 -2.66
CA PHE C 310 21.83 37.10 -3.10
C PHE C 310 22.93 37.11 -4.15
N LEU C 311 22.72 37.94 -5.17
CA LEU C 311 23.66 38.06 -6.28
C LEU C 311 25.11 38.29 -5.90
N GLU C 312 25.35 39.22 -5.00
CA GLU C 312 26.72 39.52 -4.57
C GLU C 312 27.44 38.30 -3.99
N LYS C 313 26.86 37.70 -2.96
CA LYS C 313 27.46 36.52 -2.31
C LYS C 313 27.60 35.37 -3.29
N PHE C 314 26.64 35.29 -4.21
CA PHE C 314 26.61 34.23 -5.23
C PHE C 314 27.73 34.40 -6.25
N VAL C 315 27.92 35.64 -6.71
CA VAL C 315 28.97 35.94 -7.68
C VAL C 315 30.31 35.58 -7.06
N GLU C 316 30.48 35.96 -5.80
CA GLU C 316 31.72 35.68 -5.07
C GLU C 316 31.89 34.18 -4.88
N ALA C 317 30.78 33.46 -4.90
CA ALA C 317 30.81 32.01 -4.72
C ALA C 317 31.35 31.34 -5.97
N VAL C 318 30.78 31.71 -7.11
CA VAL C 318 31.18 31.15 -8.39
C VAL C 318 32.60 31.54 -8.78
N LYS C 319 33.01 32.75 -8.39
CA LYS C 319 34.35 33.24 -8.69
C LYS C 319 35.43 32.45 -7.95
N ASN C 320 35.04 31.81 -6.85
CA ASN C 320 35.98 31.02 -6.04
C ASN C 320 36.13 29.58 -6.52
N ILE C 321 35.20 29.13 -7.36
CA ILE C 321 35.23 27.76 -7.89
C ILE C 321 36.43 27.57 -8.84
N PRO C 322 37.43 26.76 -8.45
CA PRO C 322 38.64 26.50 -9.26
C PRO C 322 38.47 25.64 -10.51
N THR C 323 39.38 25.79 -11.47
CA THR C 323 39.34 25.02 -12.71
C THR C 323 40.73 24.67 -13.20
N PRO C 326 41.10 18.78 -14.78
CA PRO C 326 40.16 17.69 -14.52
C PRO C 326 40.77 16.53 -13.76
N SER C 327 41.88 15.99 -14.27
CA SER C 327 42.56 14.87 -13.61
C SER C 327 43.11 15.31 -12.25
N ALA C 328 42.96 16.60 -11.96
CA ALA C 328 43.43 17.20 -10.71
C ALA C 328 42.49 16.90 -9.55
N GLU C 329 42.87 17.36 -8.36
CA GLU C 329 42.10 17.15 -7.15
C GLU C 329 41.26 18.38 -6.83
N GLY C 330 41.88 19.55 -6.90
CA GLY C 330 41.17 20.80 -6.61
C GLY C 330 40.07 21.14 -7.59
N THR C 331 40.36 20.94 -8.88
CA THR C 331 39.43 21.20 -9.97
C THR C 331 37.97 20.79 -9.73
N LEU C 332 37.04 21.68 -10.04
CA LEU C 332 35.62 21.41 -9.84
C LEU C 332 34.87 21.25 -11.18
N VAL C 333 35.28 22.03 -12.19
CA VAL C 333 34.64 21.95 -13.51
C VAL C 333 35.60 21.42 -14.59
N GLY C 334 35.08 20.50 -15.41
CA GLY C 334 35.89 19.90 -16.45
C GLY C 334 35.49 20.37 -17.83
N PRO C 335 36.12 19.86 -18.88
CA PRO C 335 35.78 20.28 -20.25
C PRO C 335 34.39 19.84 -20.68
N VAL C 336 34.01 20.23 -21.91
CA VAL C 336 32.72 19.86 -22.49
C VAL C 336 32.97 18.58 -23.29
N ILE C 337 31.93 17.77 -23.49
CA ILE C 337 32.07 16.51 -24.20
C ILE C 337 32.56 16.61 -25.65
N ASN C 338 32.07 17.59 -26.41
CA ASN C 338 32.50 17.76 -27.80
C ASN C 338 32.41 19.18 -28.34
N ASP C 339 32.77 19.34 -29.62
CA ASP C 339 32.76 20.63 -30.31
C ASP C 339 31.36 21.17 -30.54
N SER C 340 30.47 20.28 -30.98
CA SER C 340 29.08 20.65 -31.26
C SER C 340 28.41 21.26 -30.04
N GLN C 341 28.81 20.80 -28.85
CA GLN C 341 28.26 21.30 -27.61
C GLN C 341 28.92 22.64 -27.28
N LEU C 342 30.24 22.71 -27.48
CA LEU C 342 31.01 23.93 -27.21
C LEU C 342 30.42 25.11 -27.97
N SER C 343 30.27 24.95 -29.29
CA SER C 343 29.70 26.00 -30.10
C SER C 343 28.32 26.39 -29.60
N GLY C 344 27.65 25.44 -28.97
CA GLY C 344 26.31 25.69 -28.45
C GLY C 344 26.35 26.67 -27.28
N LEU C 345 27.24 26.45 -26.33
CA LEU C 345 27.33 27.34 -25.18
C LEU C 345 27.70 28.75 -25.63
N LYS C 346 28.79 28.85 -26.41
CA LYS C 346 29.28 30.12 -26.94
C LYS C 346 28.13 30.86 -27.61
N GLU C 347 27.43 30.14 -28.46
CA GLU C 347 26.30 30.64 -29.22
C GLU C 347 25.23 31.17 -28.28
N LYS C 348 25.04 30.46 -27.17
CA LYS C 348 24.03 30.86 -26.20
C LYS C 348 24.51 32.06 -25.39
N ILE C 349 25.81 32.10 -25.09
CA ILE C 349 26.40 33.21 -24.32
C ILE C 349 26.27 34.53 -25.08
N GLU C 350 26.48 34.46 -26.38
CA GLU C 350 26.43 35.65 -27.20
C GLU C 350 25.02 36.23 -27.35
N LEU C 351 24.05 35.41 -27.74
CA LEU C 351 22.69 35.90 -27.91
C LEU C 351 22.09 36.32 -26.57
N ALA C 352 22.76 35.94 -25.48
CA ALA C 352 22.31 36.33 -24.15
C ALA C 352 22.60 37.83 -24.06
N LYS C 353 23.85 38.19 -24.33
CA LYS C 353 24.28 39.58 -24.31
C LYS C 353 23.47 40.40 -25.30
N LYS C 354 23.27 39.85 -26.50
CA LYS C 354 22.52 40.52 -27.56
C LYS C 354 21.08 40.72 -27.18
N GLU C 355 20.66 40.10 -26.08
CA GLU C 355 19.28 40.24 -25.63
C GLU C 355 19.16 41.24 -24.48
N GLY C 356 20.29 41.61 -23.89
CA GLY C 356 20.26 42.59 -22.81
C GLY C 356 20.78 42.15 -21.46
N ALA C 357 20.95 40.85 -21.26
CA ALA C 357 21.45 40.32 -20.00
C ALA C 357 22.82 40.91 -19.63
N THR C 358 23.01 41.19 -18.35
CA THR C 358 24.25 41.76 -17.84
C THR C 358 25.22 40.65 -17.46
N VAL C 359 26.43 40.72 -17.98
CA VAL C 359 27.45 39.72 -17.68
C VAL C 359 27.99 39.88 -16.26
N GLN C 360 27.22 39.41 -15.28
CA GLN C 360 27.65 39.52 -13.89
C GLN C 360 28.93 38.73 -13.65
N VAL C 361 29.07 37.59 -14.30
CA VAL C 361 30.27 36.76 -14.17
C VAL C 361 30.59 36.16 -15.55
N GLU C 362 31.88 36.08 -15.87
CA GLU C 362 32.31 35.52 -17.15
C GLU C 362 33.77 35.11 -17.06
N GLY C 363 34.07 33.90 -17.52
CA GLY C 363 35.43 33.43 -17.45
C GLY C 363 35.98 33.15 -18.84
N PRO C 364 37.23 32.68 -18.94
CA PRO C 364 37.82 32.39 -20.26
C PRO C 364 37.18 31.18 -20.96
N ILE C 365 37.84 30.70 -22.01
CA ILE C 365 37.34 29.58 -22.80
C ILE C 365 38.52 28.81 -23.41
N GLU C 366 39.42 28.34 -22.56
CA GLU C 366 40.61 27.61 -23.03
C GLU C 366 40.33 26.19 -23.54
N GLY C 367 40.24 26.05 -24.86
CA GLY C 367 39.99 24.75 -25.46
C GLY C 367 38.53 24.36 -25.35
N ARG C 368 38.25 23.19 -24.80
CA ARG C 368 36.87 22.74 -24.62
C ARG C 368 36.43 23.14 -23.22
N LEU C 369 37.38 23.60 -22.39
CA LEU C 369 37.04 24.00 -21.04
C LEU C 369 36.38 25.37 -21.00
N VAL C 370 35.11 25.37 -20.63
CA VAL C 370 34.31 26.59 -20.52
C VAL C 370 34.25 26.92 -19.04
N HIS C 371 34.69 28.13 -18.69
CA HIS C 371 34.65 28.55 -17.29
C HIS C 371 33.24 29.03 -16.95
N PRO C 372 32.88 29.05 -15.66
CA PRO C 372 31.54 29.50 -15.29
C PRO C 372 31.10 30.83 -15.90
N HIS C 373 29.80 30.90 -16.17
CA HIS C 373 29.19 32.09 -16.75
C HIS C 373 27.89 32.38 -16.05
N VAL C 374 27.76 33.60 -15.54
CA VAL C 374 26.54 34.01 -14.85
C VAL C 374 26.04 35.35 -15.39
N PHE C 375 24.76 35.39 -15.74
CA PHE C 375 24.14 36.59 -16.27
C PHE C 375 23.09 37.08 -15.27
N SER C 376 22.72 38.36 -15.35
CA SER C 376 21.72 38.93 -14.47
C SER C 376 20.76 39.81 -15.27
N ASP C 377 19.76 40.37 -14.60
CA ASP C 377 18.77 41.22 -15.25
C ASP C 377 18.12 40.50 -16.43
N VAL C 378 17.99 39.17 -16.30
CA VAL C 378 17.39 38.29 -17.30
C VAL C 378 15.89 38.11 -17.06
N THR C 379 15.12 38.05 -18.14
CA THR C 379 13.67 37.86 -18.07
C THR C 379 13.27 36.50 -18.68
N SER C 380 12.01 36.10 -18.48
CA SER C 380 11.52 34.80 -18.96
C SER C 380 11.39 34.54 -20.46
N ASP C 381 11.46 35.56 -21.28
CA ASP C 381 11.33 35.35 -22.72
C ASP C 381 12.68 35.46 -23.44
N MET C 382 13.68 34.82 -22.85
CA MET C 382 15.04 34.79 -23.41
C MET C 382 15.48 33.34 -23.41
N GLU C 383 16.12 32.90 -24.50
CA GLU C 383 16.56 31.51 -24.60
C GLU C 383 17.49 31.05 -23.48
N ILE C 384 18.23 31.98 -22.89
CA ILE C 384 19.17 31.66 -21.83
C ILE C 384 18.48 31.09 -20.58
N ALA C 385 17.20 31.43 -20.40
CA ALA C 385 16.43 30.96 -19.25
C ALA C 385 15.37 29.98 -19.72
N ARG C 386 15.13 29.98 -21.03
CA ARG C 386 14.13 29.12 -21.66
C ARG C 386 14.61 27.75 -22.13
N GLU C 387 15.75 27.74 -22.81
CA GLU C 387 16.30 26.50 -23.36
C GLU C 387 17.10 25.67 -22.36
N GLU C 388 17.33 24.41 -22.72
CA GLU C 388 18.13 23.50 -21.91
C GLU C 388 19.55 24.00 -22.18
N ILE C 389 20.36 24.16 -21.14
CA ILE C 389 21.70 24.69 -21.33
C ILE C 389 22.84 23.67 -21.43
N PHE C 390 22.82 22.62 -20.63
CA PHE C 390 23.88 21.61 -20.69
C PHE C 390 25.29 22.20 -20.56
N GLY C 391 25.42 23.31 -19.84
CA GLY C 391 26.72 23.92 -19.66
C GLY C 391 26.76 24.85 -18.45
N PRO C 392 27.93 25.37 -18.07
CA PRO C 392 27.97 26.26 -16.90
C PRO C 392 27.48 27.68 -17.18
N LEU C 393 26.20 27.80 -17.56
CA LEU C 393 25.62 29.11 -17.83
C LEU C 393 24.43 29.38 -16.90
N ILE C 394 24.62 30.33 -15.99
CA ILE C 394 23.60 30.70 -15.00
C ILE C 394 22.85 31.99 -15.32
N SER C 395 21.55 31.99 -15.06
CA SER C 395 20.71 33.16 -15.27
C SER C 395 20.02 33.51 -13.96
N VAL C 396 20.15 34.77 -13.56
CA VAL C 396 19.54 35.24 -12.33
C VAL C 396 18.39 36.18 -12.65
N LEU C 397 17.17 35.67 -12.50
CA LEU C 397 15.98 36.45 -12.77
C LEU C 397 15.39 37.04 -11.48
N LYS C 398 14.90 38.27 -11.57
CA LYS C 398 14.32 38.96 -10.42
C LYS C 398 12.80 38.77 -10.45
N ALA C 399 12.24 38.42 -9.29
CA ALA C 399 10.80 38.21 -9.13
C ALA C 399 10.21 39.36 -8.31
N ASP C 400 9.20 40.03 -8.87
CA ASP C 400 8.58 41.17 -8.21
C ASP C 400 7.99 40.77 -6.86
N ASP C 401 7.62 39.50 -6.74
CA ASP C 401 7.03 38.96 -5.52
C ASP C 401 7.13 37.45 -5.58
N GLU C 402 6.30 36.76 -4.82
CA GLU C 402 6.32 35.30 -4.84
C GLU C 402 5.46 34.75 -5.98
N ALA C 403 4.34 35.42 -6.26
CA ALA C 403 3.43 34.98 -7.32
C ALA C 403 4.18 34.96 -8.65
N HIS C 404 5.13 35.88 -8.78
CA HIS C 404 5.96 36.00 -9.97
C HIS C 404 6.86 34.76 -9.99
N ALA C 405 7.39 34.43 -8.81
CA ALA C 405 8.27 33.27 -8.65
C ALA C 405 7.62 31.99 -9.17
N ALA C 406 6.32 31.84 -8.92
CA ALA C 406 5.62 30.65 -9.39
C ALA C 406 5.58 30.66 -10.91
N GLU C 407 5.21 31.80 -11.49
CA GLU C 407 5.16 31.94 -12.95
C GLU C 407 6.53 31.60 -13.53
N LEU C 408 7.54 32.38 -13.13
CA LEU C 408 8.90 32.21 -13.58
C LEU C 408 9.43 30.79 -13.47
N ALA C 409 9.08 30.11 -12.39
CA ALA C 409 9.52 28.74 -12.15
C ALA C 409 8.93 27.75 -13.13
N ASN C 410 7.64 27.86 -13.38
CA ASN C 410 6.95 26.94 -14.29
C ASN C 410 7.12 27.25 -15.78
N ALA C 411 7.75 28.38 -16.07
CA ALA C 411 8.00 28.85 -17.44
C ALA C 411 8.57 27.80 -18.39
N SER C 412 9.72 27.21 -18.04
CA SER C 412 10.34 26.18 -18.88
C SER C 412 9.45 24.96 -19.07
N ASP C 413 9.52 24.36 -20.26
CA ASP C 413 8.70 23.19 -20.60
C ASP C 413 9.06 21.89 -19.87
N PHE C 414 10.35 21.67 -19.61
CA PHE C 414 10.77 20.43 -18.93
C PHE C 414 11.44 20.66 -17.56
N GLY C 415 11.13 19.77 -16.62
CA GLY C 415 11.69 19.86 -15.29
C GLY C 415 11.43 18.63 -14.43
N LEU C 416 12.50 17.89 -14.14
CA LEU C 416 12.41 16.69 -13.32
C LEU C 416 12.46 17.02 -11.84
N SER C 417 13.14 18.12 -11.52
CA SER C 417 13.26 18.57 -10.13
C SER C 417 13.43 20.08 -10.06
N ALA C 418 13.20 20.63 -8.86
CA ALA C 418 13.32 22.07 -8.63
C ALA C 418 13.80 22.31 -7.21
N ALA C 419 14.24 23.52 -6.93
CA ALA C 419 14.73 23.85 -5.59
C ALA C 419 14.10 25.14 -5.07
N VAL C 420 13.85 25.18 -3.78
CA VAL C 420 13.26 26.37 -3.19
C VAL C 420 13.80 26.59 -1.80
N TRP C 421 14.36 27.77 -1.60
CA TRP C 421 14.91 28.14 -0.31
C TRP C 421 14.00 29.14 0.34
N SER C 422 13.79 28.92 1.64
CA SER C 422 12.92 29.77 2.44
C SER C 422 13.35 29.52 3.90
N LYS C 423 12.54 29.99 4.84
CA LYS C 423 12.84 29.79 6.24
C LYS C 423 11.56 29.24 6.82
N ASP C 424 10.45 29.68 6.23
CA ASP C 424 9.14 29.22 6.65
C ASP C 424 8.89 27.87 5.95
N ILE C 425 9.38 26.80 6.56
CA ILE C 425 9.24 25.45 6.02
C ILE C 425 7.82 25.16 5.56
N ASP C 426 6.85 25.61 6.32
CA ASP C 426 5.45 25.38 5.97
C ASP C 426 5.03 26.12 4.69
N ARG C 427 5.30 27.42 4.61
CA ARG C 427 4.91 28.16 3.41
C ARG C 427 5.73 27.64 2.23
N ALA C 428 7.00 27.35 2.49
CA ALA C 428 7.90 26.82 1.47
C ALA C 428 7.28 25.58 0.83
N ALA C 429 6.80 24.67 1.66
CA ALA C 429 6.17 23.44 1.17
C ALA C 429 4.97 23.76 0.29
N GLN C 430 4.15 24.72 0.73
CA GLN C 430 2.96 25.12 -0.01
C GLN C 430 3.32 25.64 -1.39
N PHE C 431 4.33 26.51 -1.43
CA PHE C 431 4.81 27.10 -2.67
C PHE C 431 5.29 25.98 -3.59
N ALA C 432 6.03 25.05 -3.01
CA ALA C 432 6.59 23.91 -3.73
C ALA C 432 5.55 23.11 -4.50
N LEU C 433 4.35 23.02 -3.95
CA LEU C 433 3.30 22.27 -4.62
C LEU C 433 2.75 23.03 -5.80
N GLN C 434 3.10 24.31 -5.90
CA GLN C 434 2.63 25.18 -6.98
C GLN C 434 3.59 25.22 -8.18
N ILE C 435 4.56 24.30 -8.18
CA ILE C 435 5.54 24.20 -9.24
C ILE C 435 5.38 22.80 -9.82
N ASP C 436 4.85 22.68 -11.04
CA ASP C 436 4.69 21.35 -11.59
C ASP C 436 6.03 20.67 -11.88
N SER C 437 6.47 19.87 -10.91
CA SER C 437 7.72 19.16 -11.01
C SER C 437 7.59 17.90 -10.17
N GLY C 438 8.22 16.83 -10.61
CA GLY C 438 8.17 15.58 -9.88
C GLY C 438 8.83 15.78 -8.53
N MET C 439 9.96 16.46 -8.51
CA MET C 439 10.66 16.72 -7.28
C MET C 439 10.87 18.19 -7.03
N VAL C 440 10.84 18.57 -5.75
CA VAL C 440 11.06 19.94 -5.31
C VAL C 440 11.71 19.79 -3.94
N HIS C 441 12.88 20.38 -3.76
CA HIS C 441 13.58 20.30 -2.50
C HIS C 441 13.67 21.66 -1.82
N ILE C 442 13.45 21.67 -0.52
CA ILE C 442 13.45 22.90 0.26
C ILE C 442 14.67 23.00 1.17
N ASN C 443 15.50 24.00 0.91
CA ASN C 443 16.72 24.25 1.70
C ASN C 443 17.65 23.05 1.72
N ASP C 444 17.62 22.26 0.65
CA ASP C 444 18.45 21.06 0.57
C ASP C 444 19.75 21.30 -0.20
N PHE C 466 16.37 9.75 -6.06
CA PHE C 466 16.01 8.45 -6.59
C PHE C 466 14.94 7.76 -5.76
N ASN C 467 13.77 7.61 -6.36
CA ASN C 467 12.64 6.98 -5.72
C ASN C 467 12.54 5.53 -6.18
N GLY C 468 12.65 4.61 -5.22
CA GLY C 468 12.57 3.19 -5.51
C GLY C 468 11.19 2.71 -5.89
N ASP C 469 10.19 3.06 -5.09
CA ASP C 469 8.83 2.63 -5.34
C ASP C 469 8.37 3.06 -6.73
N TRP C 470 8.95 4.12 -7.26
CA TRP C 470 8.56 4.58 -8.58
C TRP C 470 9.36 3.89 -9.69
N ALA C 471 10.51 3.35 -9.33
CA ALA C 471 11.34 2.62 -10.28
C ALA C 471 10.71 1.23 -10.41
N ILE C 472 10.25 0.68 -9.30
CA ILE C 472 9.60 -0.63 -9.28
C ILE C 472 8.37 -0.62 -10.18
N GLU C 473 7.65 0.49 -10.13
CA GLU C 473 6.45 0.64 -10.92
C GLU C 473 6.81 0.73 -12.40
N GLU C 474 7.83 1.52 -12.69
CA GLU C 474 8.28 1.74 -14.05
C GLU C 474 8.70 0.47 -14.80
N PHE C 475 9.43 -0.41 -14.12
CA PHE C 475 9.93 -1.64 -14.74
C PHE C 475 9.10 -2.90 -14.46
N THR C 476 7.79 -2.72 -14.30
CA THR C 476 6.88 -3.85 -14.07
C THR C 476 5.56 -3.44 -14.65
N THR C 477 4.69 -4.43 -14.84
CA THR C 477 3.34 -4.20 -15.35
C THR C 477 2.40 -5.06 -14.52
N ASP C 478 1.18 -4.57 -14.33
CA ASP C 478 0.22 -5.30 -13.53
C ASP C 478 -0.70 -6.06 -14.44
N ARG C 479 -0.84 -7.33 -14.14
CA ARG C 479 -1.66 -8.21 -14.94
C ARG C 479 -2.86 -8.71 -14.15
N TRP C 480 -4.04 -8.25 -14.53
CA TRP C 480 -5.26 -8.63 -13.84
C TRP C 480 -5.82 -9.93 -14.40
N ILE C 481 -5.84 -10.96 -13.57
CA ILE C 481 -6.38 -12.26 -13.98
C ILE C 481 -7.63 -12.55 -13.15
N GLY C 482 -8.77 -12.50 -13.83
CA GLY C 482 -10.03 -12.75 -13.16
C GLY C 482 -10.46 -14.19 -13.36
N ILE C 483 -10.79 -14.89 -12.29
CA ILE C 483 -11.18 -16.29 -12.42
C ILE C 483 -12.59 -16.59 -11.88
N LYS C 484 -13.49 -17.00 -12.77
CA LYS C 484 -14.85 -17.36 -12.40
C LYS C 484 -14.86 -18.86 -12.11
N ARG C 485 -14.85 -19.21 -10.82
CA ARG C 485 -14.89 -20.61 -10.45
C ARG C 485 -16.36 -21.02 -10.49
N ALA D 5 34.43 -19.49 29.79
CA ALA D 5 33.41 -19.72 28.71
C ALA D 5 33.40 -18.46 27.85
N THR D 6 33.50 -18.66 26.54
CA THR D 6 33.59 -17.54 25.62
C THR D 6 32.84 -17.73 24.30
N PHE D 7 32.66 -16.61 23.59
CA PHE D 7 32.02 -16.59 22.29
C PHE D 7 32.52 -15.35 21.54
N ALA D 8 33.03 -15.56 20.32
CA ALA D 8 33.56 -14.48 19.50
C ALA D 8 34.49 -13.62 20.34
N GLY D 9 35.18 -14.26 21.27
CA GLY D 9 36.09 -13.55 22.14
C GLY D 9 35.50 -13.16 23.47
N ILE D 10 34.37 -12.45 23.46
CA ILE D 10 33.72 -12.01 24.69
C ILE D 10 33.43 -13.10 25.74
N ASP D 11 33.42 -12.71 27.01
CA ASP D 11 33.12 -13.63 28.10
C ASP D 11 31.63 -13.92 27.92
N ALA D 12 31.25 -15.19 27.92
CA ALA D 12 29.86 -15.57 27.69
C ALA D 12 28.90 -15.48 28.88
N THR D 13 29.46 -15.22 30.07
CA THR D 13 28.64 -15.12 31.28
C THR D 13 28.12 -13.71 31.54
N LYS D 14 28.72 -12.73 30.86
CA LYS D 14 28.34 -11.34 31.05
C LYS D 14 27.05 -10.95 30.36
N HIS D 15 26.57 -9.76 30.73
CA HIS D 15 25.36 -9.19 30.18
C HIS D 15 25.70 -7.90 29.47
N LEU D 16 25.06 -7.63 28.33
CA LEU D 16 25.32 -6.41 27.58
C LEU D 16 24.33 -5.30 28.04
N ILE D 17 24.82 -4.38 28.85
CA ILE D 17 24.00 -3.29 29.37
C ILE D 17 24.65 -1.94 29.11
N GLY D 18 23.89 -1.01 28.54
CA GLY D 18 24.41 0.31 28.27
C GLY D 18 25.60 0.27 27.34
N GLY D 19 25.62 -0.75 26.47
CA GLY D 19 26.72 -0.91 25.53
C GLY D 19 27.97 -1.51 26.13
N GLN D 20 27.93 -1.86 27.41
CA GLN D 20 29.10 -2.44 28.06
C GLN D 20 28.84 -3.84 28.63
N TRP D 21 29.71 -4.79 28.28
CA TRP D 21 29.58 -6.15 28.76
C TRP D 21 30.03 -6.17 30.20
N VAL D 22 29.11 -6.48 31.10
CA VAL D 22 29.38 -6.49 32.52
C VAL D 22 28.88 -7.78 33.16
N GLU D 23 29.30 -8.03 34.39
CA GLU D 23 28.88 -9.21 35.11
C GLU D 23 27.58 -8.88 35.87
N GLY D 24 26.73 -9.87 36.06
CA GLY D 24 25.49 -9.63 36.75
C GLY D 24 25.70 -9.12 38.17
N ASN D 25 24.63 -8.65 38.80
CA ASN D 25 24.72 -8.14 40.16
C ASN D 25 23.92 -8.90 41.19
N SER D 26 23.00 -9.77 40.77
CA SER D 26 22.22 -10.54 41.74
C SER D 26 23.12 -11.62 42.35
N ASP D 27 22.81 -12.05 43.57
CA ASP D 27 23.61 -13.06 44.22
C ASP D 27 23.34 -14.44 43.64
N ARG D 28 22.24 -14.57 42.91
CA ARG D 28 21.87 -15.85 42.32
C ARG D 28 22.87 -16.27 41.24
N ILE D 29 23.39 -17.47 41.40
CA ILE D 29 24.35 -18.04 40.45
C ILE D 29 23.63 -19.09 39.63
N SER D 30 23.70 -18.94 38.31
CA SER D 30 23.05 -19.90 37.42
C SER D 30 24.14 -20.72 36.76
N THR D 31 23.93 -22.04 36.71
CA THR D 31 24.90 -22.91 36.08
C THR D 31 24.30 -23.45 34.79
N ASN D 32 25.01 -23.24 33.69
CA ASN D 32 24.55 -23.69 32.37
C ASN D 32 25.01 -25.15 32.17
N ILE D 33 24.05 -26.03 31.96
CA ILE D 33 24.33 -27.45 31.80
C ILE D 33 24.10 -27.96 30.40
N ASN D 34 25.04 -28.75 29.88
CA ASN D 34 24.91 -29.34 28.56
C ASN D 34 23.77 -30.33 28.73
N PRO D 35 22.70 -30.22 27.93
CA PRO D 35 21.57 -31.15 28.04
C PRO D 35 21.87 -32.61 27.71
N TYR D 36 22.87 -32.85 26.88
CA TYR D 36 23.23 -34.20 26.47
C TYR D 36 24.07 -35.00 27.45
N ASP D 37 24.95 -34.34 28.21
CA ASP D 37 25.80 -35.10 29.13
C ASP D 37 25.93 -34.54 30.53
N ASP D 38 25.23 -33.44 30.80
CA ASP D 38 25.25 -32.78 32.10
C ASP D 38 26.57 -32.12 32.47
N SER D 39 27.41 -31.83 31.49
CA SER D 39 28.66 -31.17 31.79
C SER D 39 28.36 -29.68 31.83
N VAL D 40 28.96 -28.97 32.78
CA VAL D 40 28.73 -27.54 32.93
C VAL D 40 29.48 -26.73 31.88
N ILE D 41 28.75 -25.84 31.21
CA ILE D 41 29.29 -24.99 30.16
C ILE D 41 29.91 -23.74 30.77
N ALA D 42 29.20 -23.14 31.70
CA ALA D 42 29.65 -21.92 32.36
C ALA D 42 28.81 -21.75 33.60
N GLU D 43 29.16 -20.74 34.40
CA GLU D 43 28.43 -20.44 35.62
C GLU D 43 28.41 -18.94 35.74
N SER D 44 27.31 -18.32 35.31
CA SER D 44 27.19 -16.86 35.33
C SER D 44 26.37 -16.25 36.45
N LYS D 45 26.90 -15.18 37.03
CA LYS D 45 26.18 -14.50 38.08
C LYS D 45 25.00 -13.86 37.36
N GLN D 46 23.78 -14.09 37.86
CA GLN D 46 22.57 -13.59 37.22
C GLN D 46 22.37 -12.08 37.32
N ALA D 47 21.52 -11.56 36.45
CA ALA D 47 21.21 -10.13 36.43
C ALA D 47 20.09 -9.84 37.42
N SER D 48 20.26 -8.76 38.18
CA SER D 48 19.29 -8.36 39.18
C SER D 48 18.27 -7.38 38.59
N ILE D 49 17.24 -7.07 39.39
CA ILE D 49 16.20 -6.14 38.98
C ILE D 49 16.86 -4.81 38.56
N ALA D 50 17.81 -4.35 39.35
CA ALA D 50 18.51 -3.11 39.03
C ALA D 50 19.18 -3.19 37.64
N ASP D 51 19.72 -4.36 37.31
CA ASP D 51 20.38 -4.54 36.02
C ASP D 51 19.39 -4.41 34.87
N VAL D 52 18.15 -4.86 35.08
CA VAL D 52 17.15 -4.77 34.03
C VAL D 52 16.78 -3.30 33.87
N ASP D 53 16.67 -2.58 34.98
CA ASP D 53 16.35 -1.16 34.94
C ASP D 53 17.40 -0.38 34.14
N ALA D 54 18.68 -0.67 34.38
CA ALA D 54 19.77 0.00 33.68
C ALA D 54 19.67 -0.25 32.18
N ALA D 55 19.47 -1.51 31.81
CA ALA D 55 19.34 -1.89 30.41
C ALA D 55 18.23 -1.09 29.72
N TYR D 56 17.04 -1.08 30.32
CA TYR D 56 15.91 -0.34 29.73
C TYR D 56 16.17 1.15 29.72
N GLU D 57 16.75 1.65 30.79
CA GLU D 57 17.03 3.07 30.85
C GLU D 57 17.99 3.49 29.76
N ALA D 58 19.18 2.89 29.73
CA ALA D 58 20.20 3.22 28.72
C ALA D 58 19.67 3.01 27.32
N ALA D 59 18.90 1.94 27.14
CA ALA D 59 18.34 1.66 25.83
C ALA D 59 17.42 2.79 25.41
N LYS D 60 16.59 3.28 26.33
CA LYS D 60 15.68 4.35 25.99
C LYS D 60 16.39 5.64 25.62
N LYS D 61 17.55 5.89 26.23
CA LYS D 61 18.29 7.11 25.91
C LYS D 61 18.94 7.06 24.54
N ALA D 62 19.38 5.89 24.10
CA ALA D 62 20.04 5.76 22.80
C ALA D 62 19.12 5.53 21.63
N GLN D 63 17.87 5.16 21.90
CA GLN D 63 16.95 4.86 20.80
C GLN D 63 16.68 5.96 19.81
N ALA D 64 16.43 7.18 20.29
CA ALA D 64 16.13 8.29 19.39
C ALA D 64 17.18 8.51 18.31
N GLU D 65 18.45 8.62 18.72
CA GLU D 65 19.51 8.85 17.73
C GLU D 65 19.59 7.70 16.73
N TRP D 66 19.43 6.48 17.22
CA TRP D 66 19.46 5.33 16.33
C TRP D 66 18.32 5.45 15.35
N ALA D 67 17.15 5.83 15.86
CA ALA D 67 15.99 5.98 14.99
C ALA D 67 16.18 7.14 14.01
N ALA D 68 17.00 8.12 14.39
CA ALA D 68 17.23 9.26 13.51
C ALA D 68 18.28 8.92 12.43
N THR D 69 19.04 7.85 12.65
CA THR D 69 20.06 7.41 11.69
C THR D 69 19.46 7.16 10.30
N PRO D 70 20.17 7.56 9.23
CA PRO D 70 19.67 7.36 7.86
C PRO D 70 19.34 5.89 7.57
N ALA D 71 18.30 5.69 6.76
CA ALA D 71 17.84 4.34 6.38
C ALA D 71 18.94 3.44 5.86
N ALA D 72 19.65 3.94 4.85
CA ALA D 72 20.73 3.19 4.22
C ALA D 72 21.80 2.83 5.23
N GLU D 73 21.97 3.71 6.20
CA GLU D 73 22.97 3.50 7.24
C GLU D 73 22.51 2.34 8.12
N ARG D 74 21.27 2.41 8.62
CA ARG D 74 20.77 1.34 9.46
C ARG D 74 20.74 0.01 8.72
N SER D 75 20.40 0.05 7.44
CA SER D 75 20.34 -1.19 6.65
C SER D 75 21.72 -1.78 6.37
N ALA D 76 22.76 -0.95 6.33
CA ALA D 76 24.10 -1.49 6.09
C ALA D 76 24.50 -2.30 7.32
N ILE D 77 24.18 -1.76 8.49
CA ILE D 77 24.51 -2.45 9.73
C ILE D 77 23.72 -3.75 9.90
N ILE D 78 22.51 -3.80 9.37
CA ILE D 78 21.69 -5.01 9.50
C ILE D 78 22.22 -6.06 8.53
N TYR D 79 22.64 -5.63 7.34
CA TYR D 79 23.19 -6.55 6.35
C TYR D 79 24.55 -7.08 6.82
N ARG D 80 25.28 -6.26 7.55
CA ARG D 80 26.57 -6.66 8.07
C ARG D 80 26.41 -7.81 9.07
N ALA D 81 25.46 -7.65 9.99
CA ALA D 81 25.18 -8.66 11.03
C ALA D 81 24.81 -9.98 10.40
N ALA D 82 24.27 -9.92 9.18
CA ALA D 82 23.92 -11.15 8.50
C ALA D 82 25.21 -11.83 8.03
N GLU D 83 26.15 -11.04 7.51
CA GLU D 83 27.41 -11.59 7.06
C GLU D 83 28.09 -12.17 8.29
N LEU D 84 28.03 -11.42 9.39
CA LEU D 84 28.64 -11.87 10.65
C LEU D 84 28.05 -13.19 11.13
N LEU D 85 26.79 -13.46 10.80
CA LEU D 85 26.15 -14.71 11.20
C LEU D 85 26.93 -15.84 10.54
N GLU D 86 27.25 -15.65 9.26
CA GLU D 86 27.97 -16.65 8.49
C GLU D 86 29.44 -16.77 8.86
N GLU D 87 30.11 -15.64 9.08
CA GLU D 87 31.51 -15.64 9.44
C GLU D 87 31.75 -16.36 10.76
N HIS D 88 30.76 -16.34 11.64
CA HIS D 88 30.89 -16.98 12.95
C HIS D 88 30.16 -18.31 13.02
N ARG D 89 29.68 -18.75 11.86
CA ARG D 89 28.94 -20.00 11.74
C ARG D 89 29.47 -21.16 12.56
N GLU D 90 30.70 -21.54 12.25
CA GLU D 90 31.40 -22.64 12.89
C GLU D 90 31.26 -22.63 14.42
N GLU D 91 31.51 -21.48 15.02
CA GLU D 91 31.45 -21.33 16.48
C GLU D 91 30.03 -21.31 17.06
N ILE D 92 29.09 -20.75 16.31
CA ILE D 92 27.71 -20.69 16.76
C ILE D 92 27.17 -22.13 16.78
N VAL D 93 27.57 -22.93 15.78
CA VAL D 93 27.15 -24.32 15.69
C VAL D 93 27.52 -25.07 16.99
N GLU D 94 28.77 -24.94 17.42
CA GLU D 94 29.22 -25.60 18.65
C GLU D 94 28.34 -25.18 19.82
N TRP D 95 28.10 -23.89 19.96
CA TRP D 95 27.23 -23.41 21.04
C TRP D 95 25.82 -23.97 20.94
N LEU D 96 25.26 -23.97 19.75
CA LEU D 96 23.92 -24.50 19.55
C LEU D 96 23.83 -25.96 20.03
N ILE D 97 24.81 -26.77 19.63
CA ILE D 97 24.88 -28.18 20.00
C ILE D 97 25.05 -28.31 21.51
N LYS D 98 26.08 -27.64 22.00
CA LYS D 98 26.45 -27.65 23.39
C LYS D 98 25.39 -27.16 24.42
N GLU D 99 24.79 -26.00 24.15
CA GLU D 99 23.82 -25.40 25.07
C GLU D 99 22.35 -25.78 24.89
N SER D 100 21.86 -25.69 23.66
CA SER D 100 20.47 -26.00 23.38
C SER D 100 20.24 -27.43 22.93
N GLY D 101 21.28 -28.27 23.04
CA GLY D 101 21.15 -29.67 22.65
C GLY D 101 20.77 -29.90 21.21
N SER D 102 21.01 -28.92 20.35
CA SER D 102 20.67 -29.08 18.95
C SER D 102 21.62 -30.01 18.19
N THR D 103 21.10 -30.65 17.16
CA THR D 103 21.86 -31.54 16.31
C THR D 103 22.79 -30.65 15.52
N ARG D 104 23.91 -31.18 15.02
CA ARG D 104 24.83 -30.36 14.24
C ARG D 104 24.18 -29.83 12.98
N SER D 105 23.43 -30.70 12.30
CA SER D 105 22.76 -30.31 11.06
C SER D 105 21.57 -29.40 11.36
N LYS D 106 20.98 -29.57 12.53
CA LYS D 106 19.86 -28.75 12.94
C LYS D 106 20.44 -27.35 13.20
N ALA D 107 21.62 -27.32 13.79
CA ALA D 107 22.31 -26.09 14.08
C ALA D 107 22.62 -25.33 12.80
N ASN D 108 23.04 -26.03 11.77
CA ASN D 108 23.36 -25.36 10.52
C ASN D 108 22.13 -24.84 9.80
N LEU D 109 20.99 -25.46 10.04
CA LEU D 109 19.77 -25.01 9.41
C LEU D 109 19.34 -23.72 10.14
N GLU D 110 19.41 -23.77 11.47
CA GLU D 110 19.04 -22.62 12.29
C GLU D 110 19.81 -21.36 11.93
N ILE D 111 21.11 -21.53 11.66
CA ILE D 111 21.93 -20.37 11.32
C ILE D 111 21.56 -19.82 9.95
N THR D 112 21.25 -20.71 9.01
CA THR D 112 20.84 -20.30 7.68
C THR D 112 19.53 -19.52 7.82
N LEU D 113 18.68 -20.01 8.73
CA LEU D 113 17.39 -19.38 8.99
C LEU D 113 17.58 -17.96 9.50
N ALA D 114 18.36 -17.83 10.58
CA ALA D 114 18.66 -16.55 11.21
C ALA D 114 19.16 -15.55 10.19
N GLY D 115 20.28 -15.90 9.55
CA GLY D 115 20.85 -15.02 8.54
C GLY D 115 19.89 -14.68 7.43
N ASN D 116 19.04 -15.64 7.08
CA ASN D 116 18.05 -15.39 6.03
C ASN D 116 17.04 -14.34 6.46
N ILE D 117 16.76 -14.28 7.76
CA ILE D 117 15.82 -13.33 8.31
C ILE D 117 16.42 -11.94 8.42
N THR D 118 17.65 -11.84 8.92
CA THR D 118 18.25 -10.51 9.06
C THR D 118 18.62 -9.88 7.70
N LYS D 119 18.86 -10.68 6.67
CA LYS D 119 19.16 -10.14 5.34
C LYS D 119 17.85 -9.55 4.80
N GLU D 120 16.75 -10.25 5.06
CA GLU D 120 15.44 -9.78 4.65
C GLU D 120 15.16 -8.50 5.47
N SER D 121 15.53 -8.54 6.76
CA SER D 121 15.33 -7.41 7.65
C SER D 121 16.12 -6.20 7.20
N ALA D 122 17.24 -6.46 6.53
CA ALA D 122 18.12 -5.40 6.05
C ALA D 122 17.40 -4.42 5.11
N SER D 123 16.38 -4.88 4.40
CA SER D 123 15.69 -4.00 3.49
C SER D 123 14.56 -3.19 4.14
N PHE D 124 14.30 -3.45 5.42
CA PHE D 124 13.20 -2.77 6.11
C PHE D 124 13.32 -1.24 6.25
N PRO D 125 14.51 -0.72 6.57
CA PRO D 125 14.63 0.73 6.71
C PRO D 125 14.07 1.49 5.51
N GLY D 126 14.28 0.96 4.32
CA GLY D 126 13.79 1.65 3.13
C GLY D 126 12.39 1.20 2.73
N ARG D 127 11.74 0.43 3.58
CA ARG D 127 10.40 -0.03 3.25
C ARG D 127 9.38 0.63 4.17
N VAL D 128 9.85 1.18 5.29
CA VAL D 128 8.96 1.85 6.25
C VAL D 128 8.47 3.22 5.77
N HIS D 129 7.18 3.32 5.48
CA HIS D 129 6.64 4.61 5.05
C HIS D 129 5.27 4.93 5.70
N GLY D 130 4.95 6.22 5.74
CA GLY D 130 3.70 6.67 6.31
C GLY D 130 2.74 7.07 5.21
N ARG D 131 1.61 7.66 5.59
CA ARG D 131 0.60 8.09 4.64
C ARG D 131 0.25 9.56 4.78
N ILE D 132 -0.36 10.09 3.73
CA ILE D 132 -0.84 11.47 3.72
C ILE D 132 -2.27 11.23 3.26
N SER D 133 -3.17 11.09 4.24
CA SER D 133 -4.59 10.79 3.98
C SER D 133 -5.45 11.97 3.56
N PRO D 134 -6.58 11.68 2.91
CA PRO D 134 -7.43 12.81 2.51
C PRO D 134 -8.11 13.41 3.73
N SER D 135 -8.54 14.67 3.60
CA SER D 135 -9.20 15.33 4.69
C SER D 135 -10.66 15.54 4.32
N ASN D 136 -11.48 15.74 5.33
CA ASN D 136 -12.90 15.96 5.10
C ASN D 136 -13.30 17.33 5.60
N THR D 137 -12.38 18.00 6.28
CA THR D 137 -12.64 19.33 6.80
C THR D 137 -11.74 20.27 6.01
N PRO D 138 -12.31 21.38 5.56
CA PRO D 138 -11.59 22.37 4.78
C PRO D 138 -10.27 22.83 5.44
N GLY D 139 -9.22 22.94 4.63
CA GLY D 139 -7.92 23.40 5.12
C GLY D 139 -7.18 22.47 6.06
N LYS D 140 -7.72 21.28 6.29
CA LYS D 140 -7.07 20.32 7.16
C LYS D 140 -6.26 19.34 6.32
N GLU D 141 -5.13 18.91 6.87
CA GLU D 141 -4.25 17.98 6.18
C GLU D 141 -3.85 16.84 7.11
N ASN D 142 -4.17 15.62 6.72
CA ASN D 142 -3.82 14.47 7.55
C ASN D 142 -2.51 13.81 7.15
N ARG D 143 -1.61 13.68 8.11
CA ARG D 143 -0.31 13.07 7.90
C ARG D 143 -0.09 12.00 8.96
N VAL D 144 -0.07 10.74 8.55
CA VAL D 144 0.17 9.70 9.52
C VAL D 144 1.61 9.21 9.33
N TYR D 145 2.42 9.46 10.34
CA TYR D 145 3.82 9.05 10.33
C TYR D 145 3.97 7.63 10.86
N ARG D 146 4.89 6.89 10.25
CA ARG D 146 5.19 5.53 10.68
C ARG D 146 6.54 5.58 11.37
N VAL D 147 6.56 5.41 12.70
CA VAL D 147 7.79 5.48 13.44
C VAL D 147 8.07 4.21 14.22
N ALA D 148 9.21 4.16 14.91
CA ALA D 148 9.56 2.99 15.70
C ALA D 148 8.73 3.01 16.96
N LYS D 149 8.55 1.84 17.55
CA LYS D 149 7.78 1.74 18.79
C LYS D 149 8.54 2.43 19.91
N GLY D 150 9.86 2.35 19.85
CA GLY D 150 10.71 2.94 20.87
C GLY D 150 11.60 1.83 21.36
N VAL D 151 11.40 1.40 22.61
CA VAL D 151 12.17 0.31 23.18
C VAL D 151 11.34 -0.96 23.14
N VAL D 152 11.95 -2.03 22.65
CA VAL D 152 11.27 -3.32 22.54
C VAL D 152 11.93 -4.37 23.40
N GLY D 153 11.12 -5.00 24.25
CA GLY D 153 11.62 -6.06 25.12
C GLY D 153 11.42 -7.39 24.42
N VAL D 154 12.49 -8.17 24.28
CA VAL D 154 12.40 -9.46 23.62
C VAL D 154 12.77 -10.63 24.53
N ILE D 155 11.81 -11.54 24.67
CA ILE D 155 11.95 -12.75 25.46
C ILE D 155 12.04 -13.88 24.42
N SER D 156 13.15 -14.59 24.42
CA SER D 156 13.35 -15.66 23.45
C SER D 156 13.27 -17.05 24.11
N PRO D 157 12.93 -18.09 23.32
CA PRO D 157 12.80 -19.46 23.81
C PRO D 157 14.06 -20.31 23.75
N TRP D 158 14.02 -21.49 24.37
CA TRP D 158 15.16 -22.40 24.36
C TRP D 158 15.21 -23.34 23.16
N ASN D 159 14.11 -23.48 22.42
CA ASN D 159 14.07 -24.40 21.27
C ASN D 159 14.98 -23.98 20.11
N PHE D 160 14.68 -22.88 19.41
CA PHE D 160 15.57 -22.42 18.36
C PHE D 160 15.99 -21.02 18.83
N PRO D 161 16.78 -20.93 19.93
CA PRO D 161 17.23 -19.66 20.49
C PRO D 161 17.70 -18.60 19.52
N LEU D 162 18.76 -18.90 18.80
CA LEU D 162 19.31 -17.95 17.84
C LEU D 162 18.27 -17.46 16.82
N ASN D 163 17.73 -18.41 16.08
CA ASN D 163 16.74 -18.14 15.04
C ASN D 163 15.47 -17.42 15.52
N LEU D 164 14.93 -17.79 16.68
CA LEU D 164 13.70 -17.15 17.15
C LEU D 164 13.94 -15.80 17.84
N SER D 165 15.13 -15.60 18.39
CA SER D 165 15.41 -14.30 18.99
C SER D 165 15.58 -13.33 17.80
N ILE D 166 16.42 -13.72 16.85
CA ILE D 166 16.70 -12.91 15.65
C ILE D 166 15.42 -12.51 14.93
N ARG D 167 14.46 -13.44 14.87
CA ARG D 167 13.16 -13.24 14.23
C ARG D 167 12.50 -11.92 14.70
N SER D 168 12.75 -11.53 15.95
CA SER D 168 12.20 -10.28 16.45
C SER D 168 13.29 -9.24 16.52
N VAL D 169 14.44 -9.61 17.08
CA VAL D 169 15.57 -8.70 17.23
C VAL D 169 15.96 -7.93 15.95
N ALA D 170 16.23 -8.66 14.86
CA ALA D 170 16.63 -8.04 13.60
C ALA D 170 15.66 -7.04 13.01
N PRO D 171 14.39 -7.42 12.83
CA PRO D 171 13.48 -6.42 12.26
C PRO D 171 13.27 -5.19 13.16
N ALA D 172 13.14 -5.43 14.46
CA ALA D 172 12.93 -4.37 15.44
C ALA D 172 14.06 -3.35 15.35
N LEU D 173 15.30 -3.83 15.45
CA LEU D 173 16.48 -2.96 15.34
C LEU D 173 16.49 -2.24 13.99
N ALA D 174 16.24 -3.00 12.93
CA ALA D 174 16.22 -2.47 11.57
C ALA D 174 15.31 -1.26 11.41
N VAL D 175 14.16 -1.36 12.03
CA VAL D 175 13.14 -0.36 11.91
C VAL D 175 13.32 0.92 12.73
N GLY D 176 14.23 0.89 13.69
CA GLY D 176 14.48 2.07 14.49
C GLY D 176 14.36 1.85 15.97
N ASN D 177 14.01 0.63 16.35
CA ASN D 177 13.85 0.30 17.75
C ASN D 177 15.16 0.00 18.42
N ALA D 178 15.18 0.14 19.74
CA ALA D 178 16.34 -0.20 20.54
C ALA D 178 15.79 -1.48 21.19
N VAL D 179 16.59 -2.52 21.38
CA VAL D 179 16.03 -3.74 21.97
C VAL D 179 16.84 -4.40 23.08
N VAL D 180 16.12 -4.92 24.07
CA VAL D 180 16.70 -5.62 25.20
C VAL D 180 16.21 -7.07 25.15
N ILE D 181 17.14 -8.01 25.25
CA ILE D 181 16.82 -9.43 25.21
C ILE D 181 16.89 -10.06 26.59
N LYS D 182 15.90 -10.91 26.86
CA LYS D 182 15.82 -11.68 28.10
C LYS D 182 15.62 -13.08 27.54
N PRO D 183 16.71 -13.86 27.42
CA PRO D 183 16.62 -15.21 26.86
C PRO D 183 16.17 -16.26 27.88
N ALA D 184 15.77 -17.43 27.40
CA ALA D 184 15.35 -18.49 28.33
C ALA D 184 16.54 -18.85 29.22
N SER D 185 16.29 -19.11 30.50
CA SER D 185 17.37 -19.47 31.42
C SER D 185 18.23 -20.69 31.01
N ASP D 186 17.75 -21.49 30.06
CA ASP D 186 18.51 -22.67 29.60
C ASP D 186 19.50 -22.31 28.48
N THR D 187 19.13 -21.33 27.66
CA THR D 187 19.99 -20.93 26.54
C THR D 187 20.36 -19.43 26.56
N PRO D 188 20.95 -18.94 27.66
CA PRO D 188 21.32 -17.52 27.73
C PRO D 188 22.30 -16.98 26.68
N VAL D 189 23.18 -17.82 26.14
CA VAL D 189 24.12 -17.33 25.15
C VAL D 189 23.62 -17.52 23.73
N THR D 190 22.99 -18.64 23.44
CA THR D 190 22.49 -18.84 22.09
C THR D 190 21.26 -17.97 21.86
N GLY D 191 20.52 -17.70 22.93
CA GLY D 191 19.34 -16.87 22.79
C GLY D 191 19.58 -15.39 23.12
N GLY D 192 20.67 -15.09 23.84
CA GLY D 192 20.96 -13.71 24.21
C GLY D 192 22.32 -13.15 23.80
N VAL D 193 23.39 -13.65 24.42
CA VAL D 193 24.75 -13.22 24.11
C VAL D 193 25.14 -13.26 22.63
N ILE D 194 24.88 -14.36 21.94
CA ILE D 194 25.25 -14.41 20.52
C ILE D 194 24.43 -13.44 19.66
N PRO D 195 23.09 -13.42 19.80
CA PRO D 195 22.39 -12.47 18.95
C PRO D 195 22.82 -11.03 19.25
N ALA D 196 22.89 -10.70 20.54
CA ALA D 196 23.30 -9.39 20.99
C ALA D 196 24.66 -8.97 20.46
N ARG D 197 25.62 -9.88 20.49
CA ARG D 197 26.99 -9.63 20.05
C ARG D 197 27.14 -9.49 18.54
N ILE D 198 26.34 -10.22 17.77
CA ILE D 198 26.45 -10.16 16.33
C ILE D 198 26.13 -8.74 15.84
N PHE D 199 25.05 -8.16 16.35
CA PHE D 199 24.61 -6.81 15.98
C PHE D 199 25.57 -5.76 16.56
N GLU D 200 26.16 -6.05 17.72
CA GLU D 200 27.10 -5.10 18.29
C GLU D 200 28.33 -5.09 17.36
N GLU D 201 28.83 -6.27 16.99
CA GLU D 201 29.97 -6.35 16.11
C GLU D 201 29.62 -5.80 14.73
N ALA D 202 28.32 -5.75 14.43
CA ALA D 202 27.88 -5.24 13.14
C ALA D 202 27.78 -3.71 13.20
N GLY D 203 27.95 -3.18 14.40
CA GLY D 203 27.90 -1.73 14.60
C GLY D 203 26.65 -1.04 15.11
N VAL D 204 25.67 -1.71 15.70
CA VAL D 204 24.53 -0.93 16.19
C VAL D 204 25.11 -0.23 17.42
N PRO D 205 24.90 1.09 17.51
CA PRO D 205 25.43 1.85 18.64
C PRO D 205 25.10 1.25 20.00
N ALA D 206 25.96 1.57 20.97
CA ALA D 206 25.82 1.11 22.35
C ALA D 206 24.47 1.49 22.93
N GLY D 207 23.90 0.57 23.71
CA GLY D 207 22.60 0.80 24.32
C GLY D 207 21.43 0.48 23.41
N VAL D 208 21.66 0.36 22.10
CA VAL D 208 20.57 0.04 21.18
C VAL D 208 20.29 -1.47 21.19
N ILE D 209 21.27 -2.27 21.62
CA ILE D 209 21.07 -3.71 21.73
C ILE D 209 21.62 -4.14 23.09
N SER D 210 20.88 -5.01 23.79
CA SER D 210 21.28 -5.49 25.11
C SER D 210 20.71 -6.88 25.46
N THR D 211 21.38 -7.57 26.37
CA THR D 211 20.92 -8.86 26.85
C THR D 211 21.12 -8.88 28.31
N VAL D 212 20.11 -9.38 28.96
CA VAL D 212 20.12 -9.43 30.38
C VAL D 212 19.48 -10.77 30.74
N ALA D 213 20.30 -11.65 31.32
CA ALA D 213 19.85 -12.98 31.69
C ALA D 213 19.71 -13.09 33.19
N GLY D 214 18.52 -13.48 33.60
CA GLY D 214 18.24 -13.64 35.00
C GLY D 214 17.32 -14.78 35.38
N ALA D 215 17.38 -15.12 36.65
CA ALA D 215 16.56 -16.18 37.19
C ALA D 215 15.08 -15.81 36.97
N GLY D 216 14.37 -16.77 36.39
CA GLY D 216 12.94 -16.67 36.09
C GLY D 216 11.97 -15.70 36.78
N SER D 217 10.82 -16.19 37.20
CA SER D 217 9.80 -15.33 37.83
C SER D 217 9.91 -13.79 38.13
N GLU D 218 10.55 -13.41 39.24
CA GLU D 218 10.61 -11.99 39.60
C GLU D 218 11.24 -11.08 38.56
N ILE D 219 12.39 -11.51 38.08
CA ILE D 219 13.08 -10.75 37.08
C ILE D 219 12.25 -10.83 35.80
N GLY D 220 11.60 -11.97 35.60
CA GLY D 220 10.78 -12.14 34.42
C GLY D 220 9.59 -11.17 34.41
N ASP D 221 8.97 -11.01 35.57
CA ASP D 221 7.84 -10.12 35.71
C ASP D 221 8.30 -8.69 35.57
N HIS D 222 9.38 -8.36 36.27
CA HIS D 222 9.92 -7.00 36.21
C HIS D 222 10.19 -6.62 34.76
N PHE D 223 10.82 -7.54 34.03
CA PHE D 223 11.16 -7.32 32.62
C PHE D 223 9.94 -7.01 31.74
N VAL D 224 8.80 -7.63 32.03
CA VAL D 224 7.59 -7.41 31.24
C VAL D 224 6.80 -6.20 31.73
N THR D 225 6.79 -6.06 33.04
CA THR D 225 6.08 -5.05 33.81
C THR D 225 6.66 -3.62 33.83
N HIS D 226 7.92 -3.49 33.41
CA HIS D 226 8.62 -2.20 33.39
C HIS D 226 7.92 -1.10 32.61
N ALA D 227 8.20 0.15 32.94
CA ALA D 227 7.55 1.27 32.26
C ALA D 227 8.14 1.64 30.88
N VAL D 228 9.42 1.34 30.68
CA VAL D 228 10.11 1.66 29.44
C VAL D 228 9.66 0.95 28.16
N PRO D 229 9.62 -0.39 28.14
CA PRO D 229 9.20 -1.07 26.89
C PRO D 229 7.78 -0.75 26.41
N LYS D 230 7.64 -0.47 25.12
CA LYS D 230 6.34 -0.19 24.51
C LYS D 230 5.86 -1.40 23.74
N LEU D 231 6.65 -2.46 23.83
CA LEU D 231 6.34 -3.73 23.19
C LEU D 231 7.18 -4.79 23.88
N ILE D 232 6.56 -5.95 24.05
CA ILE D 232 7.20 -7.11 24.65
C ILE D 232 6.85 -8.19 23.65
N SER D 233 7.90 -8.76 23.06
CA SER D 233 7.77 -9.82 22.08
C SER D 233 8.04 -11.09 22.86
N PHE D 234 7.24 -12.11 22.62
CA PHE D 234 7.41 -13.35 23.36
C PHE D 234 7.21 -14.52 22.45
N THR D 235 8.07 -15.50 22.60
CA THR D 235 7.99 -16.71 21.83
C THR D 235 8.21 -17.79 22.87
N GLY D 236 7.34 -18.79 22.88
CA GLY D 236 7.47 -19.85 23.85
C GLY D 236 6.22 -20.65 24.14
N SER D 237 6.11 -21.04 25.40
CA SER D 237 5.01 -21.83 25.93
C SER D 237 3.74 -20.98 26.11
N THR D 238 2.56 -21.58 25.89
CA THR D 238 1.31 -20.82 26.06
C THR D 238 0.98 -20.43 27.51
N PRO D 239 1.30 -21.30 28.49
CA PRO D 239 0.98 -20.87 29.86
C PRO D 239 1.82 -19.67 30.24
N VAL D 240 3.05 -19.63 29.72
CA VAL D 240 3.95 -18.54 30.00
C VAL D 240 3.55 -17.30 29.19
N GLY D 241 3.17 -17.52 27.94
CA GLY D 241 2.76 -16.41 27.10
C GLY D 241 1.53 -15.75 27.70
N ARG D 242 0.68 -16.61 28.26
CA ARG D 242 -0.55 -16.18 28.91
C ARG D 242 -0.20 -15.23 30.02
N ARG D 243 0.75 -15.66 30.83
CA ARG D 243 1.22 -14.90 31.96
C ARG D 243 1.79 -13.55 31.53
N VAL D 244 2.54 -13.54 30.42
CA VAL D 244 3.13 -12.32 29.89
C VAL D 244 2.02 -11.38 29.47
N GLY D 245 0.93 -11.95 28.95
CA GLY D 245 -0.21 -11.15 28.54
C GLY D 245 -0.90 -10.55 29.75
N GLU D 246 -0.97 -11.33 30.82
CA GLU D 246 -1.58 -10.87 32.06
C GLU D 246 -0.79 -9.66 32.55
N LEU D 247 0.49 -9.88 32.81
CA LEU D 247 1.38 -8.84 33.32
C LEU D 247 1.41 -7.61 32.45
N ALA D 248 1.23 -7.78 31.15
CA ALA D 248 1.25 -6.64 30.25
C ALA D 248 -0.01 -5.79 30.41
N ILE D 249 -1.05 -6.40 30.97
CA ILE D 249 -2.36 -5.78 31.22
C ILE D 249 -2.52 -5.21 32.65
N ASN D 250 -1.79 -5.76 33.62
CA ASN D 250 -1.80 -5.32 35.02
C ASN D 250 -0.38 -5.39 35.58
N GLY D 251 -0.04 -4.52 36.52
CA GLY D 251 1.32 -4.57 37.05
C GLY D 251 2.25 -3.88 36.06
N PRO D 253 1.51 -0.74 33.62
CA PRO D 253 1.35 0.27 32.55
C PRO D 253 1.35 -0.51 31.24
N MET D 254 0.17 -0.73 30.68
CA MET D 254 0.07 -1.54 29.48
C MET D 254 0.97 -1.18 28.32
N LYS D 255 1.31 -2.20 27.56
CA LYS D 255 2.11 -2.07 26.37
C LYS D 255 1.58 -3.17 25.51
N THR D 256 1.74 -3.01 24.20
CA THR D 256 1.32 -4.02 23.26
C THR D 256 2.19 -5.24 23.57
N VAL D 257 1.65 -6.43 23.34
CA VAL D 257 2.39 -7.64 23.57
C VAL D 257 2.15 -8.53 22.37
N ALA D 258 3.22 -9.03 21.75
CA ALA D 258 3.10 -9.94 20.60
C ALA D 258 3.50 -11.32 21.13
N LEU D 259 2.61 -12.28 20.93
CA LEU D 259 2.86 -13.63 21.41
C LEU D 259 3.00 -14.63 20.27
N GLU D 260 4.14 -15.32 20.25
CA GLU D 260 4.42 -16.33 19.25
C GLU D 260 4.34 -17.65 20.00
N LEU D 261 3.16 -18.26 19.96
CA LEU D 261 2.95 -19.52 20.66
C LEU D 261 2.70 -20.62 19.63
N GLY D 262 3.69 -21.48 19.46
CA GLY D 262 3.57 -22.57 18.52
C GLY D 262 2.88 -23.71 19.23
N GLY D 263 1.55 -23.69 19.24
CA GLY D 263 0.79 -24.72 19.93
C GLY D 263 0.90 -26.09 19.29
N ASN D 264 -0.23 -26.59 18.81
CA ASN D 264 -0.26 -27.90 18.19
C ASN D 264 -0.64 -27.69 16.73
N ALA D 265 0.37 -27.60 15.87
CA ALA D 265 0.16 -27.37 14.44
C ALA D 265 -0.18 -28.64 13.68
N PRO D 266 -1.23 -28.58 12.84
CA PRO D 266 -1.65 -29.74 12.06
C PRO D 266 -1.02 -29.92 10.69
N PHE D 267 -0.89 -31.18 10.28
CA PHE D 267 -0.34 -31.59 8.99
C PHE D 267 -1.47 -32.38 8.30
N VAL D 268 -2.25 -31.70 7.46
CA VAL D 268 -3.41 -32.29 6.78
C VAL D 268 -3.19 -33.03 5.46
N VAL D 269 -3.48 -34.33 5.46
CA VAL D 269 -3.31 -35.15 4.26
C VAL D 269 -4.70 -35.45 3.71
N LEU D 270 -4.99 -34.97 2.51
CA LEU D 270 -6.29 -35.20 1.90
C LEU D 270 -6.24 -36.43 1.00
N ALA D 271 -7.42 -36.96 0.68
CA ALA D 271 -7.54 -38.17 -0.15
C ALA D 271 -6.71 -38.24 -1.44
N ASP D 272 -6.59 -37.10 -2.14
CA ASP D 272 -5.86 -37.03 -3.39
C ASP D 272 -4.45 -36.46 -3.21
N ALA D 273 -3.81 -36.83 -2.11
CA ALA D 273 -2.46 -36.35 -1.81
C ALA D 273 -1.40 -37.37 -2.15
N ASP D 274 -0.23 -36.89 -2.59
CA ASP D 274 0.88 -37.78 -2.91
C ASP D 274 1.32 -38.34 -1.57
N ILE D 275 0.77 -39.48 -1.19
CA ILE D 275 1.05 -40.11 0.10
C ILE D 275 2.53 -40.31 0.43
N ASP D 276 3.33 -40.69 -0.55
CA ASP D 276 4.76 -40.90 -0.31
C ASP D 276 5.51 -39.61 -0.01
N ALA D 277 5.14 -38.55 -0.72
CA ALA D 277 5.74 -37.24 -0.55
C ALA D 277 5.34 -36.74 0.83
N ALA D 278 4.03 -36.71 1.04
CA ALA D 278 3.43 -36.26 2.27
C ALA D 278 4.05 -36.98 3.46
N ALA D 279 4.22 -38.30 3.33
CA ALA D 279 4.79 -39.11 4.40
C ALA D 279 6.21 -38.67 4.73
N GLN D 280 7.01 -38.43 3.69
CA GLN D 280 8.40 -38.01 3.88
C GLN D 280 8.42 -36.61 4.47
N ALA D 281 7.49 -35.79 4.01
CA ALA D 281 7.36 -34.41 4.47
C ALA D 281 7.00 -34.37 5.96
N ALA D 282 5.99 -35.16 6.33
CA ALA D 282 5.55 -35.22 7.72
C ALA D 282 6.69 -35.63 8.64
N ALA D 283 7.53 -36.54 8.15
CA ALA D 283 8.69 -37.01 8.90
C ALA D 283 9.63 -35.83 9.15
N VAL D 284 9.90 -35.07 8.09
CA VAL D 284 10.76 -33.90 8.16
C VAL D 284 10.23 -32.86 9.13
N GLY D 285 8.98 -32.47 8.94
CA GLY D 285 8.38 -31.47 9.80
C GLY D 285 8.21 -31.86 11.27
N ALA D 286 7.91 -33.13 11.51
CA ALA D 286 7.68 -33.63 12.86
C ALA D 286 8.92 -33.91 13.70
N PHE D 287 10.06 -34.15 13.07
CA PHE D 287 11.27 -34.51 13.83
C PHE D 287 12.55 -33.74 13.54
N LEU D 288 12.77 -33.41 12.28
CA LEU D 288 13.96 -32.70 11.87
C LEU D 288 13.81 -31.18 12.02
N HIS D 289 12.59 -30.73 12.33
CA HIS D 289 12.28 -29.30 12.47
C HIS D 289 11.56 -28.99 13.78
N GLN D 290 11.58 -29.91 14.73
CA GLN D 290 10.87 -29.67 15.99
C GLN D 290 11.55 -28.56 16.78
N GLY D 291 10.74 -27.71 17.40
CA GLY D 291 11.28 -26.58 18.14
C GLY D 291 11.09 -25.29 17.34
N GLN D 292 11.15 -25.41 16.01
CA GLN D 292 10.98 -24.27 15.11
C GLN D 292 9.49 -24.15 14.89
N ILE D 293 8.86 -23.29 15.66
CA ILE D 293 7.42 -23.14 15.60
C ILE D 293 6.77 -22.55 14.34
N CYS D 294 7.47 -22.55 13.21
CA CYS D 294 6.89 -22.05 11.94
C CYS D 294 6.99 -23.18 10.89
N MET D 295 7.78 -24.21 11.18
CA MET D 295 7.93 -25.33 10.26
C MET D 295 7.57 -26.70 10.86
N SER D 296 7.50 -26.78 12.18
CA SER D 296 7.15 -28.02 12.85
C SER D 296 5.66 -28.32 12.85
N ILE D 297 5.32 -29.59 13.02
CA ILE D 297 3.95 -30.04 13.08
C ILE D 297 3.90 -31.04 14.22
N ASN D 298 2.77 -31.13 14.91
CA ASN D 298 2.68 -32.07 16.01
C ASN D 298 1.54 -33.07 15.93
N ARG D 299 0.81 -33.02 14.82
CA ARG D 299 -0.26 -33.97 14.61
C ARG D 299 -0.60 -34.06 13.14
N VAL D 300 -0.99 -35.25 12.72
CA VAL D 300 -1.34 -35.51 11.34
C VAL D 300 -2.82 -35.87 11.23
N ILE D 301 -3.46 -35.33 10.20
CA ILE D 301 -4.86 -35.56 9.97
C ILE D 301 -4.97 -36.09 8.54
N VAL D 302 -5.28 -37.38 8.43
CA VAL D 302 -5.37 -38.06 7.14
C VAL D 302 -6.79 -38.51 6.79
N ASP D 303 -7.11 -38.45 5.51
CA ASP D 303 -8.42 -38.89 5.05
C ASP D 303 -8.47 -40.42 5.18
N ALA D 304 -9.59 -40.92 5.68
CA ALA D 304 -9.81 -42.35 5.90
C ALA D 304 -9.35 -43.20 4.72
N ALA D 305 -9.79 -42.83 3.53
CA ALA D 305 -9.47 -43.54 2.29
C ALA D 305 -7.98 -43.77 2.04
N VAL D 306 -7.12 -43.12 2.81
CA VAL D 306 -5.68 -43.27 2.62
C VAL D 306 -4.94 -43.31 3.94
N HIS D 307 -5.70 -43.38 5.03
CA HIS D 307 -5.15 -43.42 6.38
C HIS D 307 -4.15 -44.56 6.61
N ASP D 308 -4.53 -45.78 6.22
CA ASP D 308 -3.64 -46.93 6.41
C ASP D 308 -2.39 -46.85 5.52
N GLU D 309 -2.55 -46.43 4.27
CA GLU D 309 -1.41 -46.30 3.38
C GLU D 309 -0.41 -45.29 3.94
N PHE D 310 -0.95 -44.13 4.34
CA PHE D 310 -0.12 -43.07 4.91
C PHE D 310 0.58 -43.53 6.19
N LEU D 311 -0.20 -44.04 7.14
CA LEU D 311 0.33 -44.52 8.42
C LEU D 311 1.51 -45.47 8.25
N GLU D 312 1.33 -46.50 7.43
CA GLU D 312 2.40 -47.47 7.24
C GLU D 312 3.62 -46.82 6.61
N LYS D 313 3.38 -46.04 5.55
CA LYS D 313 4.46 -45.37 4.85
C LYS D 313 5.17 -44.38 5.78
N PHE D 314 4.39 -43.78 6.68
CA PHE D 314 4.92 -42.81 7.62
C PHE D 314 5.70 -43.48 8.76
N VAL D 315 5.13 -44.53 9.33
CA VAL D 315 5.78 -45.26 10.41
C VAL D 315 7.14 -45.77 9.93
N GLU D 316 7.15 -46.22 8.68
CA GLU D 316 8.39 -46.71 8.09
C GLU D 316 9.41 -45.58 8.18
N ALA D 317 9.09 -44.49 7.50
CA ALA D 317 9.94 -43.29 7.45
C ALA D 317 10.51 -42.80 8.77
N VAL D 318 9.68 -42.72 9.82
CA VAL D 318 10.17 -42.22 11.11
C VAL D 318 10.98 -43.24 11.90
N LYS D 319 10.93 -44.50 11.46
CA LYS D 319 11.68 -45.56 12.12
C LYS D 319 13.13 -45.50 11.63
N ASN D 320 13.36 -44.71 10.60
CA ASN D 320 14.70 -44.56 10.03
C ASN D 320 15.30 -43.18 10.35
N ILE D 321 15.10 -42.72 11.58
CA ILE D 321 15.64 -41.43 11.97
C ILE D 321 16.65 -41.61 13.09
N PRO D 322 17.91 -41.33 12.80
CA PRO D 322 18.96 -41.48 13.82
C PRO D 322 18.83 -40.59 15.04
N THR D 323 18.56 -41.23 16.17
CA THR D 323 18.46 -40.53 17.45
C THR D 323 19.88 -40.69 18.03
N GLY D 324 20.21 -39.94 19.07
CA GLY D 324 21.54 -40.07 19.66
C GLY D 324 22.32 -38.76 19.78
N ASP D 325 23.61 -38.88 20.12
CA ASP D 325 24.52 -37.74 20.29
C ASP D 325 24.39 -36.67 19.21
N PRO D 326 24.09 -35.41 19.59
CA PRO D 326 23.94 -34.30 18.64
C PRO D 326 25.18 -33.84 17.88
N SER D 327 26.37 -34.16 18.40
CA SER D 327 27.61 -33.79 17.78
C SER D 327 27.80 -34.53 16.45
N ALA D 328 27.32 -35.78 16.41
CA ALA D 328 27.44 -36.59 15.20
C ALA D 328 26.72 -35.94 14.02
N GLU D 329 27.31 -36.00 12.83
CA GLU D 329 26.74 -35.38 11.65
C GLU D 329 25.46 -36.04 11.10
N GLY D 330 25.27 -37.33 11.42
CA GLY D 330 24.10 -38.03 10.92
C GLY D 330 22.83 -37.84 11.75
N THR D 331 23.03 -37.70 13.07
CA THR D 331 21.94 -37.49 14.02
C THR D 331 20.87 -36.49 13.56
N LEU D 332 19.64 -36.73 13.97
CA LEU D 332 18.53 -35.87 13.61
C LEU D 332 17.62 -35.59 14.81
N VAL D 333 17.83 -36.32 15.90
CA VAL D 333 17.05 -36.12 17.12
C VAL D 333 18.02 -36.02 18.29
N GLY D 334 18.08 -34.85 18.92
CA GLY D 334 18.98 -34.67 20.02
C GLY D 334 18.30 -34.75 21.37
N PRO D 335 19.02 -34.43 22.46
CA PRO D 335 18.39 -34.50 23.77
C PRO D 335 17.34 -33.40 23.94
N VAL D 336 16.57 -33.54 25.02
CA VAL D 336 15.52 -32.60 25.43
C VAL D 336 16.26 -31.62 26.34
N ILE D 337 15.91 -30.34 26.29
CA ILE D 337 16.61 -29.31 27.06
C ILE D 337 16.88 -29.50 28.57
N ASN D 338 15.94 -30.04 29.34
CA ASN D 338 16.17 -30.24 30.78
C ASN D 338 15.24 -31.30 31.39
N ASP D 339 15.53 -31.73 32.61
CA ASP D 339 14.74 -32.77 33.30
C ASP D 339 13.24 -32.51 33.38
N SER D 340 12.88 -31.26 33.68
CA SER D 340 11.48 -30.87 33.77
C SER D 340 10.71 -31.12 32.48
N GLN D 341 11.32 -30.74 31.36
CA GLN D 341 10.73 -30.91 30.03
C GLN D 341 10.66 -32.38 29.70
N LEU D 342 11.59 -33.14 30.29
CA LEU D 342 11.69 -34.60 30.07
C LEU D 342 10.47 -35.29 30.72
N SER D 343 10.16 -34.80 31.93
CA SER D 343 9.02 -35.22 32.75
C SER D 343 7.71 -34.97 31.97
N GLY D 344 7.55 -33.77 31.41
CA GLY D 344 6.33 -33.51 30.66
C GLY D 344 6.15 -34.46 29.49
N LEU D 345 7.24 -34.74 28.79
CA LEU D 345 7.20 -35.64 27.64
C LEU D 345 6.86 -37.05 28.12
N LYS D 346 7.49 -37.47 29.21
CA LYS D 346 7.25 -38.78 29.80
C LYS D 346 5.76 -38.91 30.12
N GLU D 347 5.25 -38.00 30.94
CA GLU D 347 3.84 -38.03 31.33
C GLU D 347 2.85 -37.82 30.20
N LYS D 348 3.25 -37.15 29.13
CA LYS D 348 2.32 -36.97 28.00
C LYS D 348 2.09 -38.30 27.30
N ILE D 349 3.15 -39.11 27.23
CA ILE D 349 3.08 -40.43 26.60
C ILE D 349 2.15 -41.35 27.39
N GLU D 350 2.37 -41.42 28.70
CA GLU D 350 1.56 -42.26 29.58
C GLU D 350 0.11 -41.91 29.40
N LEU D 351 -0.17 -40.61 29.48
CA LEU D 351 -1.54 -40.12 29.33
C LEU D 351 -2.15 -40.45 27.97
N ALA D 352 -1.37 -40.37 26.91
CA ALA D 352 -1.92 -40.69 25.59
C ALA D 352 -2.45 -42.12 25.63
N LYS D 353 -1.73 -43.02 26.30
CA LYS D 353 -2.13 -44.41 26.42
C LYS D 353 -3.43 -44.52 27.22
N LYS D 354 -3.45 -43.91 28.40
CA LYS D 354 -4.60 -43.95 29.26
C LYS D 354 -5.85 -43.36 28.60
N GLU D 355 -5.66 -42.53 27.59
CA GLU D 355 -6.79 -41.90 26.90
C GLU D 355 -7.33 -42.74 25.75
N GLY D 356 -6.60 -43.80 25.43
CA GLY D 356 -7.03 -44.68 24.36
C GLY D 356 -6.22 -44.64 23.10
N ALA D 357 -5.06 -43.98 23.13
CA ALA D 357 -4.21 -43.90 21.95
C ALA D 357 -3.42 -45.20 21.75
N THR D 358 -3.09 -45.48 20.49
CA THR D 358 -2.34 -46.70 20.15
C THR D 358 -0.93 -46.33 19.72
N VAL D 359 0.06 -47.01 20.31
CA VAL D 359 1.48 -46.79 20.00
C VAL D 359 1.82 -47.35 18.62
N GLN D 360 2.39 -46.51 17.77
CA GLN D 360 2.78 -46.92 16.42
C GLN D 360 4.28 -46.93 16.26
N VAL D 361 4.94 -46.07 17.03
CA VAL D 361 6.39 -45.94 17.01
C VAL D 361 6.83 -45.50 18.39
N GLU D 362 7.74 -46.23 18.99
CA GLU D 362 8.26 -45.86 20.29
C GLU D 362 9.69 -46.31 20.34
N GLY D 363 10.39 -45.87 21.37
CA GLY D 363 11.79 -46.22 21.50
C GLY D 363 12.16 -45.91 22.93
N PRO D 364 13.38 -46.26 23.36
CA PRO D 364 13.79 -46.00 24.74
C PRO D 364 14.23 -44.56 24.98
N ILE D 365 14.03 -44.08 26.20
CA ILE D 365 14.45 -42.75 26.53
C ILE D 365 15.51 -42.80 27.65
N GLU D 366 16.76 -42.64 27.24
CA GLU D 366 17.90 -42.65 28.14
C GLU D 366 18.48 -41.24 28.23
N GLY D 367 18.69 -40.78 29.47
CA GLY D 367 19.20 -39.44 29.67
C GLY D 367 18.05 -38.52 29.31
N ARG D 368 18.32 -37.53 28.46
CA ARG D 368 17.28 -36.60 28.03
C ARG D 368 17.03 -36.89 26.57
N LEU D 369 17.54 -38.03 26.13
CA LEU D 369 17.40 -38.49 24.76
C LEU D 369 16.09 -39.24 24.56
N VAL D 370 15.05 -38.51 24.15
CA VAL D 370 13.75 -39.10 23.89
C VAL D 370 13.63 -39.57 22.44
N HIS D 371 13.45 -40.86 22.25
CA HIS D 371 13.31 -41.42 20.91
C HIS D 371 11.96 -40.99 20.34
N PRO D 372 11.83 -40.97 19.01
CA PRO D 372 10.55 -40.56 18.44
C PRO D 372 9.40 -41.50 18.79
N HIS D 373 8.23 -40.90 19.03
CA HIS D 373 7.03 -41.63 19.35
C HIS D 373 5.90 -41.21 18.44
N VAL D 374 5.12 -42.19 17.98
CA VAL D 374 4.00 -41.94 17.10
C VAL D 374 2.80 -42.69 17.63
N PHE D 375 1.67 -42.01 17.74
CA PHE D 375 0.44 -42.59 18.21
C PHE D 375 -0.58 -42.51 17.08
N SER D 376 -1.49 -43.47 17.03
CA SER D 376 -2.56 -43.48 16.03
C SER D 376 -3.86 -43.63 16.81
N ASP D 377 -4.99 -43.59 16.11
CA ASP D 377 -6.30 -43.67 16.76
C ASP D 377 -6.40 -42.62 17.86
N VAL D 378 -6.21 -41.36 17.48
CA VAL D 378 -6.28 -40.25 18.41
C VAL D 378 -7.54 -39.46 18.04
N THR D 379 -8.13 -38.77 19.02
CA THR D 379 -9.31 -37.96 18.76
C THR D 379 -9.00 -36.56 19.22
N SER D 380 -9.64 -35.57 18.58
CA SER D 380 -9.42 -34.17 18.86
C SER D 380 -9.56 -33.75 20.33
N ASP D 381 -10.28 -34.55 21.11
CA ASP D 381 -10.49 -34.24 22.52
C ASP D 381 -9.33 -34.74 23.39
N MET D 382 -8.46 -35.55 22.78
CA MET D 382 -7.30 -36.05 23.51
C MET D 382 -6.29 -34.92 23.66
N GLU D 383 -5.58 -34.89 24.79
CA GLU D 383 -4.64 -33.81 25.00
C GLU D 383 -3.33 -33.93 24.20
N ILE D 384 -3.03 -35.14 23.72
CA ILE D 384 -1.80 -35.33 22.94
C ILE D 384 -1.90 -34.56 21.62
N ALA D 385 -3.13 -34.20 21.27
CA ALA D 385 -3.38 -33.48 20.02
C ALA D 385 -3.98 -32.09 20.23
N ARG D 386 -4.25 -31.73 21.48
CA ARG D 386 -4.88 -30.45 21.73
C ARG D 386 -4.06 -29.53 22.65
N GLU D 387 -2.88 -29.98 23.03
CA GLU D 387 -2.00 -29.23 23.92
C GLU D 387 -0.60 -29.13 23.29
N GLU D 388 0.15 -28.08 23.65
CA GLU D 388 1.51 -27.89 23.13
C GLU D 388 2.33 -29.15 23.47
N ILE D 389 3.22 -29.54 22.57
CA ILE D 389 4.01 -30.74 22.84
C ILE D 389 5.49 -30.53 23.23
N PHE D 390 6.26 -29.83 22.40
CA PHE D 390 7.70 -29.59 22.68
C PHE D 390 8.48 -30.87 22.91
N GLY D 391 8.54 -31.71 21.87
CA GLY D 391 9.25 -32.99 21.94
C GLY D 391 8.89 -33.86 20.75
N PRO D 392 9.65 -34.94 20.48
CA PRO D 392 9.34 -35.80 19.35
C PRO D 392 8.18 -36.79 19.58
N LEU D 393 6.97 -36.24 19.65
CA LEU D 393 5.74 -37.01 19.89
C LEU D 393 4.68 -36.67 18.85
N ILE D 394 4.20 -37.68 18.14
CA ILE D 394 3.22 -37.46 17.09
C ILE D 394 1.88 -38.15 17.29
N SER D 395 0.85 -37.54 16.75
CA SER D 395 -0.50 -38.07 16.80
C SER D 395 -0.97 -38.17 15.38
N VAL D 396 -1.81 -39.15 15.10
CA VAL D 396 -2.36 -39.33 13.78
C VAL D 396 -3.84 -39.50 14.00
N LEU D 397 -4.63 -38.58 13.44
CA LEU D 397 -6.07 -38.65 13.57
C LEU D 397 -6.66 -38.94 12.21
N LYS D 398 -7.67 -39.79 12.20
CA LYS D 398 -8.35 -40.15 10.96
C LYS D 398 -9.46 -39.17 10.69
N ALA D 399 -9.57 -38.78 9.43
CA ALA D 399 -10.59 -37.85 8.99
C ALA D 399 -11.47 -38.65 8.04
N ASP D 400 -12.69 -38.96 8.48
CA ASP D 400 -13.58 -39.75 7.64
C ASP D 400 -14.19 -38.91 6.52
N ASP D 401 -14.06 -37.60 6.69
CA ASP D 401 -14.63 -36.66 5.74
C ASP D 401 -13.74 -35.46 5.46
N GLU D 402 -13.94 -34.86 4.30
CA GLU D 402 -13.19 -33.69 3.86
C GLU D 402 -13.40 -32.57 4.86
N ALA D 403 -14.66 -32.19 5.04
CA ALA D 403 -15.02 -31.13 5.97
C ALA D 403 -14.65 -31.52 7.38
N HIS D 404 -14.55 -32.83 7.62
CA HIS D 404 -14.19 -33.35 8.93
C HIS D 404 -12.75 -32.93 9.20
N ALA D 405 -11.88 -33.10 8.21
CA ALA D 405 -10.46 -32.72 8.34
C ALA D 405 -10.38 -31.27 8.79
N ALA D 406 -11.25 -30.44 8.20
CA ALA D 406 -11.33 -29.02 8.54
C ALA D 406 -11.61 -28.84 10.03
N GLU D 407 -12.50 -29.65 10.58
CA GLU D 407 -12.84 -29.55 12.00
C GLU D 407 -11.66 -29.85 12.91
N LEU D 408 -10.99 -30.97 12.66
CA LEU D 408 -9.84 -31.39 13.48
C LEU D 408 -8.67 -30.41 13.39
N ALA D 409 -8.53 -29.75 12.25
CA ALA D 409 -7.46 -28.78 12.03
C ALA D 409 -7.61 -27.53 12.90
N ASN D 410 -8.86 -27.20 13.20
CA ASN D 410 -9.21 -26.03 14.01
C ASN D 410 -9.55 -26.41 15.44
N ALA D 411 -9.30 -27.69 15.75
CA ALA D 411 -9.56 -28.28 17.07
C ALA D 411 -8.57 -27.82 18.16
N SER D 412 -7.39 -27.38 17.78
CA SER D 412 -6.46 -26.92 18.81
C SER D 412 -6.44 -25.40 18.95
N ASP D 413 -5.90 -24.97 20.07
CA ASP D 413 -5.84 -23.56 20.40
C ASP D 413 -4.92 -22.73 19.56
N PHE D 414 -3.63 -22.83 19.82
CA PHE D 414 -2.64 -22.07 19.09
C PHE D 414 -2.16 -22.69 17.78
N GLY D 415 -1.61 -21.82 16.92
CA GLY D 415 -1.10 -22.22 15.64
C GLY D 415 -0.62 -21.13 14.71
N LEU D 416 0.70 -21.16 14.49
CA LEU D 416 1.42 -20.24 13.62
C LEU D 416 1.19 -20.70 12.17
N SER D 417 1.51 -21.96 11.90
CA SER D 417 1.34 -22.53 10.57
C SER D 417 0.62 -23.88 10.56
N ALA D 418 0.30 -24.35 9.36
CA ALA D 418 -0.36 -25.63 9.17
C ALA D 418 0.04 -26.01 7.78
N ALA D 419 -0.17 -27.26 7.40
CA ALA D 419 0.19 -27.69 6.06
C ALA D 419 -0.88 -28.63 5.54
N VAL D 420 -1.11 -28.63 4.22
CA VAL D 420 -2.09 -29.54 3.64
C VAL D 420 -1.46 -30.20 2.42
N TRP D 421 -1.88 -31.43 2.13
CA TRP D 421 -1.38 -32.16 0.99
C TRP D 421 -2.56 -32.61 0.18
N SER D 422 -2.52 -32.24 -1.09
CA SER D 422 -3.58 -32.54 -2.04
C SER D 422 -2.98 -32.22 -3.39
N LYS D 423 -3.20 -33.08 -4.38
CA LYS D 423 -2.66 -32.87 -5.71
C LYS D 423 -3.47 -31.81 -6.44
N ASP D 424 -4.74 -31.68 -6.06
CA ASP D 424 -5.62 -30.68 -6.66
C ASP D 424 -5.25 -29.33 -6.06
N ILE D 425 -4.25 -28.70 -6.65
CA ILE D 425 -3.73 -27.42 -6.22
C ILE D 425 -4.80 -26.39 -5.91
N ASP D 426 -5.80 -26.24 -6.78
CA ASP D 426 -6.83 -25.23 -6.52
C ASP D 426 -7.77 -25.56 -5.39
N ARG D 427 -8.25 -26.79 -5.33
CA ARG D 427 -9.17 -27.18 -4.26
C ARG D 427 -8.45 -27.15 -2.89
N ALA D 428 -7.13 -27.34 -2.91
CA ALA D 428 -6.34 -27.33 -1.69
C ALA D 428 -6.23 -25.91 -1.14
N ALA D 429 -6.10 -24.95 -2.04
CA ALA D 429 -5.99 -23.54 -1.67
C ALA D 429 -7.30 -23.09 -1.01
N GLN D 430 -8.42 -23.57 -1.54
CA GLN D 430 -9.73 -23.22 -0.98
C GLN D 430 -9.83 -23.85 0.39
N PHE D 431 -9.37 -25.09 0.49
CA PHE D 431 -9.40 -25.84 1.75
C PHE D 431 -8.58 -25.09 2.80
N ALA D 432 -7.37 -24.69 2.43
CA ALA D 432 -6.47 -23.96 3.34
C ALA D 432 -7.15 -22.75 3.94
N LEU D 433 -7.98 -22.07 3.15
CA LEU D 433 -8.68 -20.87 3.62
C LEU D 433 -9.65 -21.22 4.75
N GLN D 434 -10.06 -22.49 4.79
CA GLN D 434 -10.98 -22.99 5.79
C GLN D 434 -10.27 -23.29 7.13
N ILE D 435 -8.96 -23.08 7.17
CA ILE D 435 -8.16 -23.33 8.38
C ILE D 435 -7.84 -22.01 9.05
N ASP D 436 -8.10 -21.89 10.36
CA ASP D 436 -7.81 -20.66 11.07
C ASP D 436 -6.35 -20.60 11.53
N SER D 437 -5.47 -20.29 10.58
CA SER D 437 -4.06 -20.22 10.87
C SER D 437 -3.49 -19.11 10.00
N GLY D 438 -2.62 -18.29 10.56
CA GLY D 438 -2.03 -17.22 9.78
C GLY D 438 -1.25 -17.73 8.58
N MET D 439 -0.63 -18.91 8.74
CA MET D 439 0.17 -19.51 7.68
C MET D 439 -0.26 -20.94 7.35
N VAL D 440 -0.46 -21.21 6.07
CA VAL D 440 -0.82 -22.54 5.61
C VAL D 440 -0.07 -22.84 4.33
N HIS D 441 0.72 -23.91 4.35
CA HIS D 441 1.52 -24.31 3.20
C HIS D 441 1.02 -25.57 2.52
N ILE D 442 0.85 -25.48 1.21
CA ILE D 442 0.39 -26.62 0.43
C ILE D 442 1.54 -27.33 -0.29
N ASN D 443 1.60 -28.64 -0.09
CA ASN D 443 2.59 -29.53 -0.70
C ASN D 443 4.08 -29.20 -0.60
N ASP D 444 4.60 -28.86 0.57
CA ASP D 444 6.04 -28.61 0.68
C ASP D 444 6.69 -29.00 1.99
N ARG D 465 10.06 -19.16 6.17
CA ARG D 465 8.69 -18.76 6.44
C ARG D 465 8.62 -17.55 7.37
N PHE D 466 9.08 -16.42 6.85
CA PHE D 466 9.14 -15.16 7.56
C PHE D 466 8.46 -14.09 6.70
N ASN D 467 7.53 -13.35 7.29
CA ASN D 467 6.81 -12.31 6.56
C ASN D 467 7.32 -10.92 6.92
N GLY D 468 8.06 -10.33 5.99
CA GLY D 468 8.62 -9.01 6.20
C GLY D 468 7.59 -7.94 6.54
N ASP D 469 6.57 -7.83 5.71
CA ASP D 469 5.50 -6.85 5.92
C ASP D 469 4.87 -6.97 7.31
N TRP D 470 4.60 -8.20 7.72
CA TRP D 470 4.01 -8.44 9.03
C TRP D 470 4.95 -7.94 10.13
N ALA D 471 6.24 -8.04 9.88
CA ALA D 471 7.23 -7.62 10.87
C ALA D 471 7.36 -6.10 10.94
N ILE D 472 7.14 -5.42 9.83
CA ILE D 472 7.25 -3.97 9.83
C ILE D 472 6.07 -3.39 10.61
N GLU D 473 4.87 -3.89 10.33
CA GLU D 473 3.66 -3.45 10.98
C GLU D 473 3.75 -3.70 12.48
N GLU D 474 4.28 -4.84 12.86
CA GLU D 474 4.39 -5.18 14.27
C GLU D 474 5.42 -4.39 15.07
N PHE D 475 6.47 -3.91 14.41
CA PHE D 475 7.53 -3.20 15.10
C PHE D 475 7.57 -1.69 14.91
N THR D 476 6.52 -1.17 14.29
CA THR D 476 6.40 0.25 14.08
C THR D 476 5.05 0.66 14.66
N THR D 477 4.85 1.97 14.78
CA THR D 477 3.61 2.49 15.33
C THR D 477 3.22 3.67 14.45
N ASP D 478 1.94 3.79 14.15
CA ASP D 478 1.47 4.87 13.31
C ASP D 478 0.93 6.07 14.10
N ARG D 479 1.37 7.26 13.72
CA ARG D 479 0.96 8.49 14.39
C ARG D 479 0.20 9.40 13.44
N TRP D 480 -1.11 9.49 13.61
CA TRP D 480 -1.93 10.36 12.78
C TRP D 480 -1.83 11.77 13.35
N ILE D 481 -1.48 12.73 12.51
CA ILE D 481 -1.37 14.12 12.91
C ILE D 481 -2.14 15.01 11.94
N GLY D 482 -3.29 15.50 12.39
CA GLY D 482 -4.12 16.38 11.59
C GLY D 482 -3.69 17.81 11.85
N ILE D 483 -3.62 18.64 10.82
CA ILE D 483 -3.21 20.05 10.95
C ILE D 483 -4.18 20.98 10.22
N LYS D 484 -4.50 22.13 10.80
CA LYS D 484 -5.36 23.12 10.16
C LYS D 484 -4.60 24.44 9.98
#